data_8ZB3
#
_entry.id   8ZB3
#
_cell.length_a   54.009
_cell.length_b   133.549
_cell.length_c   118.730
_cell.angle_alpha   90.00
_cell.angle_beta   95.22
_cell.angle_gamma   90.00
#
_symmetry.space_group_name_H-M   'P 1 21 1'
#
loop_
_entity.id
_entity.type
_entity.pdbx_description
1 polymer 'NAD(+) diphosphatase'
2 non-polymer 'CALCIUM ION'
3 non-polymer IMIDAZOLE
4 water water
#
_entity_poly.entity_id   1
_entity_poly.type   'polypeptide(L)'
_entity_poly.pdbx_seq_one_letter_code
;MTFRLRNIPLLSRVGLDRADELRSNPEELAKGWAEAGLITLDVRGRVNIVDGQVVIEDAARIGDQPPEHAVFLGRIPGGR
HVWAVRADLDEDSAPLLDLRRSGQLFDDTSAALLATAMAMLAWHDNAGYSPVDGSPTIPAKGGWVRVNSATGQEEFPRTD
PAIICLVHDGGDRAVLGRQKFWPERMFSLLAGFVEAGESLEACVAREVAEEVGLTVTDVQYLGSQPWPFPRSIMLGFHAI
GDPSQPFAFNDGEIAEADWFTRAEVRSALEAGDWTTASDSRLMLPGSISIAREIVESWAYAGEEPPAGRPLEHHHHHH
;
_entity_poly.pdbx_strand_id   A,B,C,D,E,F
#
# COMPACT_ATOMS: atom_id res chain seq x y z
N THR A 2 3.44 28.97 33.26
CA THR A 2 4.50 28.63 32.27
C THR A 2 5.87 28.79 32.92
N PHE A 3 6.88 28.49 32.11
CA PHE A 3 8.26 28.24 32.50
C PHE A 3 9.07 27.93 31.24
N ARG A 4 10.40 28.08 31.30
CA ARG A 4 11.28 27.73 30.20
C ARG A 4 12.19 26.61 30.71
N LEU A 5 12.88 25.92 29.80
CA LEU A 5 13.87 24.95 30.23
C LEU A 5 15.03 25.68 30.89
N ARG A 6 15.57 25.11 31.98
CA ARG A 6 16.73 25.67 32.65
C ARG A 6 17.98 25.38 31.80
N ASN A 7 18.08 24.15 31.29
CA ASN A 7 19.25 23.71 30.55
C ASN A 7 18.87 23.36 29.12
N ILE A 8 19.82 23.59 28.24
CA ILE A 8 19.77 23.04 26.90
C ILE A 8 19.83 21.52 27.05
N PRO A 9 18.93 20.75 26.40
CA PRO A 9 18.95 19.30 26.56
C PRO A 9 20.29 18.69 26.12
N LEU A 10 20.66 17.59 26.74
CA LEU A 10 21.82 16.84 26.27
C LEU A 10 21.56 16.41 24.82
N LEU A 11 22.61 16.46 24.03
CA LEU A 11 22.61 16.16 22.60
C LEU A 11 22.18 17.37 21.78
N SER A 12 21.75 18.46 22.43
CA SER A 12 21.34 19.67 21.76
C SER A 12 22.40 20.77 21.95
N ARG A 13 23.46 20.50 22.72
CA ARG A 13 24.30 21.56 23.25
C ARG A 13 25.15 22.23 22.19
N VAL A 14 25.85 21.46 21.36
CA VAL A 14 26.74 22.00 20.33
C VAL A 14 26.16 21.59 18.99
N GLY A 15 26.37 22.45 17.98
CA GLY A 15 26.14 22.14 16.58
C GLY A 15 27.44 21.92 15.81
N LEU A 16 27.67 20.68 15.40
CA LEU A 16 28.79 20.25 14.58
C LEU A 16 29.08 21.19 13.42
N ASP A 17 30.35 21.29 13.02
CA ASP A 17 30.69 21.79 11.70
C ASP A 17 30.53 20.66 10.68
N ARG A 18 29.36 20.64 10.01
CA ARG A 18 29.05 19.50 9.17
C ARG A 18 29.71 19.62 7.80
N ALA A 19 30.17 20.83 7.44
CA ALA A 19 30.86 21.07 6.18
C ALA A 19 30.02 20.52 5.01
N ASP A 20 28.78 20.99 4.92
CA ASP A 20 27.79 20.42 4.00
C ASP A 20 28.32 20.48 2.58
N GLU A 21 29.01 21.55 2.20
CA GLU A 21 29.42 21.73 0.81
C GLU A 21 30.40 20.64 0.38
N LEU A 22 31.13 20.03 1.33
CA LEU A 22 32.06 18.97 0.96
C LEU A 22 31.37 17.65 0.64
N ARG A 23 30.13 17.47 1.10
CA ARG A 23 29.40 16.24 0.83
C ARG A 23 29.23 16.01 -0.66
N SER A 24 29.00 17.10 -1.41
CA SER A 24 28.79 17.06 -2.84
C SER A 24 30.08 17.29 -3.63
N ASN A 25 31.24 17.21 -2.96
CA ASN A 25 32.52 17.41 -3.61
C ASN A 25 33.37 16.15 -3.47
N PRO A 26 33.13 15.11 -4.32
CA PRO A 26 33.76 13.80 -4.12
C PRO A 26 35.28 13.87 -4.15
N GLU A 27 35.81 14.87 -4.88
CA GLU A 27 37.24 15.05 -5.07
C GLU A 27 37.86 15.45 -3.74
N GLU A 28 37.29 16.49 -3.08
CA GLU A 28 37.80 16.96 -1.81
C GLU A 28 37.67 15.89 -0.73
N LEU A 29 36.59 15.10 -0.76
CA LEU A 29 36.42 14.02 0.21
C LEU A 29 37.53 12.99 0.02
N ALA A 30 37.83 12.64 -1.24
CA ALA A 30 38.84 11.63 -1.53
C ALA A 30 40.24 12.14 -1.15
N LYS A 31 40.48 13.44 -1.35
CA LYS A 31 41.77 14.03 -1.01
C LYS A 31 41.97 14.05 0.50
N GLY A 32 40.93 14.41 1.26
CA GLY A 32 41.01 14.61 2.70
C GLY A 32 41.19 13.29 3.46
N TRP A 33 40.96 12.17 2.76
CA TRP A 33 40.84 10.87 3.41
C TRP A 33 42.14 10.43 4.10
N ALA A 34 43.27 10.69 3.45
CA ALA A 34 44.56 10.19 3.94
C ALA A 34 44.86 10.73 5.34
N GLU A 35 44.49 11.99 5.61
CA GLU A 35 44.71 12.57 6.94
C GLU A 35 43.40 12.66 7.74
N ALA A 36 42.37 11.91 7.33
CA ALA A 36 41.04 12.04 7.93
C ALA A 36 40.96 11.21 9.21
N GLY A 37 40.08 11.66 10.12
CA GLY A 37 39.74 10.88 11.31
C GLY A 37 38.55 9.95 11.07
N LEU A 38 38.49 8.89 11.87
CA LEU A 38 37.46 7.87 11.74
C LEU A 38 36.94 7.50 13.13
N ILE A 39 35.61 7.55 13.27
CA ILE A 39 34.89 7.06 14.43
C ILE A 39 34.23 5.74 14.02
N THR A 40 34.28 4.76 14.91
CA THR A 40 33.72 3.44 14.66
C THR A 40 32.64 3.13 15.69
N LEU A 41 31.45 2.78 15.19
CA LEU A 41 30.32 2.38 16.02
C LEU A 41 30.03 0.91 15.76
N ASP A 42 29.66 0.18 16.80
CA ASP A 42 29.14 -1.17 16.61
C ASP A 42 27.64 -1.09 16.34
N VAL A 43 27.02 -2.28 16.18
CA VAL A 43 25.65 -2.39 15.69
C VAL A 43 24.69 -1.78 16.71
N ARG A 44 25.07 -1.72 17.98
CA ARG A 44 24.21 -1.15 19.01
C ARG A 44 24.51 0.33 19.21
N GLY A 45 25.40 0.89 18.38
CA GLY A 45 25.71 2.31 18.45
C GLY A 45 26.70 2.66 19.57
N ARG A 46 27.48 1.67 20.01
CA ARG A 46 28.45 1.91 21.07
C ARG A 46 29.78 2.27 20.45
N VAL A 47 30.60 3.00 21.22
CA VAL A 47 31.90 3.50 20.81
C VAL A 47 32.90 3.38 21.96
N ASN A 48 34.18 3.57 21.64
CA ASN A 48 35.21 3.77 22.65
C ASN A 48 35.39 5.27 22.94
N ILE A 49 35.46 5.61 24.22
CA ILE A 49 35.75 6.99 24.60
C ILE A 49 36.94 7.02 25.55
N VAL A 50 37.68 8.12 25.53
CA VAL A 50 38.77 8.36 26.47
C VAL A 50 38.63 9.78 26.96
N ASP A 51 38.56 9.94 28.27
CA ASP A 51 38.39 11.24 28.91
C ASP A 51 37.17 11.97 28.34
N GLY A 52 36.07 11.24 28.19
CA GLY A 52 34.83 11.86 27.74
C GLY A 52 34.75 12.08 26.25
N GLN A 53 35.78 11.70 25.49
CA GLN A 53 35.90 12.11 24.10
C GLN A 53 36.05 10.88 23.20
N VAL A 54 35.24 10.86 22.14
CA VAL A 54 35.16 9.72 21.25
C VAL A 54 36.53 9.52 20.60
N VAL A 55 36.93 8.25 20.48
CA VAL A 55 38.23 7.94 19.89
C VAL A 55 38.15 8.20 18.39
N ILE A 56 39.09 9.01 17.90
CA ILE A 56 39.23 9.27 16.48
C ILE A 56 40.49 8.57 15.97
N GLU A 57 40.30 7.54 15.13
CA GLU A 57 41.38 6.77 14.56
C GLU A 57 41.72 7.34 13.19
N ASP A 58 42.78 6.80 12.58
CA ASP A 58 43.22 7.23 11.27
C ASP A 58 42.35 6.54 10.23
N ALA A 59 41.62 7.33 9.44
CA ALA A 59 40.76 6.76 8.40
C ALA A 59 41.58 5.85 7.47
N ALA A 60 42.81 6.29 7.15
CA ALA A 60 43.64 5.63 6.15
C ALA A 60 43.90 4.17 6.51
N ARG A 61 43.82 3.82 7.81
CA ARG A 61 44.06 2.46 8.25
C ARG A 61 43.08 1.45 7.63
N ILE A 62 41.85 1.86 7.27
CA ILE A 62 40.86 0.89 6.81
C ILE A 62 40.84 0.81 5.29
N GLY A 63 41.61 1.66 4.60
CA GLY A 63 41.56 1.74 3.15
C GLY A 63 42.11 3.06 2.62
N ASP A 64 42.30 3.14 1.30
CA ASP A 64 42.90 4.30 0.68
C ASP A 64 41.83 5.30 0.21
N GLN A 65 40.56 4.88 0.20
CA GLN A 65 39.46 5.75 -0.18
C GLN A 65 38.32 5.61 0.83
N PRO A 66 37.44 6.62 0.97
CA PRO A 66 36.25 6.49 1.82
C PRO A 66 35.40 5.31 1.36
N PRO A 67 35.15 4.30 2.21
CA PRO A 67 34.27 3.21 1.81
C PRO A 67 32.84 3.68 1.62
N GLU A 68 32.07 2.90 0.85
CA GLU A 68 30.72 3.24 0.43
C GLU A 68 29.80 3.47 1.63
N HIS A 69 30.04 2.71 2.70
CA HIS A 69 29.18 2.64 3.86
C HIS A 69 29.58 3.68 4.91
N ALA A 70 30.55 4.53 4.59
CA ALA A 70 31.01 5.53 5.55
C ALA A 70 30.16 6.79 5.45
N VAL A 71 30.03 7.51 6.57
CA VAL A 71 29.30 8.77 6.58
C VAL A 71 30.24 9.88 7.00
N PHE A 72 30.27 10.93 6.17
CA PHE A 72 31.12 12.08 6.39
C PHE A 72 30.44 13.02 7.40
N LEU A 73 31.08 13.19 8.57
CA LEU A 73 30.46 13.93 9.68
C LEU A 73 30.82 15.41 9.63
N GLY A 74 31.88 15.78 8.93
CA GLY A 74 32.32 17.17 8.85
C GLY A 74 33.79 17.34 9.23
N ARG A 75 34.14 18.44 9.93
CA ARG A 75 35.55 18.75 10.20
C ARG A 75 35.83 18.81 11.69
N ILE A 76 36.96 18.23 12.10
CA ILE A 76 37.52 18.34 13.42
C ILE A 76 38.68 19.33 13.33
N PRO A 77 39.22 19.81 14.49
CA PRO A 77 40.41 20.65 14.54
C PRO A 77 41.51 20.18 13.59
N GLY A 78 42.12 21.15 12.91
CA GLY A 78 43.34 20.92 12.14
C GLY A 78 43.06 20.88 10.64
N GLY A 79 41.81 21.18 10.27
CA GLY A 79 41.33 21.04 8.89
C GLY A 79 40.89 19.61 8.51
N ARG A 80 40.88 18.69 9.49
CA ARG A 80 40.78 17.28 9.17
C ARG A 80 39.30 16.98 8.95
N HIS A 81 39.06 16.08 8.00
CA HIS A 81 37.74 15.49 7.82
C HIS A 81 37.55 14.42 8.90
N VAL A 82 36.30 14.19 9.30
CA VAL A 82 35.99 13.06 10.18
C VAL A 82 34.82 12.28 9.59
N TRP A 83 34.96 10.95 9.61
CA TRP A 83 33.95 10.05 9.09
C TRP A 83 33.53 9.07 10.17
N ALA A 84 32.37 8.43 9.95
CA ALA A 84 31.95 7.33 10.80
C ALA A 84 31.67 6.09 9.95
N VAL A 85 31.98 4.93 10.54
CA VAL A 85 31.63 3.65 9.96
C VAL A 85 31.10 2.75 11.07
N ARG A 86 30.34 1.75 10.62
CA ARG A 86 29.95 0.61 11.43
C ARG A 86 31.09 -0.40 11.41
N ALA A 87 31.36 -1.03 12.55
CA ALA A 87 32.29 -2.14 12.59
C ALA A 87 32.03 -2.95 13.84
N ASP A 88 32.49 -4.21 13.83
CA ASP A 88 32.57 -5.01 15.04
C ASP A 88 33.69 -4.46 15.90
N LEU A 89 33.38 -4.11 17.14
CA LEU A 89 34.38 -3.61 18.06
C LEU A 89 34.68 -4.69 19.09
N ASP A 90 35.95 -4.71 19.49
CA ASP A 90 36.49 -5.71 20.39
C ASP A 90 35.97 -5.43 21.80
N GLU A 91 34.85 -6.08 22.15
CA GLU A 91 34.09 -5.77 23.36
C GLU A 91 34.94 -5.99 24.62
N ASP A 92 35.99 -6.79 24.51
CA ASP A 92 36.77 -7.22 25.66
C ASP A 92 38.00 -6.33 25.85
N SER A 93 38.37 -5.53 24.87
CA SER A 93 39.64 -4.81 25.00
C SER A 93 39.46 -3.33 25.39
N ALA A 94 38.19 -2.87 25.49
CA ALA A 94 37.89 -1.53 25.98
C ALA A 94 36.40 -1.43 26.31
N PRO A 95 36.00 -0.54 27.24
CA PRO A 95 34.57 -0.36 27.53
C PRO A 95 33.90 0.27 26.32
N LEU A 96 32.74 -0.26 25.95
CA LEU A 96 31.96 0.32 24.86
C LEU A 96 30.79 1.08 25.47
N LEU A 97 30.72 2.40 25.26
CA LEU A 97 29.69 3.22 25.86
C LEU A 97 28.63 3.56 24.82
N ASP A 98 27.36 3.57 25.25
CA ASP A 98 26.26 3.95 24.39
C ASP A 98 25.73 5.27 24.94
N LEU A 99 25.23 6.09 24.04
CA LEU A 99 24.72 7.42 24.35
C LEU A 99 23.59 7.34 25.37
N ARG A 100 22.72 6.32 25.25
CA ARG A 100 21.51 6.30 26.06
C ARG A 100 21.81 6.07 27.54
N ARG A 101 22.84 5.27 27.84
CA ARG A 101 23.18 4.95 29.22
C ARG A 101 24.28 5.86 29.77
N SER A 102 25.22 6.29 28.91
CA SER A 102 26.43 6.96 29.36
C SER A 102 26.59 8.31 28.67
N GLY A 103 25.53 8.86 28.06
CA GLY A 103 25.62 10.11 27.34
C GLY A 103 26.17 11.27 28.19
N GLN A 104 25.94 11.22 29.50
CA GLN A 104 26.38 12.29 30.40
C GLN A 104 27.91 12.36 30.44
N LEU A 105 28.58 11.25 30.18
CA LEU A 105 30.03 11.17 30.27
C LEU A 105 30.70 11.76 29.04
N PHE A 106 29.95 12.05 27.96
CA PHE A 106 30.58 12.50 26.72
C PHE A 106 30.72 14.01 26.76
N ASP A 107 31.80 14.53 26.17
CA ASP A 107 31.91 15.93 25.80
C ASP A 107 30.81 16.29 24.80
N ASP A 108 30.40 17.56 24.74
CA ASP A 108 29.30 18.02 23.91
C ASP A 108 29.51 17.61 22.45
N THR A 109 30.70 17.87 21.93
CA THR A 109 31.05 17.62 20.55
C THR A 109 31.00 16.12 20.25
N SER A 110 31.53 15.30 21.16
CA SER A 110 31.51 13.86 21.01
C SER A 110 30.07 13.36 21.01
N ALA A 111 29.24 13.92 21.88
CA ALA A 111 27.85 13.48 21.99
C ALA A 111 27.12 13.73 20.67
N ALA A 112 27.35 14.91 20.08
CA ALA A 112 26.72 15.28 18.82
C ALA A 112 27.27 14.44 17.66
N LEU A 113 28.59 14.19 17.62
CA LEU A 113 29.18 13.34 16.60
C LEU A 113 28.54 11.97 16.66
N LEU A 114 28.37 11.44 17.88
CA LEU A 114 27.83 10.10 18.06
C LEU A 114 26.35 10.07 17.69
N ALA A 115 25.57 11.06 18.13
CA ALA A 115 24.15 11.12 17.82
C ALA A 115 23.95 11.11 16.31
N THR A 116 24.75 11.93 15.61
CA THR A 116 24.66 12.04 14.16
C THR A 116 25.06 10.71 13.51
N ALA A 117 26.20 10.16 13.93
CA ALA A 117 26.71 8.94 13.32
C ALA A 117 25.73 7.79 13.52
N MET A 118 25.19 7.70 14.73
CA MET A 118 24.27 6.65 15.12
C MET A 118 23.03 6.70 14.23
N ALA A 119 22.41 7.88 14.13
CA ALA A 119 21.22 8.08 13.34
C ALA A 119 21.48 7.76 11.87
N MET A 120 22.61 8.25 11.35
CA MET A 120 22.89 8.15 9.94
C MET A 120 23.22 6.71 9.54
N LEU A 121 24.02 5.99 10.34
CA LEU A 121 24.36 4.62 10.02
C LEU A 121 23.13 3.72 10.18
N ALA A 122 22.29 3.98 11.18
CA ALA A 122 21.05 3.22 11.33
C ALA A 122 20.15 3.47 10.12
N TRP A 123 20.08 4.71 9.65
CA TRP A 123 19.30 5.01 8.47
C TRP A 123 19.77 4.17 7.29
N HIS A 124 21.08 4.17 7.02
CA HIS A 124 21.64 3.41 5.92
C HIS A 124 21.23 1.94 6.01
N ASP A 125 21.33 1.35 7.20
CA ASP A 125 20.94 -0.02 7.43
C ASP A 125 19.47 -0.27 7.04
N ASN A 126 18.62 0.75 7.12
CA ASN A 126 17.19 0.61 6.92
C ASN A 126 16.71 1.33 5.65
N ALA A 127 17.62 1.71 4.76
CA ALA A 127 17.26 2.48 3.59
C ALA A 127 17.93 1.90 2.33
N GLY A 128 18.28 0.62 2.37
CA GLY A 128 18.93 -0.05 1.26
C GLY A 128 18.05 -0.12 -0.01
N TYR A 129 16.74 0.07 0.11
CA TYR A 129 15.84 -0.01 -1.02
C TYR A 129 14.89 1.19 -1.03
N SER A 130 14.43 1.55 -2.24
CA SER A 130 13.45 2.59 -2.41
C SER A 130 12.11 2.13 -1.83
N PRO A 131 11.48 2.95 -0.95
CA PRO A 131 10.12 2.67 -0.53
C PRO A 131 9.12 2.88 -1.65
N VAL A 132 9.53 3.60 -2.70
CA VAL A 132 8.63 3.98 -3.77
C VAL A 132 8.43 2.80 -4.71
N ASP A 133 9.54 2.16 -5.14
CA ASP A 133 9.45 1.17 -6.19
C ASP A 133 10.27 -0.08 -5.88
N GLY A 134 10.95 -0.13 -4.73
CA GLY A 134 11.63 -1.34 -4.30
C GLY A 134 13.04 -1.51 -4.87
N SER A 135 13.51 -0.59 -5.73
CA SER A 135 14.86 -0.70 -6.29
C SER A 135 15.92 -0.57 -5.20
N PRO A 136 17.06 -1.28 -5.29
CA PRO A 136 18.20 -1.00 -4.42
C PRO A 136 18.63 0.46 -4.53
N THR A 137 19.15 1.01 -3.44
CA THR A 137 19.67 2.37 -3.43
C THR A 137 21.16 2.30 -3.12
N ILE A 138 21.91 3.29 -3.60
CA ILE A 138 23.36 3.32 -3.47
C ILE A 138 23.70 4.61 -2.73
N PRO A 139 24.53 4.57 -1.67
CA PRO A 139 24.89 5.79 -0.96
C PRO A 139 25.64 6.74 -1.88
N ALA A 140 25.48 8.03 -1.64
CA ALA A 140 26.24 9.06 -2.33
C ALA A 140 26.36 10.27 -1.42
N LYS A 141 27.08 11.29 -1.90
CA LYS A 141 27.28 12.54 -1.21
C LYS A 141 27.75 12.31 0.21
N GLY A 142 28.82 11.55 0.38
CA GLY A 142 29.45 11.33 1.67
C GLY A 142 28.52 10.59 2.64
N GLY A 143 27.56 9.86 2.09
CA GLY A 143 26.60 9.12 2.89
C GLY A 143 25.34 9.91 3.26
N TRP A 144 25.09 11.08 2.65
CA TRP A 144 23.99 11.93 3.04
C TRP A 144 22.78 11.78 2.13
N VAL A 145 22.89 10.98 1.07
CA VAL A 145 21.72 10.53 0.33
C VAL A 145 21.97 9.08 -0.05
N ARG A 146 20.91 8.42 -0.52
CA ARG A 146 21.03 7.18 -1.27
C ARG A 146 20.26 7.34 -2.56
N VAL A 147 20.82 6.85 -3.67
CA VAL A 147 20.29 7.06 -5.00
C VAL A 147 19.62 5.77 -5.48
N ASN A 148 18.38 5.92 -5.94
CA ASN A 148 17.64 4.83 -6.58
C ASN A 148 18.43 4.35 -7.80
N SER A 149 18.86 3.10 -7.80
CA SER A 149 19.70 2.56 -8.86
C SER A 149 18.96 2.57 -10.20
N ALA A 150 17.63 2.42 -10.18
CA ALA A 150 16.83 2.39 -11.39
C ALA A 150 16.50 3.79 -11.89
N THR A 151 16.10 4.71 -11.00
CA THR A 151 15.51 5.97 -11.45
C THR A 151 16.44 7.16 -11.19
N GLY A 152 17.47 7.00 -10.36
CA GLY A 152 18.29 8.15 -9.99
C GLY A 152 17.66 9.04 -8.90
N GLN A 153 16.47 8.71 -8.43
CA GLN A 153 15.80 9.50 -7.39
C GLN A 153 16.57 9.38 -6.08
N GLU A 154 16.80 10.52 -5.41
CA GLU A 154 17.49 10.58 -4.14
C GLU A 154 16.51 10.30 -3.00
N GLU A 155 16.95 9.44 -2.06
CA GLU A 155 16.30 9.22 -0.78
C GLU A 155 17.13 9.90 0.31
N PHE A 156 16.44 10.49 1.30
CA PHE A 156 17.06 11.34 2.31
C PHE A 156 16.89 10.73 3.71
N PRO A 157 17.83 11.00 4.65
CA PRO A 157 17.73 10.46 6.00
C PRO A 157 16.41 10.82 6.68
N ARG A 158 15.86 9.86 7.42
CA ARG A 158 14.57 10.06 8.04
C ARG A 158 14.73 10.35 9.54
N THR A 159 14.04 11.39 9.99
CA THR A 159 13.95 11.74 11.39
C THR A 159 12.47 11.94 11.71
N ASP A 160 11.91 11.09 12.58
CA ASP A 160 10.51 11.12 12.93
C ASP A 160 10.31 12.08 14.10
N PRO A 161 9.52 13.15 13.96
CA PRO A 161 9.21 14.01 15.10
C PRO A 161 8.28 13.34 16.09
N ALA A 162 8.63 13.45 17.38
CA ALA A 162 7.80 12.98 18.47
C ALA A 162 7.65 14.10 19.48
N ILE A 163 6.46 14.19 20.08
CA ILE A 163 6.22 15.17 21.12
C ILE A 163 6.34 14.48 22.46
N ILE A 164 6.68 15.26 23.48
CA ILE A 164 6.66 14.81 24.85
C ILE A 164 6.13 15.98 25.70
N CYS A 165 5.09 15.71 26.49
CA CYS A 165 4.31 16.79 27.08
C CYS A 165 4.16 16.65 28.60
N LEU A 166 4.41 17.77 29.28
CA LEU A 166 4.03 17.94 30.68
C LEU A 166 2.71 18.70 30.73
N VAL A 167 1.65 17.96 31.06
CA VAL A 167 0.35 18.55 31.34
C VAL A 167 0.34 19.01 32.79
N HIS A 168 -0.01 20.29 33.01
CA HIS A 168 -0.12 20.84 34.35
C HIS A 168 -1.43 21.63 34.48
N ASP A 169 -1.72 22.07 35.71
CA ASP A 169 -2.99 22.71 36.03
C ASP A 169 -2.88 24.23 36.01
N GLY A 170 -1.71 24.74 35.62
CA GLY A 170 -1.43 26.17 35.62
C GLY A 170 -0.78 26.60 36.93
N GLY A 171 -0.74 25.69 37.91
CA GLY A 171 -0.24 25.99 39.23
C GLY A 171 0.83 25.00 39.67
N ASP A 172 0.48 24.08 40.58
CA ASP A 172 1.48 23.34 41.32
C ASP A 172 1.32 21.84 41.12
N ARG A 173 0.50 21.43 40.13
CA ARG A 173 0.28 20.02 39.90
C ARG A 173 0.45 19.66 38.42
N ALA A 174 1.01 18.47 38.19
CA ALA A 174 1.35 18.01 36.85
C ALA A 174 1.05 16.53 36.72
N VAL A 175 0.62 16.12 35.53
CA VAL A 175 0.34 14.73 35.23
C VAL A 175 1.63 14.02 34.88
N LEU A 176 1.83 12.85 35.51
CA LEU A 176 2.82 11.88 35.07
C LEU A 176 2.11 10.54 34.92
N GLY A 177 2.63 9.73 34.00
CA GLY A 177 1.97 8.51 33.60
C GLY A 177 2.97 7.37 33.52
N ARG A 178 2.47 6.14 33.76
CA ARG A 178 3.28 4.94 33.79
C ARG A 178 2.75 4.01 32.72
N GLN A 179 3.63 3.56 31.82
CA GLN A 179 3.22 2.63 30.78
C GLN A 179 3.00 1.26 31.40
N LYS A 180 2.14 0.47 30.75
CA LYS A 180 1.85 -0.89 31.18
C LYS A 180 3.13 -1.72 31.34
N PHE A 181 4.11 -1.59 30.44
CA PHE A 181 5.28 -2.47 30.45
C PHE A 181 6.32 -2.00 31.47
N TRP A 182 6.00 -0.98 32.29
CA TRP A 182 7.01 -0.31 33.09
C TRP A 182 6.98 -0.82 34.53
N PRO A 183 8.16 -0.92 35.19
CA PRO A 183 8.23 -1.15 36.63
C PRO A 183 7.36 -0.18 37.42
N GLU A 184 6.76 -0.70 38.48
CA GLU A 184 6.06 0.10 39.49
C GLU A 184 6.93 1.32 39.83
N ARG A 185 6.26 2.46 39.96
CA ARG A 185 6.84 3.70 40.44
C ARG A 185 7.61 4.42 39.34
N MET A 186 7.79 3.82 38.15
CA MET A 186 8.43 4.53 37.05
C MET A 186 7.36 5.32 36.28
N PHE A 187 7.30 6.64 36.49
CA PHE A 187 6.39 7.53 35.81
C PHE A 187 7.17 8.54 34.97
N SER A 188 6.52 9.09 33.94
CA SER A 188 7.15 10.09 33.09
C SER A 188 6.09 10.93 32.39
N LEU A 189 6.55 11.73 31.43
CA LEU A 189 5.69 12.58 30.63
C LEU A 189 4.96 11.73 29.59
N LEU A 190 3.99 12.35 28.92
CA LEU A 190 3.24 11.68 27.86
C LEU A 190 3.87 12.01 26.51
N ALA A 191 4.04 10.98 25.67
CA ALA A 191 4.86 11.07 24.47
C ALA A 191 4.14 10.39 23.32
N GLY A 192 4.32 10.92 22.11
CA GLY A 192 3.91 10.18 20.93
C GLY A 192 4.47 10.77 19.64
N PHE A 193 4.37 10.00 18.57
CA PHE A 193 4.83 10.40 17.26
C PHE A 193 3.82 11.36 16.63
N VAL A 194 4.34 12.37 15.92
CA VAL A 194 3.51 13.25 15.13
C VAL A 194 2.98 12.46 13.94
N GLU A 195 1.68 12.54 13.70
CA GLU A 195 1.06 11.86 12.55
C GLU A 195 0.96 12.84 11.39
N ALA A 196 0.80 12.27 10.20
CA ALA A 196 0.52 13.00 8.99
C ALA A 196 -0.71 13.89 9.17
N GLY A 197 -0.61 15.14 8.72
CA GLY A 197 -1.79 15.97 8.60
C GLY A 197 -2.13 16.74 9.88
N GLU A 198 -1.25 16.69 10.91
CA GLU A 198 -1.54 17.45 12.11
C GLU A 198 -0.37 18.37 12.46
N SER A 199 -0.71 19.46 13.15
CA SER A 199 0.27 20.37 13.74
C SER A 199 0.87 19.73 14.98
N LEU A 200 1.97 20.29 15.50
CA LEU A 200 2.52 19.80 16.76
C LEU A 200 1.51 20.01 17.89
N GLU A 201 0.82 21.15 17.88
CA GLU A 201 -0.12 21.48 18.94
C GLU A 201 -1.28 20.49 18.92
N ALA A 202 -1.78 20.17 17.72
CA ALA A 202 -2.85 19.19 17.58
C ALA A 202 -2.36 17.81 18.00
N CYS A 203 -1.11 17.48 17.67
CA CYS A 203 -0.54 16.20 18.03
C CYS A 203 -0.49 16.07 19.55
N VAL A 204 -0.04 17.12 20.24
CA VAL A 204 0.04 17.07 21.69
C VAL A 204 -1.34 16.81 22.28
N ALA A 205 -2.35 17.59 21.87
CA ALA A 205 -3.69 17.43 22.40
C ALA A 205 -4.21 16.02 22.11
N ARG A 206 -4.01 15.55 20.89
CA ARG A 206 -4.50 14.23 20.51
C ARG A 206 -3.85 13.15 21.38
N GLU A 207 -2.52 13.19 21.53
CA GLU A 207 -1.79 12.16 22.26
C GLU A 207 -2.17 12.15 23.74
N VAL A 208 -2.29 13.32 24.35
CA VAL A 208 -2.70 13.38 25.74
C VAL A 208 -4.10 12.76 25.90
N ALA A 209 -5.04 13.10 25.00
CA ALA A 209 -6.38 12.55 25.02
C ALA A 209 -6.35 11.03 24.89
N GLU A 210 -5.57 10.51 23.93
CA GLU A 210 -5.47 9.08 23.70
C GLU A 210 -4.91 8.35 24.92
N GLU A 211 -3.95 8.96 25.61
CA GLU A 211 -3.21 8.22 26.64
C GLU A 211 -3.92 8.30 27.99
N VAL A 212 -4.38 9.48 28.37
CA VAL A 212 -4.93 9.66 29.70
C VAL A 212 -6.28 10.38 29.67
N GLY A 213 -6.84 10.60 28.48
CA GLY A 213 -8.23 11.03 28.35
C GLY A 213 -8.47 12.50 28.69
N LEU A 214 -7.42 13.27 28.93
CA LEU A 214 -7.59 14.69 29.25
C LEU A 214 -7.64 15.54 27.98
N THR A 215 -8.46 16.58 28.05
CA THR A 215 -8.51 17.66 27.08
C THR A 215 -7.58 18.78 27.53
N VAL A 216 -6.60 19.16 26.70
CA VAL A 216 -5.62 20.13 27.15
C VAL A 216 -5.61 21.31 26.20
N THR A 217 -5.21 22.47 26.72
CA THR A 217 -5.15 23.72 25.97
C THR A 217 -3.79 24.37 26.19
N ASP A 218 -3.54 25.49 25.53
CA ASP A 218 -2.33 26.29 25.71
C ASP A 218 -1.08 25.43 25.56
N VAL A 219 -1.05 24.64 24.48
CA VAL A 219 0.11 23.82 24.17
C VAL A 219 1.28 24.73 23.83
N GLN A 220 2.37 24.63 24.59
CA GLN A 220 3.50 25.55 24.49
C GLN A 220 4.80 24.76 24.38
N TYR A 221 5.63 25.17 23.42
CA TYR A 221 6.90 24.52 23.12
C TYR A 221 7.96 24.91 24.13
N LEU A 222 8.78 23.93 24.54
CA LEU A 222 9.85 24.17 25.50
C LEU A 222 11.23 23.98 24.87
N GLY A 223 11.38 23.01 23.96
CA GLY A 223 12.71 22.67 23.46
C GLY A 223 12.71 21.38 22.66
N SER A 224 13.90 20.96 22.23
CA SER A 224 14.01 19.81 21.36
C SER A 224 15.33 19.10 21.62
N GLN A 225 15.37 17.82 21.24
CA GLN A 225 16.54 17.00 21.41
C GLN A 225 16.55 15.89 20.36
N PRO A 226 17.66 15.72 19.63
CA PRO A 226 17.82 14.54 18.78
C PRO A 226 17.72 13.28 19.64
N TRP A 227 17.12 12.24 19.08
CA TRP A 227 16.82 11.04 19.86
C TRP A 227 16.98 9.83 18.96
N PRO A 228 18.23 9.49 18.59
CA PRO A 228 18.49 8.49 17.56
C PRO A 228 18.34 7.06 18.04
N PHE A 229 17.15 6.72 18.52
CA PHE A 229 16.92 5.41 19.09
C PHE A 229 15.68 4.78 18.47
N PRO A 230 15.63 4.52 17.15
CA PRO A 230 16.73 4.81 16.23
C PRO A 230 16.70 6.10 15.44
N ARG A 231 15.57 6.82 15.40
CA ARG A 231 15.47 7.90 14.42
C ARG A 231 14.47 8.99 14.79
N SER A 232 14.39 9.39 16.05
CA SER A 232 13.45 10.43 16.45
C SER A 232 14.14 11.77 16.64
N ILE A 233 13.31 12.82 16.67
CA ILE A 233 13.65 14.06 17.36
C ILE A 233 12.52 14.32 18.35
N MET A 234 12.87 14.56 19.61
CA MET A 234 11.88 14.75 20.64
C MET A 234 11.63 16.25 20.79
N LEU A 235 10.35 16.63 20.73
CA LEU A 235 9.93 18.00 20.83
C LEU A 235 9.14 18.18 22.13
N GLY A 236 9.70 18.97 23.04
CA GLY A 236 9.14 19.09 24.38
C GLY A 236 8.09 20.20 24.47
N PHE A 237 7.00 19.91 25.17
CA PHE A 237 5.89 20.83 25.34
C PHE A 237 5.32 20.78 26.75
N HIS A 238 4.60 21.83 27.13
CA HIS A 238 3.70 21.77 28.27
C HIS A 238 2.31 22.23 27.84
N ALA A 239 1.29 21.80 28.59
CA ALA A 239 -0.09 22.09 28.25
C ALA A 239 -0.92 22.18 29.54
N ILE A 240 -2.07 22.87 29.46
CA ILE A 240 -2.94 23.05 30.62
C ILE A 240 -4.04 22.00 30.56
N GLY A 241 -4.11 21.18 31.61
CA GLY A 241 -5.22 20.25 31.78
C GLY A 241 -6.09 20.62 32.97
N ASP A 242 -7.22 19.92 33.10
CA ASP A 242 -8.20 20.18 34.14
C ASP A 242 -8.27 18.99 35.09
N PRO A 243 -7.77 19.11 36.34
CA PRO A 243 -7.76 17.97 37.25
C PRO A 243 -9.15 17.47 37.67
N SER A 244 -10.21 18.28 37.43
CA SER A 244 -11.56 17.86 37.75
C SER A 244 -12.08 16.89 36.69
N GLN A 245 -11.45 16.87 35.51
CA GLN A 245 -11.77 15.87 34.50
C GLN A 245 -11.08 14.56 34.88
N PRO A 246 -11.77 13.41 34.83
CA PRO A 246 -11.17 12.14 35.23
C PRO A 246 -10.29 11.55 34.14
N PHE A 247 -9.28 10.76 34.56
CA PHE A 247 -8.44 10.05 33.62
C PHE A 247 -9.29 9.02 32.89
N ALA A 248 -8.77 8.55 31.75
CA ALA A 248 -9.35 7.44 31.01
C ALA A 248 -8.25 6.86 30.14
N PHE A 249 -7.94 5.57 30.35
CA PHE A 249 -6.74 4.98 29.78
C PHE A 249 -7.08 4.29 28.45
N ASN A 250 -7.41 5.15 27.47
CA ASN A 250 -8.14 4.79 26.27
C ASN A 250 -7.35 3.82 25.40
N ASP A 251 -6.23 4.32 24.83
CA ASP A 251 -5.45 3.58 23.85
C ASP A 251 -4.71 2.39 24.49
N GLY A 252 -4.75 2.25 25.82
CA GLY A 252 -4.29 1.04 26.51
C GLY A 252 -2.80 1.05 26.87
N GLU A 253 -2.11 2.16 26.63
CA GLU A 253 -0.66 2.24 26.72
C GLU A 253 -0.28 2.66 28.14
N ILE A 254 -1.13 3.45 28.79
CA ILE A 254 -0.90 3.89 30.16
C ILE A 254 -1.68 2.98 31.12
N ALA A 255 -0.97 2.49 32.15
CA ALA A 255 -1.54 1.66 33.19
C ALA A 255 -2.10 2.53 34.31
N GLU A 256 -1.37 3.58 34.68
CA GLU A 256 -1.88 4.51 35.67
C GLU A 256 -1.23 5.88 35.47
N ALA A 257 -1.90 6.90 36.02
CA ALA A 257 -1.40 8.26 35.98
C ALA A 257 -2.01 9.00 37.15
N ASP A 258 -1.41 10.12 37.54
CA ASP A 258 -1.95 10.91 38.62
C ASP A 258 -1.41 12.33 38.47
N TRP A 259 -2.00 13.26 39.22
CA TRP A 259 -1.49 14.59 39.41
C TRP A 259 -0.50 14.57 40.58
N PHE A 260 0.67 15.17 40.38
CA PHE A 260 1.71 15.25 41.39
C PHE A 260 2.03 16.72 41.64
N THR A 261 2.36 17.07 42.89
CA THR A 261 2.73 18.42 43.25
C THR A 261 4.19 18.67 42.88
N ARG A 262 4.58 19.95 42.85
CA ARG A 262 5.97 20.30 42.62
C ARG A 262 6.86 19.66 43.69
N ALA A 263 6.35 19.60 44.92
CA ALA A 263 7.11 19.10 46.05
C ALA A 263 7.42 17.62 45.87
N GLU A 264 6.40 16.82 45.54
CA GLU A 264 6.59 15.41 45.24
C GLU A 264 7.65 15.22 44.15
N VAL A 265 7.53 16.01 43.08
CA VAL A 265 8.39 15.84 41.92
C VAL A 265 9.83 16.20 42.32
N ARG A 266 10.02 17.35 42.98
CA ARG A 266 11.35 17.74 43.42
C ARG A 266 11.96 16.62 44.26
N SER A 267 11.16 16.09 45.20
CA SER A 267 11.58 15.02 46.07
C SER A 267 12.05 13.81 45.25
N ALA A 268 11.22 13.39 44.29
CA ALA A 268 11.55 12.22 43.47
C ALA A 268 12.81 12.48 42.63
N LEU A 269 13.00 13.74 42.21
CA LEU A 269 14.17 14.10 41.40
C LEU A 269 15.44 13.98 42.23
N GLU A 270 15.40 14.49 43.47
CA GLU A 270 16.56 14.48 44.36
C GLU A 270 16.99 13.05 44.68
N ALA A 271 16.06 12.09 44.69
CA ALA A 271 16.43 10.69 44.61
C ALA A 271 16.86 10.36 43.17
N LEU A 282 6.71 7.50 43.46
CA LEU A 282 7.22 8.11 42.21
C LEU A 282 8.74 8.05 42.18
N MET A 283 9.25 7.35 41.16
CA MET A 283 10.68 7.27 40.93
C MET A 283 11.00 8.02 39.63
N LEU A 284 11.89 9.02 39.72
CA LEU A 284 12.51 9.65 38.56
C LEU A 284 14.01 9.36 38.59
N PRO A 285 14.51 8.36 37.81
CA PRO A 285 15.96 8.10 37.74
C PRO A 285 16.69 9.22 37.01
N GLY A 286 18.03 9.22 37.08
CA GLY A 286 18.86 10.08 36.26
C GLY A 286 18.70 9.76 34.76
N SER A 287 18.84 10.76 33.90
CA SER A 287 18.41 10.60 32.52
C SER A 287 18.93 11.73 31.65
N ILE A 288 19.34 11.37 30.41
CA ILE A 288 19.71 12.34 29.40
C ILE A 288 18.48 12.84 28.65
N SER A 289 17.27 12.33 28.95
CA SER A 289 16.08 12.66 28.17
C SER A 289 15.65 14.10 28.43
N ILE A 290 15.10 14.74 27.40
CA ILE A 290 14.50 16.05 27.57
C ILE A 290 13.33 15.96 28.58
N ALA A 291 12.70 14.79 28.70
CA ALA A 291 11.63 14.57 29.66
C ALA A 291 12.05 14.98 31.08
N ARG A 292 13.28 14.59 31.48
CA ARG A 292 13.75 14.90 32.80
C ARG A 292 13.96 16.40 32.93
N GLU A 293 14.52 17.00 31.88
CA GLU A 293 14.78 18.43 31.86
C GLU A 293 13.47 19.23 31.95
N ILE A 294 12.41 18.75 31.30
CA ILE A 294 11.13 19.42 31.37
C ILE A 294 10.58 19.37 32.79
N VAL A 295 10.57 18.17 33.38
CA VAL A 295 10.04 17.97 34.72
C VAL A 295 10.84 18.81 35.72
N GLU A 296 12.17 18.72 35.66
CA GLU A 296 13.04 19.50 36.53
C GLU A 296 12.72 20.99 36.38
N SER A 297 12.64 21.48 35.14
CA SER A 297 12.44 22.89 34.91
C SER A 297 11.09 23.33 35.48
N TRP A 298 10.09 22.46 35.38
CA TRP A 298 8.78 22.76 35.93
C TRP A 298 8.83 22.78 37.45
N ALA A 299 9.41 21.71 38.03
CA ALA A 299 9.40 21.48 39.46
C ALA A 299 10.08 22.63 40.23
N TYR A 300 11.11 23.26 39.65
CA TYR A 300 11.87 24.30 40.32
C TYR A 300 11.59 25.67 39.71
N ALA A 301 10.54 25.82 38.89
CA ALA A 301 10.20 27.12 38.35
C ALA A 301 9.70 28.05 39.47
N PHE B 3 7.43 38.47 19.76
CA PHE B 3 6.04 38.45 19.24
C PHE B 3 5.54 37.00 19.22
N ARG B 4 4.22 36.85 19.19
CA ARG B 4 3.58 35.55 19.02
C ARG B 4 2.80 35.61 17.72
N LEU B 5 2.36 34.47 17.20
CA LEU B 5 1.50 34.47 16.03
C LEU B 5 0.16 35.05 16.45
N ARG B 6 -0.46 35.84 15.57
CA ARG B 6 -1.77 36.40 15.82
C ARG B 6 -2.82 35.30 15.64
N ASN B 7 -2.68 34.50 14.57
CA ASN B 7 -3.67 33.49 14.20
C ASN B 7 -3.05 32.10 14.22
N ILE B 8 -3.90 31.11 14.46
CA ILE B 8 -3.53 29.73 14.26
C ILE B 8 -3.33 29.55 12.75
N PRO B 9 -2.23 28.92 12.29
CA PRO B 9 -2.09 28.65 10.86
C PRO B 9 -3.26 27.83 10.32
N LEU B 10 -3.55 27.99 9.03
CA LEU B 10 -4.77 27.46 8.44
C LEU B 10 -4.97 25.94 8.58
N LEU B 11 -3.97 25.09 8.30
CA LEU B 11 -4.15 23.65 8.37
C LEU B 11 -3.95 23.09 9.79
N SER B 12 -3.81 23.98 10.77
CA SER B 12 -3.51 23.63 12.14
C SER B 12 -4.74 23.77 13.04
N ARG B 13 -5.89 24.19 12.47
CA ARG B 13 -6.92 24.89 13.23
C ARG B 13 -7.62 23.98 14.22
N VAL B 14 -8.11 22.84 13.72
CA VAL B 14 -8.84 21.88 14.53
C VAL B 14 -7.97 20.64 14.70
N GLY B 15 -8.26 19.86 15.74
CA GLY B 15 -7.91 18.45 15.79
C GLY B 15 -9.15 17.60 15.57
N LEU B 16 -9.32 17.05 14.36
CA LEU B 16 -10.36 16.06 14.06
C LEU B 16 -10.29 14.91 15.05
N ASP B 17 -11.43 14.23 15.26
CA ASP B 17 -11.46 13.03 16.07
C ASP B 17 -10.99 11.83 15.23
N ARG B 18 -9.72 11.44 15.40
CA ARG B 18 -9.11 10.45 14.52
C ARG B 18 -9.55 9.04 14.88
N ALA B 19 -10.11 8.86 16.08
CA ALA B 19 -10.61 7.57 16.53
C ALA B 19 -9.54 6.49 16.34
N ASP B 20 -8.38 6.74 16.95
CA ASP B 20 -7.21 5.88 16.84
C ASP B 20 -7.58 4.44 17.23
N GLU B 21 -8.41 4.30 18.27
CA GLU B 21 -8.75 3.00 18.81
C GLU B 21 -9.45 2.13 17.77
N LEU B 22 -10.10 2.73 16.78
CA LEU B 22 -10.81 1.94 15.77
C LEU B 22 -9.87 1.35 14.72
N ARG B 23 -8.64 1.87 14.62
CA ARG B 23 -7.75 1.50 13.52
C ARG B 23 -7.40 0.01 13.55
N SER B 24 -7.22 -0.51 14.78
CA SER B 24 -6.87 -1.91 15.00
C SER B 24 -8.11 -2.76 15.26
N ASN B 25 -9.30 -2.24 14.98
CA ASN B 25 -10.54 -2.96 15.23
C ASN B 25 -11.29 -3.16 13.92
N PRO B 26 -10.89 -4.16 13.10
CA PRO B 26 -11.43 -4.30 11.75
C PRO B 26 -12.94 -4.49 11.73
N GLU B 27 -13.49 -5.03 12.82
CA GLU B 27 -14.92 -5.29 12.95
C GLU B 27 -15.67 -3.96 12.99
N GLU B 28 -15.25 -3.04 13.89
CA GLU B 28 -15.91 -1.74 14.02
C GLU B 28 -15.77 -0.93 12.72
N LEU B 29 -14.62 -1.05 12.04
CA LEU B 29 -14.41 -0.33 10.80
C LEU B 29 -15.39 -0.86 9.75
N ALA B 30 -15.55 -2.19 9.68
CA ALA B 30 -16.41 -2.81 8.69
C ALA B 30 -17.88 -2.52 9.00
N LYS B 31 -18.24 -2.40 10.27
CA LYS B 31 -19.60 -2.08 10.67
C LYS B 31 -19.95 -0.65 10.27
N GLY B 32 -19.04 0.29 10.49
CA GLY B 32 -19.31 1.70 10.26
C GLY B 32 -19.39 2.05 8.77
N TRP B 33 -18.93 1.13 7.93
CA TRP B 33 -18.70 1.38 6.51
C TRP B 33 -19.98 1.70 5.75
N ALA B 34 -21.07 0.98 6.08
CA ALA B 34 -22.31 1.11 5.34
C ALA B 34 -22.84 2.55 5.40
N GLU B 35 -22.69 3.22 6.55
CA GLU B 35 -23.14 4.59 6.68
C GLU B 35 -21.97 5.59 6.64
N ALA B 36 -20.79 5.14 6.16
CA ALA B 36 -19.58 5.96 6.28
C ALA B 36 -19.50 6.97 5.14
N GLY B 37 -18.81 8.09 5.40
CA GLY B 37 -18.46 9.08 4.38
C GLY B 37 -17.13 8.75 3.70
N LEU B 38 -16.96 9.24 2.45
CA LEU B 38 -15.79 8.97 1.65
C LEU B 38 -15.36 10.26 0.96
N ILE B 39 -14.08 10.62 1.15
CA ILE B 39 -13.45 11.72 0.43
C ILE B 39 -12.52 11.11 -0.61
N THR B 40 -12.52 11.71 -1.81
CA THR B 40 -11.78 11.18 -2.94
C THR B 40 -10.79 12.22 -3.45
N LEU B 41 -9.50 11.82 -3.50
CA LEU B 41 -8.42 12.66 -3.97
C LEU B 41 -7.89 12.09 -5.28
N ASP B 42 -7.48 12.95 -6.21
CA ASP B 42 -6.75 12.52 -7.39
C ASP B 42 -5.26 12.45 -7.05
N VAL B 43 -4.43 12.10 -8.03
CA VAL B 43 -3.02 11.79 -7.86
C VAL B 43 -2.25 13.00 -7.35
N ARG B 44 -2.74 14.22 -7.61
CA ARG B 44 -2.05 15.41 -7.16
C ARG B 44 -2.60 15.86 -5.81
N GLY B 45 -3.54 15.10 -5.24
CA GLY B 45 -4.11 15.46 -3.95
C GLY B 45 -5.16 16.56 -4.04
N ARG B 46 -5.79 16.69 -5.22
CA ARG B 46 -6.86 17.65 -5.39
C ARG B 46 -8.19 16.95 -5.09
N VAL B 47 -9.20 17.76 -4.72
CA VAL B 47 -10.50 17.26 -4.31
C VAL B 47 -11.63 18.08 -4.96
N ASN B 48 -12.85 17.55 -4.86
CA ASN B 48 -14.05 18.30 -5.18
C ASN B 48 -14.55 19.07 -3.96
N ILE B 49 -15.00 20.31 -4.21
CA ILE B 49 -15.50 21.18 -3.16
C ILE B 49 -16.95 21.60 -3.45
N GLN B 53 -16.30 23.44 1.20
CA GLN B 53 -16.40 22.21 2.04
C GLN B 53 -16.12 20.99 1.16
N VAL B 54 -15.32 20.06 1.67
CA VAL B 54 -14.93 18.90 0.89
C VAL B 54 -16.18 18.05 0.63
N VAL B 55 -16.32 17.50 -0.57
CA VAL B 55 -17.43 16.62 -0.85
C VAL B 55 -17.23 15.30 -0.12
N ILE B 56 -18.21 14.92 0.69
CA ILE B 56 -18.21 13.63 1.37
C ILE B 56 -19.29 12.75 0.73
N GLU B 57 -18.86 11.70 0.02
CA GLU B 57 -19.76 10.78 -0.66
C GLU B 57 -20.03 9.57 0.25
N ASP B 58 -20.95 8.72 -0.18
CA ASP B 58 -21.30 7.53 0.58
C ASP B 58 -20.26 6.45 0.29
N ALA B 59 -19.56 6.02 1.34
CA ALA B 59 -18.53 5.00 1.21
C ALA B 59 -19.08 3.75 0.53
N ALA B 60 -20.32 3.39 0.88
CA ALA B 60 -20.94 2.13 0.46
C ALA B 60 -21.00 2.04 -1.07
N ARG B 61 -21.00 3.18 -1.77
CA ARG B 61 -21.08 3.18 -3.22
C ARG B 61 -19.90 2.48 -3.87
N ILE B 62 -18.71 2.43 -3.24
CA ILE B 62 -17.54 1.87 -3.92
C ILE B 62 -17.34 0.40 -3.54
N GLY B 63 -18.15 -0.13 -2.61
CA GLY B 63 -18.00 -1.50 -2.16
C GLY B 63 -18.71 -1.74 -0.84
N ASP B 64 -18.81 -3.02 -0.42
CA ASP B 64 -19.55 -3.37 0.79
C ASP B 64 -18.63 -3.41 2.01
N GLN B 65 -17.31 -3.38 1.80
CA GLN B 65 -16.32 -3.34 2.86
C GLN B 65 -15.26 -2.29 2.53
N PRO B 66 -14.53 -1.75 3.54
CA PRO B 66 -13.42 -0.84 3.29
C PRO B 66 -12.38 -1.48 2.39
N PRO B 67 -12.07 -0.92 1.21
CA PRO B 67 -10.97 -1.46 0.42
C PRO B 67 -9.63 -1.24 1.13
N GLU B 68 -8.64 -2.05 0.75
CA GLU B 68 -7.29 -2.09 1.29
C GLU B 68 -6.64 -0.70 1.28
N HIS B 69 -6.89 0.03 0.20
CA HIS B 69 -6.16 1.24 -0.15
C HIS B 69 -6.91 2.45 0.40
N ALA B 70 -7.97 2.24 1.16
CA ALA B 70 -8.65 3.35 1.81
C ALA B 70 -7.97 3.68 3.13
N VAL B 71 -8.05 4.94 3.55
CA VAL B 71 -7.50 5.39 4.81
C VAL B 71 -8.62 5.93 5.69
N PHE B 72 -8.70 5.40 6.89
CA PHE B 72 -9.70 5.79 7.85
C PHE B 72 -9.28 7.09 8.55
N LEU B 73 -10.03 8.17 8.32
CA LEU B 73 -9.64 9.48 8.81
C LEU B 73 -10.17 9.73 10.22
N GLY B 74 -11.22 9.02 10.62
CA GLY B 74 -11.81 9.21 11.93
C GLY B 74 -13.33 9.44 11.85
N ARG B 75 -13.83 10.25 12.79
CA ARG B 75 -15.24 10.51 12.92
C ARG B 75 -15.48 12.01 12.84
N ILE B 76 -16.57 12.40 12.18
CA ILE B 76 -16.99 13.80 12.20
C ILE B 76 -18.03 13.96 13.31
N PRO B 77 -18.33 15.21 13.74
CA PRO B 77 -19.34 15.45 14.77
C PRO B 77 -20.63 14.67 14.49
N GLY B 78 -21.06 13.88 15.48
CA GLY B 78 -22.20 12.99 15.30
C GLY B 78 -21.78 11.53 15.16
N GLY B 79 -20.47 11.28 15.01
CA GLY B 79 -19.94 9.92 15.09
C GLY B 79 -19.91 9.16 13.76
N ARG B 80 -20.18 9.83 12.65
CA ARG B 80 -20.05 9.19 11.33
C ARG B 80 -18.58 8.99 10.97
N HIS B 81 -18.23 7.79 10.49
CA HIS B 81 -16.90 7.46 10.05
C HIS B 81 -16.64 8.14 8.71
N VAL B 82 -15.39 8.58 8.50
CA VAL B 82 -15.00 9.12 7.19
C VAL B 82 -13.69 8.46 6.75
N TRP B 83 -13.63 8.09 5.48
CA TRP B 83 -12.45 7.50 4.87
C TRP B 83 -11.99 8.34 3.69
N ALA B 84 -10.76 8.10 3.24
CA ALA B 84 -10.23 8.71 2.03
C ALA B 84 -9.69 7.65 1.08
N VAL B 85 -9.85 7.87 -0.23
CA VAL B 85 -9.25 7.03 -1.26
C VAL B 85 -8.70 7.93 -2.35
N ARG B 86 -7.74 7.38 -3.09
CA ARG B 86 -7.30 7.90 -4.38
C ARG B 86 -8.26 7.46 -5.47
N ALA B 87 -8.58 8.35 -6.40
CA ALA B 87 -9.35 7.95 -7.58
C ALA B 87 -9.09 8.96 -8.70
N ASP B 88 -9.38 8.50 -9.92
CA ASP B 88 -9.50 9.33 -11.09
C ASP B 88 -10.76 10.18 -10.93
N LEU B 89 -10.62 11.50 -10.97
CA LEU B 89 -11.76 12.41 -10.84
C LEU B 89 -12.04 13.07 -12.20
N ASP B 90 -13.28 13.55 -12.40
CA ASP B 90 -13.63 14.39 -13.55
C ASP B 90 -13.39 15.86 -13.16
N ASP B 98 -6.69 21.98 -5.11
CA ASP B 98 -5.32 22.10 -4.51
C ASP B 98 -5.35 23.04 -3.32
N LEU B 99 -5.06 22.53 -2.12
CA LEU B 99 -4.95 23.36 -0.92
C LEU B 99 -3.90 24.44 -1.12
N ARG B 100 -2.78 24.02 -1.71
CA ARG B 100 -1.77 24.93 -2.21
C ARG B 100 -2.41 26.30 -2.46
N LEU B 105 -10.44 28.62 -0.06
CA LEU B 105 -10.35 28.35 1.39
C LEU B 105 -11.49 27.40 1.80
N PHE B 106 -11.29 26.66 2.89
CA PHE B 106 -12.13 25.56 3.33
C PHE B 106 -12.60 25.85 4.76
N ASP B 107 -13.69 25.22 5.23
CA ASP B 107 -13.95 25.22 6.66
C ASP B 107 -12.89 24.37 7.38
N ASP B 108 -12.75 24.62 8.69
CA ASP B 108 -11.70 24.05 9.51
C ASP B 108 -11.69 22.52 9.41
N THR B 109 -12.86 21.90 9.54
CA THR B 109 -12.97 20.44 9.52
C THR B 109 -12.54 19.89 8.17
N SER B 110 -12.97 20.54 7.07
CA SER B 110 -12.57 20.13 5.74
C SER B 110 -11.06 20.23 5.59
N ALA B 111 -10.47 21.31 6.11
CA ALA B 111 -9.04 21.55 5.96
C ALA B 111 -8.26 20.42 6.63
N ALA B 112 -8.71 20.00 7.82
CA ALA B 112 -8.05 18.95 8.57
C ALA B 112 -8.23 17.58 7.89
N LEU B 113 -9.45 17.31 7.40
CA LEU B 113 -9.71 16.08 6.69
C LEU B 113 -8.80 16.00 5.47
N LEU B 114 -8.66 17.11 4.75
CA LEU B 114 -7.88 17.15 3.52
C LEU B 114 -6.39 17.01 3.82
N ALA B 115 -5.91 17.74 4.84
CA ALA B 115 -4.49 17.67 5.18
C ALA B 115 -4.12 16.22 5.51
N THR B 116 -4.97 15.56 6.31
CA THR B 116 -4.74 14.18 6.70
C THR B 116 -4.77 13.27 5.47
N ALA B 117 -5.82 13.40 4.66
CA ALA B 117 -6.01 12.51 3.53
C ALA B 117 -4.85 12.65 2.55
N MET B 118 -4.48 13.91 2.30
CA MET B 118 -3.43 14.22 1.35
C MET B 118 -2.11 13.58 1.80
N ALA B 119 -1.74 13.82 3.05
CA ALA B 119 -0.49 13.31 3.60
C ALA B 119 -0.48 11.79 3.59
N MET B 120 -1.60 11.18 4.01
CA MET B 120 -1.63 9.74 4.20
C MET B 120 -1.63 9.02 2.85
N LEU B 121 -2.41 9.51 1.88
CA LEU B 121 -2.43 8.86 0.58
C LEU B 121 -1.13 9.08 -0.17
N ALA B 122 -0.50 10.25 -0.01
CA ALA B 122 0.82 10.48 -0.60
C ALA B 122 1.84 9.52 0.00
N TRP B 123 1.76 9.31 1.32
CA TRP B 123 2.63 8.33 1.93
C TRP B 123 2.46 6.94 1.30
N HIS B 124 1.21 6.48 1.19
CA HIS B 124 0.93 5.17 0.61
C HIS B 124 1.54 5.05 -0.77
N ASP B 125 1.38 6.08 -1.61
CA ASP B 125 1.93 6.10 -2.95
C ASP B 125 3.44 5.91 -2.94
N ASN B 126 4.11 6.33 -1.86
CA ASN B 126 5.57 6.33 -1.78
C ASN B 126 6.11 5.32 -0.77
N ALA B 127 5.27 4.37 -0.33
CA ALA B 127 5.67 3.43 0.71
C ALA B 127 5.26 2.01 0.32
N GLY B 128 5.14 1.75 -0.98
CA GLY B 128 4.69 0.44 -1.46
C GLY B 128 5.70 -0.68 -1.17
N TYR B 129 6.94 -0.32 -0.86
CA TYR B 129 7.98 -1.31 -0.59
C TYR B 129 8.75 -0.97 0.69
N SER B 130 9.29 -2.00 1.33
CA SER B 130 10.14 -1.84 2.49
C SER B 130 11.44 -1.16 2.08
N PRO B 131 11.84 -0.06 2.77
CA PRO B 131 13.17 0.50 2.56
C PRO B 131 14.26 -0.41 3.10
N VAL B 132 13.88 -1.34 3.98
CA VAL B 132 14.85 -2.20 4.66
C VAL B 132 15.31 -3.31 3.72
N ASP B 133 14.37 -4.00 3.08
CA ASP B 133 14.72 -5.19 2.31
C ASP B 133 14.06 -5.22 0.93
N GLY B 134 13.25 -4.21 0.59
CA GLY B 134 12.68 -4.12 -0.74
C GLY B 134 11.40 -4.93 -0.95
N SER B 135 10.92 -5.67 0.07
CA SER B 135 9.69 -6.43 -0.07
C SER B 135 8.49 -5.50 -0.26
N PRO B 136 7.46 -5.89 -1.06
CA PRO B 136 6.20 -5.15 -1.09
C PRO B 136 5.60 -5.05 0.30
N THR B 137 4.89 -3.94 0.55
CA THR B 137 4.20 -3.76 1.82
C THR B 137 2.70 -3.72 1.55
N ILE B 138 1.92 -4.13 2.54
CA ILE B 138 0.48 -4.26 2.41
C ILE B 138 -0.14 -3.33 3.44
N PRO B 139 -1.09 -2.46 3.03
CA PRO B 139 -1.70 -1.56 4.00
C PRO B 139 -2.50 -2.35 5.01
N ALA B 140 -2.59 -1.82 6.23
CA ALA B 140 -3.30 -2.48 7.32
C ALA B 140 -3.73 -1.42 8.31
N LYS B 141 -4.53 -1.85 9.31
CA LYS B 141 -5.02 -1.00 10.40
C LYS B 141 -5.58 0.31 9.85
N GLY B 142 -6.56 0.14 8.95
CA GLY B 142 -7.33 1.25 8.43
C GLY B 142 -6.47 2.19 7.59
N GLY B 143 -5.35 1.69 7.08
CA GLY B 143 -4.42 2.45 6.28
C GLY B 143 -3.37 3.22 7.08
N TRP B 144 -3.20 2.89 8.37
CA TRP B 144 -2.27 3.64 9.22
C TRP B 144 -0.92 2.96 9.36
N VAL B 145 -0.79 1.75 8.81
CA VAL B 145 0.53 1.13 8.66
C VAL B 145 0.55 0.42 7.33
N ARG B 146 1.75 0.03 6.91
CA ARG B 146 1.93 -0.94 5.85
C ARG B 146 2.86 -2.01 6.38
N VAL B 147 2.53 -3.28 6.09
CA VAL B 147 3.20 -4.43 6.66
C VAL B 147 4.09 -5.06 5.59
N ASN B 148 5.35 -5.30 5.95
CA ASN B 148 6.29 -6.02 5.11
C ASN B 148 5.73 -7.41 4.84
N SER B 149 5.49 -7.73 3.56
CA SER B 149 4.86 -8.99 3.19
C SER B 149 5.74 -10.18 3.56
N ALA B 150 7.06 -9.99 3.55
CA ALA B 150 8.01 -11.06 3.88
C ALA B 150 8.20 -11.19 5.39
N THR B 151 8.37 -10.08 6.13
CA THR B 151 8.84 -10.17 7.50
C THR B 151 7.76 -9.80 8.52
N GLY B 152 6.66 -9.19 8.07
CA GLY B 152 5.65 -8.73 9.02
C GLY B 152 6.01 -7.41 9.71
N GLN B 153 7.17 -6.82 9.40
CA GLN B 153 7.58 -5.56 10.00
C GLN B 153 6.66 -4.43 9.53
N GLU B 154 6.22 -3.60 10.48
CA GLU B 154 5.37 -2.47 10.17
C GLU B 154 6.20 -1.26 9.73
N GLU B 155 5.75 -0.60 8.66
CA GLU B 155 6.22 0.72 8.24
C GLU B 155 5.14 1.76 8.58
N PHE B 156 5.60 2.94 9.02
CA PHE B 156 4.74 3.99 9.56
C PHE B 156 4.79 5.24 8.69
N PRO B 157 3.71 6.06 8.65
CA PRO B 157 3.69 7.28 7.87
C PRO B 157 4.85 8.22 8.19
N ARG B 158 5.40 8.83 7.15
CA ARG B 158 6.56 9.68 7.28
C ARG B 158 6.18 11.15 7.17
N THR B 159 6.62 11.94 8.15
CA THR B 159 6.47 13.38 8.14
C THR B 159 7.84 14.00 8.43
N ASP B 160 8.39 14.72 7.46
CA ASP B 160 9.72 15.31 7.57
C ASP B 160 9.60 16.70 8.22
N PRO B 161 10.24 16.94 9.37
CA PRO B 161 10.19 18.27 9.98
C PRO B 161 11.08 19.25 9.20
N ALA B 162 10.49 20.43 8.92
CA ALA B 162 11.22 21.51 8.28
C ALA B 162 11.01 22.77 9.09
N ILE B 163 12.05 23.59 9.17
CA ILE B 163 11.97 24.84 9.90
C ILE B 163 11.78 25.94 8.86
N ILE B 164 11.15 27.03 9.31
CA ILE B 164 11.02 28.24 8.53
C ILE B 164 11.21 29.42 9.50
N CYS B 165 12.12 30.33 9.17
CA CYS B 165 12.62 31.28 10.13
C CYS B 165 12.54 32.72 9.62
N LEU B 166 12.01 33.60 10.48
CA LEU B 166 12.11 35.04 10.33
C LEU B 166 13.27 35.53 11.19
N VAL B 167 14.37 35.87 10.53
CA VAL B 167 15.50 36.53 11.18
C VAL B 167 15.20 38.02 11.24
N HIS B 168 15.28 38.59 12.44
CA HIS B 168 15.11 40.02 12.63
C HIS B 168 16.23 40.57 13.51
N ASP B 169 16.26 41.92 13.66
CA ASP B 169 17.36 42.59 14.33
C ASP B 169 17.00 42.92 15.79
N GLY B 170 15.83 42.47 16.24
CA GLY B 170 15.34 42.77 17.57
C GLY B 170 14.51 44.05 17.58
N GLY B 171 14.46 44.75 16.45
CA GLY B 171 13.72 45.99 16.31
C GLY B 171 12.77 45.95 15.12
N ASP B 172 13.14 46.66 14.04
CA ASP B 172 12.18 47.01 13.02
C ASP B 172 12.62 46.48 11.65
N ARG B 173 13.61 45.59 11.62
CA ARG B 173 14.10 45.07 10.34
C ARG B 173 14.17 43.54 10.37
N ALA B 174 13.86 42.93 9.22
CA ALA B 174 13.77 41.48 9.11
C ALA B 174 14.30 41.05 7.75
N VAL B 175 14.94 39.87 7.73
CA VAL B 175 15.49 39.32 6.50
C VAL B 175 14.38 38.59 5.75
N LEU B 176 14.26 38.88 4.45
CA LEU B 176 13.50 38.04 3.53
C LEU B 176 14.42 37.68 2.37
N GLY B 177 14.18 36.51 1.79
CA GLY B 177 15.09 35.92 0.83
C GLY B 177 14.33 35.34 -0.34
N ARG B 178 14.98 35.33 -1.51
CA ARG B 178 14.38 34.85 -2.73
C ARG B 178 15.24 33.72 -3.25
N GLN B 179 14.64 32.55 -3.45
CA GLN B 179 15.40 31.40 -3.92
C GLN B 179 15.71 31.59 -5.39
N LYS B 180 16.81 30.96 -5.82
CA LYS B 180 17.18 30.94 -7.22
C LYS B 180 16.02 30.29 -7.96
N PHE B 181 15.58 30.95 -9.03
CA PHE B 181 14.57 30.39 -9.92
C PHE B 181 13.16 30.51 -9.32
N TRP B 182 13.03 31.25 -8.21
CA TRP B 182 11.76 31.89 -7.89
C TRP B 182 11.58 33.11 -8.79
N PRO B 183 10.33 33.44 -9.20
CA PRO B 183 10.04 34.70 -9.88
C PRO B 183 10.63 35.91 -9.15
N GLU B 184 11.06 36.88 -9.94
CA GLU B 184 11.78 38.06 -9.50
C GLU B 184 11.34 38.59 -8.13
N ARG B 185 10.08 38.98 -7.92
CA ARG B 185 9.70 39.76 -6.75
C ARG B 185 9.33 38.89 -5.54
N MET B 186 9.44 37.57 -5.68
CA MET B 186 8.90 36.63 -4.72
C MET B 186 9.94 36.39 -3.62
N PHE B 187 9.74 37.00 -2.45
CA PHE B 187 10.59 36.80 -1.29
C PHE B 187 9.79 36.15 -0.16
N SER B 188 10.52 35.46 0.75
CA SER B 188 9.88 34.79 1.87
C SER B 188 10.89 34.56 2.99
N LEU B 189 10.49 33.73 3.95
CA LEU B 189 11.34 33.37 5.07
C LEU B 189 12.35 32.33 4.61
N LEU B 190 13.32 32.02 5.47
CA LEU B 190 14.36 31.04 5.17
C LEU B 190 13.95 29.70 5.77
N ALA B 191 14.14 28.63 5.00
CA ALA B 191 13.61 27.31 5.31
C ALA B 191 14.68 26.22 5.20
N GLY B 192 14.49 25.11 5.90
CA GLY B 192 15.24 23.90 5.62
C GLY B 192 14.77 22.70 6.42
N PHE B 193 15.18 21.51 5.97
CA PHE B 193 14.84 20.26 6.61
C PHE B 193 15.75 20.02 7.80
N VAL B 194 15.17 19.45 8.87
CA VAL B 194 15.96 19.01 10.01
C VAL B 194 16.82 17.81 9.63
N GLU B 195 18.09 17.83 10.00
CA GLU B 195 18.99 16.70 9.77
C GLU B 195 19.08 15.84 11.03
N ALA B 196 19.55 14.61 10.83
CA ALA B 196 19.83 13.69 11.90
C ALA B 196 20.87 14.29 12.84
N GLY B 197 20.66 14.14 14.14
CA GLY B 197 21.65 14.50 15.12
C GLY B 197 21.59 15.95 15.57
N GLU B 198 20.58 16.72 15.12
CA GLU B 198 20.54 18.12 15.52
C GLU B 198 19.20 18.48 16.16
N SER B 199 19.24 19.46 17.07
CA SER B 199 18.03 20.06 17.61
C SER B 199 17.36 20.97 16.59
N LEU B 200 16.12 21.36 16.84
CA LEU B 200 15.46 22.35 15.98
C LEU B 200 16.25 23.66 16.01
N GLU B 201 16.71 24.08 17.20
CA GLU B 201 17.39 25.34 17.34
C GLU B 201 18.70 25.31 16.55
N ALA B 202 19.44 24.19 16.63
CA ALA B 202 20.67 24.05 15.89
C ALA B 202 20.38 24.02 14.37
N CYS B 203 19.28 23.37 14.00
CA CYS B 203 18.89 23.32 12.61
C CYS B 203 18.60 24.72 12.06
N VAL B 204 17.89 25.54 12.84
CA VAL B 204 17.57 26.88 12.41
C VAL B 204 18.86 27.67 12.18
N ALA B 205 19.77 27.67 13.16
CA ALA B 205 21.01 28.40 13.04
C ALA B 205 21.80 27.92 11.82
N ARG B 206 21.88 26.59 11.65
CA ARG B 206 22.66 26.03 10.55
C ARG B 206 22.07 26.51 9.21
N GLU B 207 20.75 26.39 9.06
CA GLU B 207 20.10 26.71 7.81
C GLU B 207 20.18 28.19 7.46
N VAL B 208 20.01 29.06 8.44
CA VAL B 208 20.16 30.48 8.19
C VAL B 208 21.58 30.78 7.71
N ALA B 209 22.59 30.19 8.37
CA ALA B 209 23.98 30.36 7.97
C ALA B 209 24.20 29.87 6.53
N GLU B 210 23.68 28.68 6.20
CA GLU B 210 23.82 28.11 4.87
C GLU B 210 23.20 29.01 3.80
N GLU B 211 22.06 29.64 4.10
CA GLU B 211 21.28 30.30 3.08
C GLU B 211 21.74 31.74 2.87
N VAL B 212 21.98 32.46 3.96
CA VAL B 212 22.28 33.88 3.85
C VAL B 212 23.50 34.26 4.67
N GLY B 213 24.21 33.27 5.25
CA GLY B 213 25.52 33.53 5.83
C GLY B 213 25.48 34.27 7.17
N LEU B 214 24.29 34.49 7.75
CA LEU B 214 24.20 35.14 9.04
C LEU B 214 24.33 34.12 10.18
N THR B 215 24.95 34.59 11.27
CA THR B 215 24.94 33.91 12.56
C THR B 215 23.78 34.45 13.38
N VAL B 216 22.88 33.57 13.84
CA VAL B 216 21.71 34.05 14.56
C VAL B 216 21.69 33.43 15.96
N THR B 217 21.00 34.13 16.87
CA THR B 217 20.85 33.70 18.24
C THR B 217 19.38 33.80 18.61
N ASP B 218 19.05 33.37 19.84
CA ASP B 218 17.70 33.49 20.39
C ASP B 218 16.67 32.89 19.43
N VAL B 219 16.95 31.68 18.94
CA VAL B 219 16.00 30.95 18.10
C VAL B 219 14.76 30.61 18.94
N GLN B 220 13.60 31.09 18.50
CA GLN B 220 12.37 30.99 19.27
C GLN B 220 11.25 30.46 18.41
N TYR B 221 10.53 29.47 18.93
CA TYR B 221 9.45 28.79 18.22
C TYR B 221 8.19 29.63 18.21
N LEU B 222 7.49 29.64 17.07
CA LEU B 222 6.27 30.42 16.92
C LEU B 222 5.06 29.51 16.74
N GLY B 223 5.21 28.39 16.01
CA GLY B 223 4.05 27.59 15.65
C GLY B 223 4.39 26.54 14.61
N SER B 224 3.36 25.80 14.18
CA SER B 224 3.57 24.70 13.27
C SER B 224 2.37 24.52 12.37
N GLN B 225 2.61 23.81 11.26
CA GLN B 225 1.57 23.58 10.28
C GLN B 225 1.90 22.33 9.48
N PRO B 226 0.95 21.40 9.32
CA PRO B 226 1.13 20.30 8.39
C PRO B 226 1.32 20.87 7.00
N TRP B 227 2.17 20.22 6.22
CA TRP B 227 2.54 20.75 4.91
C TRP B 227 2.73 19.59 3.97
N PRO B 228 1.63 18.93 3.57
CA PRO B 228 1.69 17.66 2.84
C PRO B 228 2.02 17.83 1.37
N PHE B 229 3.17 18.43 1.10
CA PHE B 229 3.52 18.73 -0.27
C PHE B 229 4.92 18.22 -0.59
N PRO B 230 5.22 16.91 -0.52
CA PRO B 230 4.24 15.89 -0.13
C PRO B 230 4.18 15.43 1.32
N ARG B 231 5.17 15.77 2.17
CA ARG B 231 5.21 15.11 3.47
C ARG B 231 5.95 15.90 4.55
N SER B 232 5.76 17.21 4.62
CA SER B 232 6.45 18.00 5.64
C SER B 232 5.51 18.35 6.79
N ILE B 233 6.12 18.74 7.91
CA ILE B 233 5.49 19.62 8.89
C ILE B 233 6.40 20.83 9.04
N MET B 234 5.81 22.02 8.89
CA MET B 234 6.58 23.25 8.93
C MET B 234 6.58 23.77 10.35
N LEU B 235 7.78 24.04 10.87
CA LEU B 235 7.95 24.53 12.23
C LEU B 235 8.50 25.96 12.16
N GLY B 236 7.68 26.91 12.60
CA GLY B 236 7.99 28.33 12.45
C GLY B 236 8.82 28.86 13.61
N PHE B 237 9.83 29.67 13.29
CA PHE B 237 10.72 30.26 14.27
C PHE B 237 11.02 31.71 13.93
N HIS B 238 11.50 32.47 14.92
CA HIS B 238 12.20 33.71 14.68
C HIS B 238 13.55 33.66 15.38
N ALA B 239 14.49 34.48 14.90
CA ALA B 239 15.84 34.50 15.44
C ALA B 239 16.43 35.90 15.29
N ILE B 240 17.45 36.21 16.09
CA ILE B 240 18.08 37.52 16.08
C ILE B 240 19.33 37.43 15.23
N GLY B 241 19.39 38.25 14.19
CA GLY B 241 20.59 38.43 13.38
C GLY B 241 21.16 39.83 13.52
N ASP B 242 22.37 40.04 12.97
CA ASP B 242 23.08 41.30 13.08
C ASP B 242 23.21 41.91 11.69
N PRO B 243 22.49 43.03 11.40
CA PRO B 243 22.54 43.62 10.06
C PRO B 243 23.89 44.23 9.68
N SER B 244 24.81 44.40 10.64
CA SER B 244 26.15 44.88 10.31
C SER B 244 27.01 43.76 9.72
N GLN B 245 26.60 42.50 9.95
CA GLN B 245 27.22 41.37 9.28
C GLN B 245 26.68 41.30 7.86
N PRO B 246 27.53 41.07 6.84
CA PRO B 246 27.06 40.97 5.46
C PRO B 246 26.46 39.60 5.13
N PHE B 247 25.55 39.59 4.16
CA PHE B 247 25.02 38.35 3.62
C PHE B 247 26.17 37.58 2.94
N ALA B 248 25.94 36.29 2.71
CA ALA B 248 26.72 35.47 1.81
C ALA B 248 25.86 34.28 1.36
N PHE B 249 25.71 34.14 0.05
CA PHE B 249 24.70 33.26 -0.52
C PHE B 249 25.29 32.01 -1.11
N ASN B 250 26.61 31.83 -1.09
CA ASN B 250 27.22 30.77 -1.90
C ASN B 250 26.79 29.38 -1.42
N ASP B 251 26.79 29.11 -0.10
CA ASP B 251 26.53 27.79 0.41
C ASP B 251 25.06 27.36 0.27
N GLY B 252 24.17 28.25 -0.18
CA GLY B 252 22.72 28.00 -0.10
C GLY B 252 22.02 28.07 -1.44
N GLU B 253 20.69 28.21 -1.40
CA GLU B 253 19.86 28.27 -2.59
C GLU B 253 19.24 29.65 -2.71
N ILE B 254 19.80 30.69 -2.06
CA ILE B 254 19.23 32.03 -2.12
C ILE B 254 19.98 32.85 -3.18
N ALA B 255 19.22 33.51 -4.06
CA ALA B 255 19.75 34.36 -5.11
C ALA B 255 19.97 35.78 -4.57
N GLU B 256 19.02 36.28 -3.77
CA GLU B 256 19.19 37.58 -3.12
C GLU B 256 18.35 37.62 -1.85
N ALA B 257 18.71 38.54 -0.97
CA ALA B 257 18.04 38.75 0.29
C ALA B 257 18.37 40.15 0.77
N ASP B 258 17.55 40.69 1.67
CA ASP B 258 17.81 42.02 2.18
C ASP B 258 17.10 42.14 3.52
N TRP B 259 17.47 43.18 4.28
CA TRP B 259 16.72 43.59 5.44
C TRP B 259 15.61 44.53 5.00
N PHE B 260 14.40 44.29 5.51
CA PHE B 260 13.24 45.12 5.21
C PHE B 260 12.71 45.65 6.53
N THR B 261 12.18 46.88 6.52
CA THR B 261 11.55 47.48 7.68
C THR B 261 10.14 46.94 7.84
N ARG B 262 9.53 47.14 9.02
CA ARG B 262 8.14 46.77 9.23
C ARG B 262 7.25 47.48 8.23
N ALA B 263 7.59 48.74 7.91
CA ALA B 263 6.79 49.56 7.00
C ALA B 263 6.77 48.94 5.60
N GLU B 264 7.95 48.62 5.07
CA GLU B 264 8.05 47.94 3.77
C GLU B 264 7.21 46.66 3.77
N VAL B 265 7.33 45.87 4.84
CA VAL B 265 6.68 44.57 4.87
C VAL B 265 5.17 44.78 4.93
N ARG B 266 4.70 45.65 5.82
CA ARG B 266 3.27 45.95 5.90
C ARG B 266 2.75 46.36 4.53
N SER B 267 3.49 47.25 3.87
CA SER B 267 3.14 47.74 2.55
C SER B 267 3.01 46.57 1.57
N ALA B 268 4.02 45.69 1.54
CA ALA B 268 4.00 44.57 0.62
C ALA B 268 2.85 43.61 0.94
N LEU B 269 2.50 43.50 2.23
CA LEU B 269 1.41 42.63 2.66
C LEU B 269 0.07 43.16 2.15
N GLU B 270 -0.14 44.49 2.29
CA GLU B 270 -1.38 45.14 1.88
C GLU B 270 -1.60 44.98 0.38
N ALA B 271 -0.53 44.89 -0.42
CA ALA B 271 -0.64 44.38 -1.78
C ALA B 271 -0.82 42.86 -1.72
N ARG B 281 6.57 44.83 -7.61
CA ARG B 281 6.40 45.06 -6.15
C ARG B 281 6.72 43.76 -5.40
N LEU B 282 7.33 43.90 -4.22
CA LEU B 282 7.79 42.81 -3.37
C LEU B 282 6.60 41.91 -2.98
N MET B 283 6.72 40.61 -3.29
CA MET B 283 5.59 39.68 -3.20
C MET B 283 5.85 38.66 -2.10
N LEU B 284 4.87 38.51 -1.20
CA LEU B 284 4.98 37.65 -0.03
C LEU B 284 3.99 36.48 -0.16
N PRO B 285 4.29 35.30 0.43
CA PRO B 285 3.53 34.07 0.15
C PRO B 285 2.10 34.14 0.70
N GLY B 286 1.24 33.26 0.17
CA GLY B 286 -0.18 33.32 0.45
C GLY B 286 -0.46 32.90 1.88
N SER B 287 -1.58 33.39 2.42
CA SER B 287 -1.99 33.13 3.80
C SER B 287 -2.00 31.66 4.17
N ILE B 288 -2.12 30.78 3.18
CA ILE B 288 -1.97 29.34 3.38
C ILE B 288 -0.70 29.01 4.17
N SER B 289 0.44 29.61 3.81
CA SER B 289 1.70 29.23 4.45
C SER B 289 1.78 29.86 5.85
N ILE B 290 2.37 29.12 6.79
CA ILE B 290 2.70 29.70 8.08
C ILE B 290 3.67 30.88 7.91
N ALA B 291 4.48 30.85 6.84
CA ALA B 291 5.36 31.96 6.50
C ALA B 291 4.65 33.31 6.50
N ARG B 292 3.46 33.35 5.88
CA ARG B 292 2.72 34.60 5.78
C ARG B 292 2.26 35.03 7.17
N GLU B 293 1.79 34.05 7.96
CA GLU B 293 1.33 34.32 9.30
C GLU B 293 2.47 34.86 10.19
N ILE B 294 3.68 34.32 10.00
CA ILE B 294 4.81 34.78 10.79
C ILE B 294 5.13 36.23 10.42
N VAL B 295 5.23 36.50 9.11
CA VAL B 295 5.60 37.83 8.62
C VAL B 295 4.55 38.85 9.06
N GLU B 296 3.27 38.53 8.85
CA GLU B 296 2.16 39.38 9.27
C GLU B 296 2.27 39.67 10.77
N SER B 297 2.45 38.62 11.57
CA SER B 297 2.45 38.79 13.02
C SER B 297 3.63 39.67 13.44
N TRP B 298 4.76 39.54 12.75
CA TRP B 298 5.92 40.36 13.06
C TRP B 298 5.66 41.82 12.65
N ALA B 299 5.19 42.00 11.41
CA ALA B 299 5.04 43.32 10.81
C ALA B 299 4.09 44.21 11.62
N TYR B 300 3.06 43.62 12.24
CA TYR B 300 2.05 44.39 12.97
C TYR B 300 2.21 44.22 14.49
N ALA B 301 3.30 43.60 14.96
CA ALA B 301 3.61 43.61 16.38
C ALA B 301 4.11 45.02 16.71
N PHE C 3 -2.27 -18.66 35.38
CA PHE C 3 -2.74 -17.68 34.36
C PHE C 3 -3.37 -18.44 33.19
N ARG C 4 -4.20 -17.74 32.42
CA ARG C 4 -4.79 -18.25 31.20
C ARG C 4 -4.23 -17.40 30.06
N LEU C 5 -4.36 -17.86 28.82
CA LEU C 5 -4.02 -17.06 27.67
C LEU C 5 -5.00 -15.89 27.60
N ARG C 6 -4.49 -14.71 27.26
CA ARG C 6 -5.33 -13.53 27.12
C ARG C 6 -6.09 -13.62 25.79
N ASN C 7 -5.40 -14.05 24.74
CA ASN C 7 -5.99 -14.14 23.40
C ASN C 7 -5.99 -15.58 22.92
N ILE C 8 -6.98 -15.91 22.10
CA ILE C 8 -6.95 -17.12 21.33
C ILE C 8 -5.79 -16.99 20.35
N PRO C 9 -4.91 -18.00 20.22
CA PRO C 9 -3.81 -17.90 19.25
C PRO C 9 -4.33 -17.69 17.84
N LEU C 10 -3.52 -17.01 17.01
CA LEU C 10 -3.81 -16.95 15.59
C LEU C 10 -3.80 -18.37 15.03
N LEU C 11 -4.72 -18.59 14.10
CA LEU C 11 -4.97 -19.85 13.42
C LEU C 11 -5.88 -20.75 14.27
N SER C 12 -6.23 -20.34 15.51
CA SER C 12 -6.93 -21.24 16.41
C SER C 12 -8.40 -20.93 16.61
N ARG C 13 -9.00 -20.13 15.73
CA ARG C 13 -10.43 -19.81 15.85
C ARG C 13 -11.29 -21.05 15.60
N VAL C 14 -12.42 -21.07 16.32
CA VAL C 14 -13.36 -22.19 16.32
C VAL C 14 -14.51 -21.88 15.37
N GLY C 15 -14.97 -22.90 14.61
CA GLY C 15 -16.24 -22.85 13.91
C GLY C 15 -16.20 -22.96 12.39
N LEU C 16 -15.01 -22.93 11.74
CA LEU C 16 -14.92 -23.02 10.29
C LEU C 16 -15.70 -24.22 9.73
N ASP C 17 -16.53 -24.02 8.69
CA ASP C 17 -17.47 -25.07 8.34
C ASP C 17 -16.80 -26.01 7.35
N ARG C 18 -16.27 -27.14 7.84
CA ARG C 18 -15.49 -28.01 6.98
C ARG C 18 -16.37 -28.89 6.09
N ALA C 19 -17.66 -28.99 6.43
CA ALA C 19 -18.62 -29.78 5.67
C ALA C 19 -18.08 -31.18 5.43
N ASP C 20 -17.74 -31.88 6.51
CA ASP C 20 -17.16 -33.21 6.49
C ASP C 20 -18.05 -34.14 5.64
N GLU C 21 -19.37 -34.00 5.79
CA GLU C 21 -20.33 -34.89 5.15
C GLU C 21 -20.21 -34.82 3.63
N LEU C 22 -19.70 -33.72 3.07
CA LEU C 22 -19.60 -33.61 1.62
C LEU C 22 -18.37 -34.33 1.08
N ARG C 23 -17.41 -34.69 1.95
CA ARG C 23 -16.14 -35.21 1.47
C ARG C 23 -16.31 -36.53 0.72
N SER C 24 -17.22 -37.37 1.24
CA SER C 24 -17.50 -38.68 0.68
C SER C 24 -18.71 -38.62 -0.24
N ASN C 25 -19.10 -37.42 -0.70
CA ASN C 25 -20.24 -37.26 -1.59
C ASN C 25 -19.75 -36.62 -2.89
N PRO C 26 -19.15 -37.42 -3.81
CA PRO C 26 -18.53 -36.85 -4.99
C PRO C 26 -19.50 -36.07 -5.87
N GLU C 27 -20.79 -36.43 -5.81
CA GLU C 27 -21.81 -35.76 -6.59
C GLU C 27 -21.98 -34.32 -6.13
N GLU C 28 -22.16 -34.10 -4.81
CA GLU C 28 -22.32 -32.76 -4.26
C GLU C 28 -21.06 -31.92 -4.49
N LEU C 29 -19.88 -32.54 -4.40
CA LEU C 29 -18.64 -31.83 -4.64
C LEU C 29 -18.59 -31.36 -6.10
N ALA C 30 -18.99 -32.23 -7.03
CA ALA C 30 -18.95 -31.93 -8.45
C ALA C 30 -19.99 -30.86 -8.81
N LYS C 31 -21.13 -30.89 -8.13
CA LYS C 31 -22.19 -29.89 -8.35
C LYS C 31 -21.73 -28.51 -7.89
N GLY C 32 -21.10 -28.44 -6.71
CA GLY C 32 -20.73 -27.16 -6.11
C GLY C 32 -19.57 -26.48 -6.84
N TRP C 33 -18.89 -27.23 -7.72
CA TRP C 33 -17.63 -26.81 -8.29
C TRP C 33 -17.78 -25.57 -9.18
N ALA C 34 -18.86 -25.53 -9.96
CA ALA C 34 -19.05 -24.47 -10.95
C ALA C 34 -19.08 -23.10 -10.27
N GLU C 35 -19.69 -23.01 -9.08
CA GLU C 35 -19.78 -21.78 -8.33
C GLU C 35 -18.73 -21.72 -7.21
N ALA C 36 -17.75 -22.64 -7.18
CA ALA C 36 -16.89 -22.81 -6.02
C ALA C 36 -15.73 -21.80 -6.05
N GLY C 37 -15.23 -21.46 -4.86
CA GLY C 37 -14.01 -20.69 -4.74
C GLY C 37 -12.75 -21.56 -4.69
N LEU C 38 -11.62 -20.95 -5.07
CA LEU C 38 -10.35 -21.63 -5.13
C LEU C 38 -9.26 -20.74 -4.53
N ILE C 39 -8.54 -21.30 -3.56
CA ILE C 39 -7.36 -20.68 -2.96
C ILE C 39 -6.14 -21.39 -3.53
N THR C 40 -5.11 -20.61 -3.85
CA THR C 40 -3.90 -21.13 -4.47
C THR C 40 -2.69 -20.81 -3.60
N LEU C 41 -1.93 -21.86 -3.28
CA LEU C 41 -0.70 -21.76 -2.49
C LEU C 41 0.46 -22.14 -3.40
N ASP C 42 1.60 -21.46 -3.24
CA ASP C 42 2.80 -21.85 -3.96
C ASP C 42 3.53 -22.93 -3.14
N VAL C 43 4.66 -23.38 -3.67
CA VAL C 43 5.40 -24.51 -3.12
C VAL C 43 5.94 -24.19 -1.73
N ARG C 44 6.13 -22.92 -1.41
CA ARG C 44 6.58 -22.55 -0.08
C ARG C 44 5.42 -22.25 0.86
N GLY C 45 4.18 -22.48 0.39
CA GLY C 45 3.01 -22.28 1.22
C GLY C 45 2.59 -20.82 1.33
N ARG C 46 3.01 -19.98 0.39
CA ARG C 46 2.64 -18.57 0.39
C ARG C 46 1.37 -18.35 -0.41
N VAL C 47 0.65 -17.25 -0.10
CA VAL C 47 -0.65 -16.97 -0.71
C VAL C 47 -0.79 -15.47 -0.98
N ASN C 48 -1.81 -15.13 -1.78
CA ASN C 48 -2.19 -13.77 -2.07
C ASN C 48 -3.24 -13.30 -1.06
N ILE C 49 -3.12 -12.03 -0.65
CA ILE C 49 -4.11 -11.38 0.20
C ILE C 49 -4.71 -10.15 -0.51
N VAL C 50 -5.99 -9.86 -0.25
CA VAL C 50 -6.66 -8.66 -0.71
C VAL C 50 -7.60 -8.21 0.39
N ASP C 51 -7.54 -6.96 0.82
CA ASP C 51 -8.48 -6.42 1.81
C ASP C 51 -8.53 -7.28 3.06
N GLY C 52 -7.37 -7.75 3.57
CA GLY C 52 -7.32 -8.49 4.83
C GLY C 52 -7.87 -9.93 4.72
N GLN C 53 -8.04 -10.41 3.48
CA GLN C 53 -8.65 -11.70 3.24
C GLN C 53 -7.86 -12.47 2.19
N VAL C 54 -7.94 -13.80 2.27
CA VAL C 54 -7.29 -14.66 1.28
C VAL C 54 -8.00 -14.43 -0.05
N VAL C 55 -7.24 -14.42 -1.14
CA VAL C 55 -7.83 -14.32 -2.47
C VAL C 55 -8.56 -15.63 -2.78
N ILE C 56 -9.85 -15.51 -3.11
CA ILE C 56 -10.67 -16.64 -3.53
C ILE C 56 -10.99 -16.44 -5.01
N GLU C 57 -10.42 -17.28 -5.89
CA GLU C 57 -10.67 -17.21 -7.31
C GLU C 57 -11.79 -18.18 -7.67
N ASP C 58 -12.26 -18.13 -8.93
CA ASP C 58 -13.34 -19.03 -9.35
C ASP C 58 -12.72 -20.37 -9.69
N ALA C 59 -13.15 -21.42 -8.98
CA ALA C 59 -12.64 -22.77 -9.19
C ALA C 59 -12.77 -23.19 -10.65
N ALA C 60 -13.89 -22.81 -11.27
CA ALA C 60 -14.25 -23.24 -12.62
C ALA C 60 -13.17 -22.85 -13.63
N ARG C 61 -12.37 -21.81 -13.33
CA ARG C 61 -11.30 -21.39 -14.24
C ARG C 61 -10.24 -22.47 -14.46
N ILE C 62 -10.02 -23.40 -13.54
CA ILE C 62 -8.94 -24.37 -13.73
C ILE C 62 -9.47 -25.67 -14.33
N GLY C 63 -10.79 -25.79 -14.51
CA GLY C 63 -11.37 -27.03 -15.02
C GLY C 63 -12.86 -27.13 -14.69
N ASP C 64 -13.53 -28.14 -15.26
CA ASP C 64 -14.97 -28.27 -15.11
C ASP C 64 -15.32 -29.20 -13.95
N GLN C 65 -14.33 -29.90 -13.41
CA GLN C 65 -14.50 -30.78 -12.25
C GLN C 65 -13.37 -30.55 -11.26
N PRO C 66 -13.56 -30.87 -9.96
CA PRO C 66 -12.47 -30.79 -8.97
C PRO C 66 -11.30 -31.68 -9.36
N PRO C 67 -10.09 -31.14 -9.60
CA PRO C 67 -8.94 -32.00 -9.88
C PRO C 67 -8.56 -32.82 -8.65
N GLU C 68 -7.85 -33.92 -8.91
CA GLU C 68 -7.45 -34.94 -7.95
C GLU C 68 -6.63 -34.34 -6.81
N HIS C 69 -5.82 -33.33 -7.16
CA HIS C 69 -4.83 -32.77 -6.24
C HIS C 69 -5.41 -31.60 -5.46
N ALA C 70 -6.70 -31.33 -5.63
CA ALA C 70 -7.34 -30.23 -4.91
C ALA C 70 -7.84 -30.75 -3.58
N VAL C 71 -7.91 -29.86 -2.59
CA VAL C 71 -8.40 -30.21 -1.28
C VAL C 71 -9.62 -29.36 -0.97
N PHE C 72 -10.72 -30.04 -0.62
CA PHE C 72 -11.97 -29.39 -0.29
C PHE C 72 -11.91 -28.87 1.15
N LEU C 73 -11.95 -27.55 1.32
CA LEU C 73 -11.76 -26.95 2.64
C LEU C 73 -13.07 -26.79 3.38
N GLY C 74 -14.20 -26.78 2.66
CA GLY C 74 -15.49 -26.62 3.28
C GLY C 74 -16.30 -25.51 2.62
N ARG C 75 -17.11 -24.83 3.44
CA ARG C 75 -18.00 -23.79 2.99
C ARG C 75 -17.67 -22.52 3.73
N ILE C 76 -17.76 -21.39 3.03
CA ILE C 76 -17.69 -20.10 3.70
C ILE C 76 -19.12 -19.63 3.98
N PRO C 77 -19.30 -18.65 4.89
CA PRO C 77 -20.63 -18.11 5.17
C PRO C 77 -21.40 -17.79 3.89
N GLY C 78 -22.61 -18.36 3.78
CA GLY C 78 -23.40 -18.24 2.56
C GLY C 78 -23.41 -19.54 1.76
N GLY C 79 -22.56 -20.50 2.11
CA GLY C 79 -22.67 -21.84 1.57
C GLY C 79 -21.83 -22.09 0.31
N ARG C 80 -20.97 -21.15 -0.08
CA ARG C 80 -20.07 -21.39 -1.21
C ARG C 80 -18.95 -22.38 -0.81
N HIS C 81 -18.71 -23.37 -1.68
CA HIS C 81 -17.64 -24.33 -1.48
C HIS C 81 -16.29 -23.66 -1.75
N VAL C 82 -15.26 -24.02 -0.98
CA VAL C 82 -13.92 -23.51 -1.24
C VAL C 82 -12.93 -24.67 -1.27
N TRP C 83 -12.04 -24.64 -2.27
CA TRP C 83 -11.01 -25.65 -2.44
C TRP C 83 -9.64 -24.99 -2.42
N ALA C 84 -8.59 -25.78 -2.19
CA ALA C 84 -7.22 -25.31 -2.30
C ALA C 84 -6.41 -26.17 -3.27
N VAL C 85 -5.49 -25.52 -4.00
CA VAL C 85 -4.53 -26.21 -4.84
C VAL C 85 -3.16 -25.57 -4.69
N ARG C 86 -2.14 -26.35 -5.03
CA ARG C 86 -0.78 -25.86 -5.25
C ARG C 86 -0.68 -25.26 -6.65
N ALA C 87 0.01 -24.15 -6.80
CA ALA C 87 0.30 -23.61 -8.13
C ALA C 87 1.43 -22.59 -8.02
N ASP C 88 2.07 -22.30 -9.15
CA ASP C 88 2.97 -21.17 -9.31
C ASP C 88 2.14 -19.89 -9.24
N LEU C 89 2.55 -18.97 -8.36
CA LEU C 89 1.86 -17.68 -8.28
C LEU C 89 2.67 -16.56 -8.93
N SER C 93 3.01 -11.74 -9.77
CA SER C 93 2.97 -10.26 -9.87
C SER C 93 2.15 -9.61 -8.76
N ALA C 94 1.57 -10.40 -7.84
CA ALA C 94 0.93 -9.91 -6.63
C ALA C 94 1.78 -10.24 -5.40
N PRO C 95 1.65 -9.49 -4.28
CA PRO C 95 2.50 -9.75 -3.11
C PRO C 95 2.14 -11.10 -2.52
N LEU C 96 3.14 -11.89 -2.15
CA LEU C 96 2.90 -13.18 -1.50
C LEU C 96 3.18 -13.03 -0.01
N LEU C 97 2.26 -13.52 0.83
CA LEU C 97 2.49 -13.56 2.27
C LEU C 97 2.92 -14.96 2.70
N ASP C 98 3.84 -15.01 3.67
CA ASP C 98 4.12 -16.21 4.47
C ASP C 98 3.36 -16.08 5.79
N LEU C 99 2.60 -17.12 6.13
CA LEU C 99 1.62 -17.05 7.19
C LEU C 99 2.30 -16.80 8.52
N ARG C 100 3.48 -17.38 8.72
CA ARG C 100 4.22 -17.33 9.97
C ARG C 100 4.62 -15.91 10.34
N ARG C 101 5.00 -15.08 9.35
CA ARG C 101 5.50 -13.73 9.60
C ARG C 101 4.38 -12.70 9.42
N SER C 102 3.42 -12.93 8.51
CA SER C 102 2.46 -11.90 8.15
C SER C 102 1.01 -12.36 8.37
N GLY C 103 0.81 -13.52 8.98
CA GLY C 103 -0.51 -14.08 9.16
C GLY C 103 -1.48 -13.16 9.91
N GLN C 104 -0.97 -12.26 10.74
CA GLN C 104 -1.77 -11.30 11.48
C GLN C 104 -2.62 -10.42 10.56
N LEU C 105 -2.26 -10.31 9.27
CA LEU C 105 -2.99 -9.45 8.34
C LEU C 105 -4.37 -10.01 7.98
N PHE C 106 -4.55 -11.33 8.13
CA PHE C 106 -5.73 -12.01 7.65
C PHE C 106 -6.81 -11.97 8.72
N ASP C 107 -8.06 -11.95 8.26
CA ASP C 107 -9.18 -12.26 9.14
C ASP C 107 -9.11 -13.74 9.55
N ASP C 108 -9.81 -14.04 10.63
CA ASP C 108 -9.82 -15.35 11.28
C ASP C 108 -10.14 -16.47 10.31
N THR C 109 -11.19 -16.29 9.50
CA THR C 109 -11.64 -17.32 8.56
C THR C 109 -10.56 -17.58 7.51
N SER C 110 -9.96 -16.49 7.00
CA SER C 110 -8.90 -16.62 6.01
C SER C 110 -7.71 -17.39 6.61
N ALA C 111 -7.38 -17.06 7.86
CA ALA C 111 -6.23 -17.66 8.51
C ALA C 111 -6.44 -19.17 8.64
N ALA C 112 -7.65 -19.58 9.01
CA ALA C 112 -8.01 -20.98 9.19
C ALA C 112 -8.03 -21.72 7.86
N LEU C 113 -8.58 -21.09 6.82
CA LEU C 113 -8.57 -21.69 5.49
C LEU C 113 -7.14 -21.95 5.06
N LEU C 114 -6.26 -20.97 5.29
CA LEU C 114 -4.88 -21.08 4.86
C LEU C 114 -4.11 -22.13 5.67
N ALA C 115 -4.31 -22.14 6.98
CA ALA C 115 -3.67 -23.13 7.83
C ALA C 115 -4.04 -24.54 7.37
N THR C 116 -5.33 -24.77 7.11
CA THR C 116 -5.82 -26.05 6.62
C THR C 116 -5.20 -26.39 5.26
N ALA C 117 -5.26 -25.44 4.32
CA ALA C 117 -4.77 -25.69 2.98
C ALA C 117 -3.29 -26.03 3.01
N MET C 118 -2.53 -25.26 3.80
CA MET C 118 -1.10 -25.45 3.91
C MET C 118 -0.77 -26.86 4.42
N ALA C 119 -1.41 -27.22 5.52
CA ALA C 119 -1.18 -28.52 6.18
C ALA C 119 -1.55 -29.66 5.22
N MET C 120 -2.70 -29.52 4.56
CA MET C 120 -3.24 -30.61 3.77
C MET C 120 -2.43 -30.79 2.49
N LEU C 121 -2.06 -29.70 1.81
CA LEU C 121 -1.27 -29.82 0.59
C LEU C 121 0.15 -30.33 0.91
N ALA C 122 0.71 -29.90 2.04
CA ALA C 122 2.01 -30.42 2.46
C ALA C 122 1.90 -31.92 2.74
N TRP C 123 0.82 -32.35 3.39
CA TRP C 123 0.62 -33.76 3.62
C TRP C 123 0.64 -34.55 2.30
N HIS C 124 -0.17 -34.10 1.33
CA HIS C 124 -0.25 -34.78 0.04
C HIS C 124 1.15 -34.93 -0.57
N ASP C 125 1.94 -33.85 -0.55
CA ASP C 125 3.29 -33.86 -1.07
C ASP C 125 4.15 -34.94 -0.40
N ASN C 126 3.84 -35.29 0.85
CA ASN C 126 4.66 -36.23 1.63
C ASN C 126 3.97 -37.56 1.89
N ALA C 127 2.87 -37.85 1.17
CA ALA C 127 2.09 -39.05 1.44
C ALA C 127 1.75 -39.80 0.16
N GLY C 128 2.55 -39.59 -0.89
CA GLY C 128 2.35 -40.24 -2.17
C GLY C 128 2.43 -41.77 -2.12
N TYR C 129 3.03 -42.34 -1.07
CA TYR C 129 3.18 -43.79 -0.97
C TYR C 129 2.77 -44.29 0.41
N SER C 130 2.35 -45.57 0.46
CA SER C 130 2.00 -46.22 1.71
C SER C 130 3.27 -46.43 2.52
N PRO C 131 3.31 -46.01 3.81
CA PRO C 131 4.41 -46.37 4.69
C PRO C 131 4.40 -47.86 5.03
N VAL C 132 3.24 -48.51 4.82
CA VAL C 132 3.05 -49.90 5.22
C VAL C 132 3.73 -50.82 4.20
N ASP C 133 3.50 -50.60 2.90
CA ASP C 133 3.97 -51.54 1.90
C ASP C 133 4.61 -50.83 0.71
N GLY C 134 4.66 -49.50 0.69
CA GLY C 134 5.34 -48.79 -0.38
C GLY C 134 4.49 -48.55 -1.63
N SER C 135 3.25 -49.04 -1.69
CA SER C 135 2.40 -48.82 -2.86
C SER C 135 2.08 -47.33 -3.04
N PRO C 136 1.99 -46.83 -4.29
CA PRO C 136 1.46 -45.48 -4.53
C PRO C 136 0.08 -45.32 -3.91
N THR C 137 -0.23 -44.10 -3.45
CA THR C 137 -1.53 -43.80 -2.92
C THR C 137 -2.19 -42.78 -3.84
N ILE C 138 -3.52 -42.78 -3.87
CA ILE C 138 -4.30 -41.94 -4.76
C ILE C 138 -5.21 -41.10 -3.88
N PRO C 139 -5.26 -39.77 -4.06
CA PRO C 139 -6.13 -38.95 -3.22
C PRO C 139 -7.59 -39.30 -3.49
N ALA C 140 -8.44 -39.14 -2.47
CA ALA C 140 -9.86 -39.39 -2.58
C ALA C 140 -10.56 -38.57 -1.49
N LYS C 141 -11.88 -38.63 -1.48
CA LYS C 141 -12.74 -37.94 -0.53
C LYS C 141 -12.36 -36.47 -0.43
N GLY C 142 -12.33 -35.78 -1.56
CA GLY C 142 -12.10 -34.36 -1.60
C GLY C 142 -10.70 -33.99 -1.10
N GLY C 143 -9.77 -34.95 -1.18
CA GLY C 143 -8.41 -34.77 -0.72
C GLY C 143 -8.18 -35.09 0.75
N TRP C 144 -9.13 -35.75 1.43
CA TRP C 144 -9.02 -35.98 2.87
C TRP C 144 -8.49 -37.37 3.21
N VAL C 145 -8.34 -38.23 2.21
CA VAL C 145 -7.60 -39.47 2.39
C VAL C 145 -6.78 -39.68 1.13
N ARG C 146 -5.84 -40.61 1.25
CA ARG C 146 -5.18 -41.20 0.10
C ARG C 146 -5.32 -42.72 0.22
N VAL C 147 -5.60 -43.37 -0.91
CA VAL C 147 -5.97 -44.78 -0.92
C VAL C 147 -4.78 -45.57 -1.48
N ASN C 148 -4.40 -46.63 -0.75
CA ASN C 148 -3.39 -47.56 -1.21
C ASN C 148 -3.89 -48.20 -2.51
N SER C 149 -3.16 -48.00 -3.60
CA SER C 149 -3.58 -48.46 -4.92
C SER C 149 -3.66 -49.99 -4.96
N ALA C 150 -2.82 -50.68 -4.18
CA ALA C 150 -2.79 -52.12 -4.16
C ALA C 150 -3.86 -52.70 -3.24
N THR C 151 -4.02 -52.15 -2.02
CA THR C 151 -4.85 -52.82 -1.02
C THR C 151 -6.16 -52.11 -0.76
N GLY C 152 -6.30 -50.84 -1.19
CA GLY C 152 -7.49 -50.08 -0.84
C GLY C 152 -7.46 -49.50 0.58
N GLN C 153 -6.38 -49.72 1.34
CA GLN C 153 -6.25 -49.16 2.68
C GLN C 153 -6.14 -47.63 2.60
N GLU C 154 -6.89 -46.93 3.45
CA GLU C 154 -6.85 -45.48 3.54
C GLU C 154 -5.69 -45.02 4.42
N GLU C 155 -4.96 -44.01 3.94
CA GLU C 155 -4.02 -43.22 4.72
C GLU C 155 -4.64 -41.85 5.04
N PHE C 156 -4.39 -41.35 6.25
CA PHE C 156 -5.01 -40.15 6.78
C PHE C 156 -3.98 -39.05 7.04
N PRO C 157 -4.38 -37.75 6.96
CA PRO C 157 -3.46 -36.64 7.20
C PRO C 157 -2.76 -36.72 8.55
N ARG C 158 -1.49 -36.37 8.55
CA ARG C 158 -0.66 -36.49 9.73
C ARG C 158 -0.43 -35.11 10.35
N THR C 159 -0.66 -35.06 11.66
CA THR C 159 -0.37 -33.89 12.47
C THR C 159 0.40 -34.35 13.69
N ASP C 160 1.67 -33.90 13.80
CA ASP C 160 2.53 -34.30 14.91
C ASP C 160 2.31 -33.36 16.09
N PRO C 161 1.87 -33.87 17.26
CA PRO C 161 1.70 -33.02 18.43
C PRO C 161 3.06 -32.65 19.02
N ALA C 162 3.22 -31.37 19.34
CA ALA C 162 4.41 -30.89 20.00
C ALA C 162 3.97 -30.01 21.17
N ILE C 163 4.73 -30.08 22.27
CA ILE C 163 4.48 -29.25 23.41
C ILE C 163 5.44 -28.07 23.35
N ILE C 164 5.00 -26.97 23.96
CA ILE C 164 5.83 -25.80 24.16
C ILE C 164 5.49 -25.25 25.55
N CYS C 165 6.54 -25.04 26.38
CA CYS C 165 6.33 -24.83 27.79
C CYS C 165 7.05 -23.59 28.31
N LEU C 166 6.30 -22.80 29.10
CA LEU C 166 6.86 -21.76 29.94
C LEU C 166 7.00 -22.31 31.37
N VAL C 167 8.23 -22.59 31.77
CA VAL C 167 8.56 -22.92 33.14
C VAL C 167 8.70 -21.62 33.94
N HIS C 168 7.99 -21.50 35.05
CA HIS C 168 8.10 -20.36 35.94
C HIS C 168 8.20 -20.82 37.40
N ASP C 169 8.46 -19.84 38.30
CA ASP C 169 8.74 -20.14 39.69
C ASP C 169 7.50 -20.00 40.56
N GLY C 170 6.35 -19.71 39.94
CA GLY C 170 5.11 -19.49 40.66
C GLY C 170 4.94 -18.01 41.02
N GLY C 171 5.98 -17.20 40.76
CA GLY C 171 5.96 -15.79 41.04
C GLY C 171 6.32 -14.95 39.82
N ASP C 172 7.53 -14.39 39.77
CA ASP C 172 7.82 -13.32 38.82
C ASP C 172 8.99 -13.70 37.94
N ARG C 173 9.39 -14.98 37.90
CA ARG C 173 10.50 -15.39 37.07
C ARG C 173 10.14 -16.60 36.22
N ALA C 174 10.68 -16.62 35.00
CA ALA C 174 10.37 -17.64 34.01
C ALA C 174 11.63 -18.01 33.24
N VAL C 175 11.74 -19.29 32.89
CA VAL C 175 12.88 -19.80 32.13
C VAL C 175 12.64 -19.52 30.65
N LEU C 176 13.67 -18.98 29.99
CA LEU C 176 13.76 -18.98 28.54
C LEU C 176 15.11 -19.59 28.18
N GLY C 177 15.17 -20.19 26.99
CA GLY C 177 16.32 -20.94 26.54
C GLY C 177 16.71 -20.55 25.10
N ARG C 178 17.99 -20.69 24.79
CA ARG C 178 18.54 -20.28 23.51
C ARG C 178 19.18 -21.52 22.86
N PHE C 181 24.69 -20.74 19.52
CA PHE C 181 24.83 -20.29 18.12
C PHE C 181 23.48 -19.79 17.56
N TRP C 182 22.57 -19.46 18.46
CA TRP C 182 21.44 -18.60 18.12
C TRP C 182 21.93 -17.15 18.17
N PRO C 183 21.29 -16.21 17.43
CA PRO C 183 21.54 -14.78 17.61
C PRO C 183 21.52 -14.31 19.06
N GLU C 184 22.46 -13.43 19.43
CA GLU C 184 22.64 -13.07 20.82
C GLU C 184 21.30 -12.57 21.34
N ARG C 185 20.96 -12.96 22.58
CA ARG C 185 19.81 -12.44 23.30
C ARG C 185 18.47 -13.00 22.77
N MET C 186 18.53 -13.93 21.81
CA MET C 186 17.33 -14.59 21.32
C MET C 186 17.04 -15.79 22.21
N PHE C 187 16.05 -15.65 23.11
CA PHE C 187 15.58 -16.74 23.96
C PHE C 187 14.12 -17.04 23.63
N SER C 188 13.69 -18.28 23.88
CA SER C 188 12.27 -18.64 23.77
C SER C 188 11.90 -19.77 24.72
N LEU C 189 10.64 -20.24 24.58
CA LEU C 189 10.11 -21.32 25.40
C LEU C 189 10.76 -22.64 25.00
N LEU C 190 10.58 -23.67 25.82
CA LEU C 190 11.11 -24.99 25.56
C LEU C 190 10.05 -25.84 24.87
N ALA C 191 10.48 -26.57 23.82
CA ALA C 191 9.56 -27.23 22.91
C ALA C 191 10.05 -28.64 22.60
N GLY C 192 9.13 -29.55 22.33
CA GLY C 192 9.51 -30.86 21.81
C GLY C 192 8.29 -31.66 21.33
N PHE C 193 8.57 -32.69 20.52
CA PHE C 193 7.55 -33.56 19.99
C PHE C 193 7.12 -34.55 21.06
N VAL C 194 5.81 -34.84 21.11
CA VAL C 194 5.27 -35.88 21.94
C VAL C 194 5.70 -37.22 21.35
N GLU C 195 6.23 -38.10 22.21
CA GLU C 195 6.64 -39.42 21.79
C GLU C 195 5.53 -40.44 22.07
N ALA C 196 5.64 -41.58 21.39
CA ALA C 196 4.80 -42.73 21.66
C ALA C 196 4.89 -43.14 23.12
N GLY C 197 3.74 -43.45 23.71
CA GLY C 197 3.72 -44.07 25.01
C GLY C 197 3.71 -43.08 26.17
N GLU C 198 3.64 -41.77 25.89
CA GLU C 198 3.67 -40.80 26.98
C GLU C 198 2.48 -39.85 26.88
N SER C 199 2.07 -39.36 28.06
CA SER C 199 1.07 -38.31 28.17
C SER C 199 1.69 -36.97 27.80
N LEU C 200 0.85 -35.95 27.59
CA LEU C 200 1.37 -34.61 27.34
C LEU C 200 2.13 -34.11 28.56
N GLU C 201 1.62 -34.40 29.76
CA GLU C 201 2.23 -33.95 31.01
C GLU C 201 3.60 -34.57 31.15
N ALA C 202 3.71 -35.88 30.87
CA ALA C 202 5.00 -36.56 30.94
C ALA C 202 5.95 -36.02 29.87
N CYS C 203 5.41 -35.72 28.69
CA CYS C 203 6.23 -35.17 27.62
C CYS C 203 6.81 -33.81 28.03
N VAL C 204 5.99 -32.95 28.63
CA VAL C 204 6.47 -31.64 29.06
C VAL C 204 7.61 -31.80 30.08
N ALA C 205 7.39 -32.62 31.11
CA ALA C 205 8.40 -32.82 32.14
C ALA C 205 9.68 -33.39 31.52
N ARG C 206 9.53 -34.39 30.64
CA ARG C 206 10.68 -35.04 30.02
C ARG C 206 11.47 -34.00 29.23
N GLU C 207 10.79 -33.19 28.40
CA GLU C 207 11.45 -32.28 27.50
C GLU C 207 12.15 -31.17 28.28
N VAL C 208 11.52 -30.63 29.31
CA VAL C 208 12.17 -29.61 30.12
C VAL C 208 13.44 -30.18 30.76
N ALA C 209 13.35 -31.41 31.31
CA ALA C 209 14.50 -32.06 31.92
C ALA C 209 15.61 -32.26 30.89
N GLU C 210 15.28 -32.76 29.70
CA GLU C 210 16.25 -33.01 28.64
C GLU C 210 16.95 -31.73 28.24
N GLU C 211 16.23 -30.61 28.18
CA GLU C 211 16.79 -29.41 27.56
C GLU C 211 17.56 -28.58 28.57
N VAL C 212 17.01 -28.39 29.77
CA VAL C 212 17.61 -27.48 30.72
C VAL C 212 17.73 -28.11 32.10
N GLY C 213 17.43 -29.42 32.25
CA GLY C 213 17.78 -30.17 33.44
C GLY C 213 16.91 -29.89 34.64
N LEU C 214 15.83 -29.09 34.47
CA LEU C 214 14.94 -28.83 35.59
C LEU C 214 13.87 -29.91 35.72
N THR C 215 13.53 -30.18 36.99
CA THR C 215 12.40 -30.97 37.37
C THR C 215 11.21 -30.05 37.58
N VAL C 216 10.11 -30.28 36.86
CA VAL C 216 8.99 -29.35 36.93
C VAL C 216 7.76 -30.13 37.38
N THR C 217 6.83 -29.39 37.99
CA THR C 217 5.59 -29.93 38.49
C THR C 217 4.47 -29.02 38.01
N ASP C 218 3.22 -29.43 38.33
CA ASP C 218 2.04 -28.62 38.03
C ASP C 218 2.01 -28.25 36.54
N VAL C 219 2.24 -29.24 35.66
CA VAL C 219 2.14 -29.03 34.23
C VAL C 219 0.69 -28.70 33.87
N GLN C 220 0.47 -27.53 33.30
CA GLN C 220 -0.88 -27.01 33.07
C GLN C 220 -1.00 -26.53 31.63
N TYR C 221 -2.09 -26.97 30.98
CA TYR C 221 -2.35 -26.64 29.60
C TYR C 221 -2.89 -25.22 29.46
N LEU C 222 -2.45 -24.52 28.41
CA LEU C 222 -2.86 -23.16 28.15
C LEU C 222 -3.68 -23.05 26.87
N GLY C 223 -3.33 -23.84 25.83
CA GLY C 223 -3.95 -23.67 24.54
C GLY C 223 -3.23 -24.44 23.44
N SER C 224 -3.72 -24.26 22.21
CA SER C 224 -3.19 -25.01 21.09
C SER C 224 -3.27 -24.17 19.84
N GLN C 225 -2.41 -24.51 18.88
CA GLN C 225 -2.36 -23.79 17.63
C GLN C 225 -1.89 -24.73 16.54
N PRO C 226 -2.63 -24.82 15.41
CA PRO C 226 -2.12 -25.54 14.24
C PRO C 226 -0.83 -24.87 13.79
N TRP C 227 0.13 -25.68 13.34
CA TRP C 227 1.44 -25.17 13.04
C TRP C 227 1.98 -25.92 11.84
N PRO C 228 1.42 -25.65 10.65
CA PRO C 228 1.71 -26.44 9.46
C PRO C 228 3.06 -26.10 8.83
N PHE C 229 4.12 -26.25 9.60
CA PHE C 229 5.44 -25.89 9.13
C PHE C 229 6.42 -27.04 9.38
N PRO C 230 6.22 -28.23 8.78
CA PRO C 230 5.11 -28.51 7.88
C PRO C 230 3.87 -29.19 8.46
N ARG C 231 3.95 -29.76 9.67
CA ARG C 231 2.86 -30.66 10.07
C ARG C 231 2.70 -30.79 11.58
N SER C 232 2.84 -29.70 12.34
CA SER C 232 2.69 -29.79 13.78
C SER C 232 1.34 -29.24 14.23
N ILE C 233 0.97 -29.63 15.46
CA ILE C 233 0.06 -28.85 16.27
C ILE C 233 0.80 -28.54 17.57
N MET C 234 0.85 -27.25 17.93
CA MET C 234 1.59 -26.82 19.10
C MET C 234 0.64 -26.79 20.27
N LEU C 235 1.03 -27.45 21.37
CA LEU C 235 0.22 -27.54 22.57
C LEU C 235 0.97 -26.80 23.70
N GLY C 236 0.38 -25.67 24.12
CA GLY C 236 1.03 -24.75 25.02
C GLY C 236 0.78 -25.12 26.48
N PHE C 237 1.84 -25.06 27.29
CA PHE C 237 1.78 -25.40 28.70
C PHE C 237 2.60 -24.40 29.52
N HIS C 238 2.31 -24.37 30.83
CA HIS C 238 3.25 -23.81 31.80
C HIS C 238 3.50 -24.85 32.88
N ALA C 239 4.65 -24.70 33.56
CA ALA C 239 5.02 -25.63 34.62
C ALA C 239 5.80 -24.86 35.69
N ILE C 240 5.82 -25.42 36.91
CA ILE C 240 6.53 -24.81 38.03
C ILE C 240 7.91 -25.48 38.13
N GLY C 241 8.95 -24.64 38.04
CA GLY C 241 10.31 -25.08 38.30
C GLY C 241 10.87 -24.39 39.55
N ASP C 242 12.04 -24.86 40.00
CA ASP C 242 12.68 -24.36 41.22
C ASP C 242 13.98 -23.65 40.82
N PRO C 243 14.08 -22.32 40.94
CA PRO C 243 15.30 -21.60 40.51
C PRO C 243 16.54 -21.93 41.35
N SER C 244 16.38 -22.57 42.52
CA SER C 244 17.53 -22.99 43.31
C SER C 244 18.16 -24.25 42.73
N GLN C 245 17.42 -24.97 41.88
CA GLN C 245 17.98 -26.10 41.13
C GLN C 245 18.76 -25.52 39.95
N PRO C 246 19.99 -25.99 39.67
CA PRO C 246 20.78 -25.44 38.58
C PRO C 246 20.38 -26.05 37.23
N PHE C 247 20.61 -25.29 36.17
CA PHE C 247 20.43 -25.79 34.82
C PHE C 247 21.41 -26.92 34.56
N ALA C 248 21.14 -27.69 33.51
CA ALA C 248 22.02 -28.73 33.01
C ALA C 248 21.65 -29.01 31.55
N PHE C 249 22.59 -28.76 30.64
CA PHE C 249 22.31 -28.76 29.22
C PHE C 249 22.85 -30.10 28.69
N ASN C 250 22.17 -30.67 27.67
CA ASN C 250 22.63 -31.79 26.88
C ASN C 250 21.50 -32.25 25.94
N GLY C 252 18.74 -32.58 24.59
CA GLY C 252 18.32 -31.17 24.40
C GLY C 252 19.34 -30.36 23.60
N GLU C 253 18.87 -29.26 22.99
CA GLU C 253 19.66 -28.51 22.03
C GLU C 253 19.95 -27.12 22.55
N ILE C 254 20.04 -26.95 23.88
CA ILE C 254 20.09 -25.62 24.49
C ILE C 254 21.55 -25.27 24.82
N ALA C 255 21.97 -24.08 24.38
CA ALA C 255 23.30 -23.56 24.64
C ALA C 255 23.32 -22.82 25.97
N GLU C 256 22.28 -22.03 26.23
CA GLU C 256 22.16 -21.36 27.52
C GLU C 256 20.68 -21.10 27.83
N ALA C 257 20.42 -20.88 29.11
CA ALA C 257 19.08 -20.57 29.59
C ALA C 257 19.23 -19.73 30.86
N ASP C 258 18.20 -18.98 31.21
CA ASP C 258 18.25 -18.20 32.43
C ASP C 258 16.82 -17.96 32.89
N TRP C 259 16.70 -17.51 34.14
CA TRP C 259 15.46 -17.00 34.69
C TRP C 259 15.37 -15.51 34.37
N PHE C 260 14.20 -15.09 33.87
CA PHE C 260 13.92 -13.71 33.53
C PHE C 260 12.72 -13.24 34.35
N THR C 261 12.72 -11.97 34.74
CA THR C 261 11.63 -11.40 35.52
C THR C 261 10.51 -10.98 34.58
N ARG C 262 9.31 -10.74 35.13
CA ARG C 262 8.19 -10.21 34.36
C ARG C 262 8.58 -8.89 33.74
N ALA C 263 9.37 -8.08 34.47
CA ALA C 263 9.74 -6.75 34.01
C ALA C 263 10.60 -6.85 32.75
N GLU C 264 11.65 -7.69 32.80
CA GLU C 264 12.49 -7.94 31.64
C GLU C 264 11.63 -8.38 30.45
N VAL C 265 10.72 -9.32 30.70
CA VAL C 265 9.94 -9.92 29.62
C VAL C 265 9.01 -8.85 29.03
N ARG C 266 8.28 -8.11 29.88
CA ARG C 266 7.40 -7.05 29.39
C ARG C 266 8.20 -6.08 28.52
N SER C 267 9.38 -5.70 29.01
CA SER C 267 10.26 -4.79 28.29
C SER C 267 10.62 -5.37 26.93
N ALA C 268 11.05 -6.63 26.88
CA ALA C 268 11.44 -7.26 25.63
C ALA C 268 10.24 -7.40 24.69
N LEU C 269 9.03 -7.55 25.24
CA LEU C 269 7.82 -7.67 24.43
C LEU C 269 7.52 -6.34 23.76
N GLU C 270 7.63 -5.23 24.51
CA GLU C 270 7.39 -3.89 24.02
C GLU C 270 8.32 -3.56 22.84
N ALA C 271 9.55 -4.09 22.84
CA ALA C 271 10.36 -4.12 21.64
C ALA C 271 9.81 -5.19 20.69
N SER C 280 16.84 -5.68 27.46
CA SER C 280 18.09 -5.39 26.69
C SER C 280 18.93 -6.66 26.53
N ARG C 281 19.01 -7.49 27.58
CA ARG C 281 19.67 -8.78 27.44
C ARG C 281 18.72 -9.82 26.83
N LEU C 282 17.43 -9.47 26.65
CA LEU C 282 16.44 -10.36 26.09
C LEU C 282 15.75 -9.74 24.88
N MET C 283 15.81 -10.43 23.73
CA MET C 283 15.07 -10.06 22.53
C MET C 283 13.94 -11.08 22.31
N LEU C 284 12.70 -10.58 22.23
CA LEU C 284 11.55 -11.36 21.82
C LEU C 284 10.99 -10.80 20.52
N PRO C 285 11.28 -11.44 19.34
CA PRO C 285 10.79 -10.94 18.06
C PRO C 285 9.27 -11.07 17.93
N GLY C 286 8.70 -10.33 16.96
CA GLY C 286 7.30 -10.50 16.59
C GLY C 286 7.07 -11.88 15.97
N SER C 287 5.85 -12.41 16.12
CA SER C 287 5.56 -13.79 15.80
C SER C 287 4.06 -14.07 15.95
N ILE C 288 3.48 -14.93 15.09
CA ILE C 288 2.11 -15.39 15.31
C ILE C 288 2.07 -16.62 16.22
N SER C 289 3.22 -17.04 16.75
CA SER C 289 3.34 -18.27 17.51
C SER C 289 2.62 -18.15 18.85
N ILE C 290 2.03 -19.28 19.26
CA ILE C 290 1.46 -19.40 20.58
C ILE C 290 2.53 -19.10 21.65
N ALA C 291 3.80 -19.36 21.36
CA ALA C 291 4.90 -19.03 22.26
C ALA C 291 4.82 -17.59 22.77
N ARG C 292 4.58 -16.66 21.85
CA ARG C 292 4.56 -15.24 22.19
C ARG C 292 3.35 -14.95 23.05
N GLU C 293 2.21 -15.56 22.69
CA GLU C 293 0.98 -15.38 23.44
C GLU C 293 1.11 -15.93 24.85
N ILE C 294 1.84 -17.05 25.03
CA ILE C 294 2.07 -17.61 26.36
C ILE C 294 2.89 -16.61 27.19
N VAL C 295 3.99 -16.15 26.62
CA VAL C 295 4.92 -15.28 27.34
C VAL C 295 4.19 -13.98 27.71
N GLU C 296 3.52 -13.38 26.73
CA GLU C 296 2.74 -12.17 26.94
C GLU C 296 1.71 -12.39 28.06
N SER C 297 0.96 -13.47 27.99
CA SER C 297 -0.10 -13.71 28.95
C SER C 297 0.49 -13.88 30.35
N TRP C 298 1.68 -14.49 30.43
CA TRP C 298 2.34 -14.65 31.72
C TRP C 298 2.82 -13.29 32.22
N ALA C 299 3.51 -12.55 31.37
CA ALA C 299 4.16 -11.31 31.75
C ALA C 299 3.17 -10.27 32.28
N TYR C 300 1.93 -10.25 31.78
CA TYR C 300 0.93 -9.27 32.18
C TYR C 300 -0.15 -9.89 33.08
N ALA C 301 0.03 -11.12 33.54
CA ALA C 301 -0.90 -11.71 34.50
C ALA C 301 -0.75 -10.99 35.84
N PHE D 3 -8.26 -2.10 -40.16
CA PHE D 3 -9.72 -2.16 -39.88
C PHE D 3 -10.32 -0.76 -39.91
N ARG D 4 -11.63 -0.68 -40.12
CA ARG D 4 -12.39 0.56 -40.00
C ARG D 4 -13.36 0.39 -38.85
N LEU D 5 -13.96 1.48 -38.38
CA LEU D 5 -15.02 1.37 -37.40
C LEU D 5 -16.23 0.68 -38.03
N ARG D 6 -16.89 -0.19 -37.29
CA ARG D 6 -18.07 -0.89 -37.78
C ARG D 6 -19.26 0.06 -37.75
N ASN D 7 -19.38 0.84 -36.66
CA ASN D 7 -20.51 1.74 -36.46
C ASN D 7 -20.01 3.18 -36.37
N ILE D 8 -20.91 4.11 -36.72
CA ILE D 8 -20.70 5.50 -36.41
C ILE D 8 -20.74 5.62 -34.89
N PRO D 9 -19.79 6.30 -34.23
CA PRO D 9 -19.91 6.52 -32.78
C PRO D 9 -21.22 7.20 -32.42
N LEU D 10 -21.72 6.93 -31.21
CA LEU D 10 -23.11 7.23 -30.90
C LEU D 10 -23.40 8.73 -30.90
N LEU D 11 -22.48 9.58 -30.38
CA LEU D 11 -22.66 11.01 -30.38
C LEU D 11 -22.26 11.70 -31.67
N SER D 12 -21.94 10.90 -32.70
CA SER D 12 -21.48 11.42 -33.99
C SER D 12 -22.57 11.34 -35.05
N ARG D 13 -23.73 10.78 -34.69
CA ARG D 13 -24.85 10.66 -35.60
C ARG D 13 -25.46 12.03 -35.82
N VAL D 14 -25.95 12.23 -37.03
CA VAL D 14 -26.46 13.50 -37.52
C VAL D 14 -27.97 13.40 -37.70
N GLY D 15 -28.57 14.54 -38.02
CA GLY D 15 -30.01 14.71 -38.08
C GLY D 15 -30.41 16.09 -37.60
N LEU D 16 -29.47 16.85 -37.01
CA LEU D 16 -29.63 18.26 -36.72
C LEU D 16 -29.09 19.05 -37.90
N ASP D 17 -29.97 19.82 -38.54
CA ASP D 17 -29.58 20.87 -39.46
C ASP D 17 -29.28 22.09 -38.60
N ARG D 18 -28.03 22.49 -38.45
CA ARG D 18 -27.68 23.53 -37.48
C ARG D 18 -28.12 24.94 -37.92
N ALA D 19 -28.44 25.08 -39.21
CA ALA D 19 -29.08 26.29 -39.72
C ALA D 19 -28.24 27.51 -39.35
N ASP D 20 -26.97 27.44 -39.77
CA ASP D 20 -25.98 28.46 -39.47
C ASP D 20 -26.50 29.84 -39.87
N GLU D 21 -27.15 29.90 -41.04
CA GLU D 21 -27.61 31.15 -41.62
C GLU D 21 -28.59 31.86 -40.71
N LEU D 22 -29.30 31.14 -39.82
CA LEU D 22 -30.27 31.79 -38.95
C LEU D 22 -29.59 32.44 -37.74
N ARG D 23 -28.34 32.09 -37.45
CA ARG D 23 -27.70 32.54 -36.22
C ARG D 23 -27.55 34.06 -36.17
N SER D 24 -27.26 34.65 -37.34
CA SER D 24 -27.08 36.08 -37.48
C SER D 24 -28.37 36.77 -37.93
N ASN D 25 -29.51 36.07 -37.85
CA ASN D 25 -30.77 36.62 -38.33
C ASN D 25 -31.75 36.67 -37.16
N PRO D 26 -31.65 37.68 -36.27
CA PRO D 26 -32.43 37.72 -35.04
C PRO D 26 -33.94 37.69 -35.30
N GLU D 27 -34.36 38.19 -36.48
CA GLU D 27 -35.76 38.23 -36.84
C GLU D 27 -36.30 36.81 -37.04
N GLU D 28 -35.60 36.00 -37.84
CA GLU D 28 -36.01 34.61 -38.08
C GLU D 28 -36.01 33.79 -36.79
N LEU D 29 -35.02 34.07 -35.92
CA LEU D 29 -34.95 33.36 -34.64
C LEU D 29 -36.17 33.71 -33.79
N ALA D 30 -36.53 35.01 -33.77
CA ALA D 30 -37.66 35.48 -32.97
C ALA D 30 -38.97 34.98 -33.54
N LYS D 31 -39.07 34.83 -34.85
CA LYS D 31 -40.28 34.32 -35.50
C LYS D 31 -40.49 32.85 -35.16
N GLY D 32 -39.41 32.05 -35.18
CA GLY D 32 -39.52 30.61 -34.96
C GLY D 32 -39.84 30.26 -33.52
N TRP D 33 -39.68 31.23 -32.62
CA TRP D 33 -39.67 30.99 -31.18
C TRP D 33 -41.02 30.49 -30.67
N ALA D 34 -42.11 31.06 -31.19
CA ALA D 34 -43.44 30.77 -30.68
C ALA D 34 -43.75 29.27 -30.80
N GLU D 35 -43.31 28.64 -31.92
CA GLU D 35 -43.54 27.22 -32.11
C GLU D 35 -42.28 26.39 -31.84
N ALA D 36 -41.28 26.97 -31.17
CA ALA D 36 -39.97 26.34 -31.07
C ALA D 36 -39.94 25.32 -29.95
N GLY D 37 -39.05 24.33 -30.11
CA GLY D 37 -38.75 23.37 -29.07
C GLY D 37 -37.60 23.83 -28.18
N LEU D 38 -37.56 23.26 -26.98
CA LEU D 38 -36.59 23.61 -25.98
C LEU D 38 -36.11 22.35 -25.29
N ILE D 39 -34.77 22.17 -25.29
CA ILE D 39 -34.12 21.12 -24.53
C ILE D 39 -33.48 21.77 -23.31
N THR D 40 -33.63 21.11 -22.17
CA THR D 40 -33.15 21.64 -20.90
C THR D 40 -32.13 20.67 -20.29
N LEU D 41 -30.95 21.23 -19.98
CA LEU D 41 -29.85 20.47 -19.37
C LEU D 41 -29.64 20.99 -17.97
N ASP D 42 -29.30 20.09 -17.03
CA ASP D 42 -28.93 20.54 -15.70
C ASP D 42 -27.44 20.88 -15.69
N VAL D 43 -26.92 21.28 -14.52
CA VAL D 43 -25.59 21.84 -14.38
C VAL D 43 -24.52 20.80 -14.74
N ARG D 44 -24.85 19.51 -14.60
CA ARG D 44 -23.89 18.47 -14.97
C ARG D 44 -24.05 18.02 -16.41
N GLY D 45 -24.94 18.70 -17.16
CA GLY D 45 -25.16 18.37 -18.56
C GLY D 45 -26.04 17.14 -18.77
N ARG D 46 -26.85 16.80 -17.76
CA ARG D 46 -27.73 15.65 -17.85
C ARG D 46 -29.09 16.10 -18.40
N VAL D 47 -29.79 15.13 -19.00
CA VAL D 47 -30.88 15.39 -19.93
C VAL D 47 -31.99 14.36 -19.73
N ASN D 48 -33.17 14.69 -20.27
CA ASN D 48 -34.36 13.87 -20.15
C ASN D 48 -34.49 13.13 -21.46
N ILE D 49 -34.38 11.80 -21.51
CA ILE D 49 -34.63 11.03 -22.71
C ILE D 49 -35.75 10.05 -22.40
N VAL D 50 -36.72 9.97 -23.29
CA VAL D 50 -37.91 9.16 -23.08
C VAL D 50 -38.23 8.47 -24.40
N ASP D 51 -38.35 7.13 -24.36
CA ASP D 51 -38.72 6.36 -25.54
C ASP D 51 -37.78 6.67 -26.71
N GLY D 52 -36.48 6.75 -26.43
CA GLY D 52 -35.49 6.87 -27.50
C GLY D 52 -35.36 8.29 -28.06
N GLN D 53 -36.00 9.28 -27.42
CA GLN D 53 -35.87 10.65 -27.90
C GLN D 53 -35.61 11.60 -26.75
N VAL D 54 -34.78 12.63 -27.00
CA VAL D 54 -34.65 13.74 -26.07
C VAL D 54 -36.02 14.44 -25.97
N VAL D 55 -36.41 14.81 -24.76
CA VAL D 55 -37.69 15.47 -24.56
C VAL D 55 -37.54 16.91 -25.03
N ILE D 56 -38.42 17.32 -25.95
CA ILE D 56 -38.47 18.68 -26.47
C ILE D 56 -39.71 19.38 -25.91
N GLU D 57 -39.50 20.39 -25.06
CA GLU D 57 -40.57 21.16 -24.44
C GLU D 57 -40.85 22.41 -25.26
N ASP D 58 -41.86 23.17 -24.83
CA ASP D 58 -42.31 24.39 -25.49
C ASP D 58 -41.34 25.52 -25.14
N ALA D 59 -40.67 26.09 -26.14
CA ALA D 59 -39.77 27.21 -25.88
C ALA D 59 -40.54 28.36 -25.20
N ALA D 60 -41.80 28.56 -25.62
CA ALA D 60 -42.61 29.68 -25.20
C ALA D 60 -42.77 29.70 -23.67
N ARG D 61 -42.61 28.56 -23.00
CA ARG D 61 -42.75 28.49 -21.55
C ARG D 61 -41.75 29.40 -20.82
N ILE D 62 -40.54 29.62 -21.38
CA ILE D 62 -39.51 30.33 -20.63
C ILE D 62 -39.48 31.80 -21.03
N GLY D 63 -40.31 32.22 -21.99
CA GLY D 63 -40.36 33.62 -22.42
C GLY D 63 -41.07 33.78 -23.76
N ASP D 64 -41.37 35.02 -24.15
CA ASP D 64 -42.05 35.30 -25.41
C ASP D 64 -41.05 35.55 -26.53
N GLN D 65 -39.77 35.72 -26.19
CA GLN D 65 -38.65 35.85 -27.12
C GLN D 65 -37.50 34.96 -26.63
N PRO D 66 -36.55 34.57 -27.51
CA PRO D 66 -35.37 33.80 -27.09
C PRO D 66 -34.57 34.54 -26.03
N PRO D 67 -34.40 33.99 -24.81
CA PRO D 67 -33.56 34.65 -23.81
C PRO D 67 -32.09 34.63 -24.25
N GLU D 68 -31.32 35.52 -23.65
CA GLU D 68 -29.91 35.76 -23.96
C GLU D 68 -29.10 34.48 -23.79
N HIS D 69 -29.47 33.68 -22.78
CA HIS D 69 -28.68 32.55 -22.32
C HIS D 69 -29.10 31.27 -23.05
N ALA D 70 -30.00 31.38 -24.02
CA ALA D 70 -30.40 30.21 -24.78
C ALA D 70 -29.44 30.02 -25.96
N VAL D 71 -29.28 28.77 -26.40
CA VAL D 71 -28.47 28.47 -27.57
C VAL D 71 -29.35 27.84 -28.64
N PHE D 72 -29.28 28.40 -29.84
CA PHE D 72 -30.05 27.90 -30.96
C PHE D 72 -29.33 26.68 -31.57
N LEU D 73 -29.96 25.50 -31.51
CA LEU D 73 -29.33 24.26 -31.93
C LEU D 73 -29.52 24.01 -33.42
N GLY D 74 -30.57 24.57 -34.00
CA GLY D 74 -30.91 24.33 -35.40
C GLY D 74 -32.37 23.91 -35.55
N ARG D 75 -32.62 23.11 -36.58
CA ARG D 75 -33.94 22.66 -36.96
C ARG D 75 -33.90 21.14 -37.01
N ILE D 76 -34.97 20.51 -36.48
CA ILE D 76 -35.06 19.07 -36.50
C ILE D 76 -35.91 18.66 -37.70
N PRO D 77 -35.91 17.37 -38.10
CA PRO D 77 -36.78 16.90 -39.20
C PRO D 77 -38.21 17.45 -39.07
N GLY D 78 -38.68 18.13 -40.12
CA GLY D 78 -39.96 18.79 -40.09
C GLY D 78 -39.85 20.30 -39.95
N GLY D 79 -38.65 20.81 -39.69
CA GLY D 79 -38.37 22.23 -39.79
C GLY D 79 -38.53 23.01 -38.48
N ARG D 80 -38.85 22.34 -37.37
CA ARG D 80 -39.05 23.03 -36.10
C ARG D 80 -37.70 23.49 -35.52
N HIS D 81 -37.65 24.74 -35.06
CA HIS D 81 -36.47 25.28 -34.39
C HIS D 81 -36.35 24.65 -33.00
N VAL D 82 -35.10 24.37 -32.58
CA VAL D 82 -34.88 23.87 -31.24
C VAL D 82 -33.76 24.68 -30.58
N TRP D 83 -33.96 25.03 -29.32
CA TRP D 83 -33.00 25.76 -28.50
C TRP D 83 -32.64 24.94 -27.28
N ALA D 84 -31.54 25.31 -26.61
CA ALA D 84 -31.14 24.68 -25.36
C ALA D 84 -30.92 25.74 -24.28
N VAL D 85 -31.26 25.39 -23.03
CA VAL D 85 -30.94 26.21 -21.87
C VAL D 85 -30.50 25.28 -20.75
N ARG D 86 -29.74 25.85 -19.81
CA ARG D 86 -29.48 25.30 -18.51
C ARG D 86 -30.67 25.52 -17.58
N ALA D 87 -31.01 24.51 -16.76
CA ALA D 87 -31.99 24.66 -15.70
C ALA D 87 -31.29 24.84 -14.33
N LEU D 96 -33.09 13.01 -14.53
CA LEU D 96 -32.16 13.34 -15.66
C LEU D 96 -30.97 12.38 -15.56
N LEU D 97 -30.69 11.64 -16.64
CA LEU D 97 -29.70 10.57 -16.61
C LEU D 97 -28.41 11.04 -17.27
N ASP D 98 -27.27 10.48 -16.84
CA ASP D 98 -25.97 10.80 -17.40
C ASP D 98 -25.68 9.89 -18.59
N LEU D 99 -25.41 10.52 -19.73
CA LEU D 99 -25.35 9.85 -21.01
C LEU D 99 -24.28 8.76 -20.99
N ARG D 100 -23.15 9.02 -20.33
CA ARG D 100 -22.01 8.14 -20.35
C ARG D 100 -22.31 6.79 -19.70
N ARG D 101 -23.09 6.79 -18.61
CA ARG D 101 -23.38 5.59 -17.84
C ARG D 101 -24.70 4.95 -18.26
N SER D 102 -25.70 5.74 -18.68
CA SER D 102 -27.03 5.13 -18.84
C SER D 102 -27.01 4.17 -20.04
N GLY D 103 -27.88 3.15 -20.02
CA GLY D 103 -28.09 2.32 -21.18
C GLY D 103 -28.95 3.01 -22.23
N GLN D 104 -29.42 4.26 -22.01
CA GLN D 104 -30.52 4.83 -22.76
C GLN D 104 -30.26 4.82 -24.26
N LEU D 105 -31.22 4.31 -25.01
CA LEU D 105 -31.21 4.43 -26.47
C LEU D 105 -31.65 5.83 -26.86
N PHE D 106 -31.02 6.39 -27.91
CA PHE D 106 -31.47 7.68 -28.44
C PHE D 106 -31.22 7.73 -29.93
N ASP D 107 -32.16 8.29 -30.69
CA ASP D 107 -32.08 8.34 -32.13
C ASP D 107 -31.01 9.36 -32.57
N ASP D 108 -30.67 9.30 -33.86
CA ASP D 108 -29.66 10.10 -34.54
C ASP D 108 -29.83 11.60 -34.23
N THR D 109 -31.04 12.11 -34.42
CA THR D 109 -31.33 13.52 -34.25
C THR D 109 -31.15 13.93 -32.78
N SER D 110 -31.62 13.08 -31.87
CA SER D 110 -31.44 13.32 -30.44
C SER D 110 -29.95 13.36 -30.09
N ALA D 111 -29.15 12.47 -30.68
CA ALA D 111 -27.74 12.39 -30.38
C ALA D 111 -27.06 13.72 -30.74
N ALA D 112 -27.41 14.25 -31.91
CA ALA D 112 -26.84 15.49 -32.40
C ALA D 112 -27.30 16.69 -31.54
N LEU D 113 -28.62 16.72 -31.20
CA LEU D 113 -29.16 17.76 -30.35
C LEU D 113 -28.40 17.79 -29.02
N LEU D 114 -28.19 16.59 -28.45
CA LEU D 114 -27.60 16.49 -27.13
C LEU D 114 -26.13 16.88 -27.16
N ALA D 115 -25.41 16.37 -28.17
CA ALA D 115 -23.99 16.65 -28.26
C ALA D 115 -23.79 18.17 -28.34
N THR D 116 -24.59 18.81 -29.21
CA THR D 116 -24.49 20.25 -29.43
C THR D 116 -24.82 20.99 -28.14
N ALA D 117 -25.96 20.64 -27.52
CA ALA D 117 -26.43 21.39 -26.37
C ALA D 117 -25.42 21.31 -25.25
N MET D 118 -24.93 20.07 -25.04
CA MET D 118 -24.01 19.81 -23.94
C MET D 118 -22.74 20.67 -24.10
N ALA D 119 -22.14 20.58 -25.30
CA ALA D 119 -20.90 21.28 -25.59
C ALA D 119 -21.08 22.79 -25.45
N MET D 120 -22.19 23.28 -26.03
CA MET D 120 -22.38 24.72 -26.14
C MET D 120 -22.70 25.34 -24.78
N LEU D 121 -23.56 24.68 -24.00
CA LEU D 121 -23.89 25.24 -22.69
C LEU D 121 -22.70 25.14 -21.74
N ALA D 122 -21.90 24.07 -21.84
CA ALA D 122 -20.69 23.98 -21.03
C ALA D 122 -19.71 25.11 -21.38
N TRP D 123 -19.60 25.38 -22.69
CA TRP D 123 -18.76 26.49 -23.11
C TRP D 123 -19.22 27.82 -22.46
N HIS D 124 -20.51 28.11 -22.57
CA HIS D 124 -21.06 29.36 -22.03
C HIS D 124 -20.73 29.50 -20.55
N ASP D 125 -20.89 28.41 -19.79
CA ASP D 125 -20.60 28.40 -18.38
C ASP D 125 -19.15 28.79 -18.10
N ASN D 126 -18.24 28.49 -19.05
CA ASN D 126 -16.81 28.68 -18.85
C ASN D 126 -16.24 29.82 -19.72
N ALA D 127 -17.09 30.66 -20.29
CA ALA D 127 -16.64 31.67 -21.23
C ALA D 127 -17.25 33.05 -20.92
N GLY D 128 -17.66 33.25 -19.67
CA GLY D 128 -18.27 34.50 -19.26
C GLY D 128 -17.36 35.72 -19.38
N TYR D 129 -16.04 35.50 -19.46
CA TYR D 129 -15.09 36.61 -19.54
C TYR D 129 -14.08 36.37 -20.67
N SER D 130 -13.53 37.47 -21.19
CA SER D 130 -12.48 37.41 -22.18
C SER D 130 -11.21 36.86 -21.56
N PRO D 131 -10.58 35.82 -22.16
CA PRO D 131 -9.25 35.39 -21.76
C PRO D 131 -8.18 36.41 -22.10
N VAL D 132 -8.50 37.35 -23.01
CA VAL D 132 -7.51 38.30 -23.49
C VAL D 132 -7.36 39.43 -22.46
N ASP D 133 -8.46 40.01 -21.99
CA ASP D 133 -8.37 41.20 -21.18
C ASP D 133 -9.28 41.16 -19.95
N GLY D 134 -10.03 40.06 -19.75
CA GLY D 134 -10.81 39.89 -18.54
C GLY D 134 -12.19 40.56 -18.57
N SER D 135 -12.56 41.25 -19.65
CA SER D 135 -13.88 41.88 -19.74
C SER D 135 -14.99 40.84 -19.76
N PRO D 136 -16.16 41.11 -19.15
CA PRO D 136 -17.33 40.25 -19.33
C PRO D 136 -17.69 40.10 -20.80
N THR D 137 -18.22 38.94 -21.17
CA THR D 137 -18.65 38.72 -22.54
C THR D 137 -20.15 38.49 -22.52
N ILE D 138 -20.83 38.85 -23.62
CA ILE D 138 -22.28 38.76 -23.68
C ILE D 138 -22.62 37.86 -24.87
N PRO D 139 -23.50 36.86 -24.72
CA PRO D 139 -23.82 35.98 -25.84
C PRO D 139 -24.47 36.78 -26.96
N ALA D 140 -24.24 36.34 -28.19
CA ALA D 140 -24.89 36.87 -29.37
C ALA D 140 -24.98 35.76 -30.43
N LYS D 141 -25.62 36.10 -31.56
CA LYS D 141 -25.81 35.21 -32.70
C LYS D 141 -26.35 33.86 -32.24
N GLY D 142 -27.47 33.91 -31.50
CA GLY D 142 -28.20 32.72 -31.10
C GLY D 142 -27.40 31.87 -30.13
N GLY D 143 -26.43 32.49 -29.44
CA GLY D 143 -25.57 31.80 -28.49
C GLY D 143 -24.31 31.18 -29.12
N TRP D 144 -23.95 31.56 -30.36
CA TRP D 144 -22.81 30.95 -31.03
C TRP D 144 -21.53 31.78 -30.93
N VAL D 145 -21.63 32.98 -30.38
CA VAL D 145 -20.45 33.73 -30.00
C VAL D 145 -20.78 34.39 -28.68
N ARG D 146 -19.72 34.90 -28.03
CA ARG D 146 -19.86 35.83 -26.93
C ARG D 146 -18.99 37.04 -27.24
N VAL D 147 -19.53 38.24 -27.02
CA VAL D 147 -18.90 39.47 -27.44
C VAL D 147 -18.28 40.16 -26.23
N ASN D 148 -17.01 40.54 -26.39
CA ASN D 148 -16.30 41.31 -25.39
C ASN D 148 -17.04 42.64 -25.20
N SER D 149 -17.54 42.89 -23.98
CA SER D 149 -18.34 44.07 -23.70
C SER D 149 -17.53 45.35 -23.90
N ALA D 150 -16.22 45.29 -23.66
CA ALA D 150 -15.35 46.45 -23.78
C ALA D 150 -14.89 46.67 -25.22
N THR D 151 -14.49 45.60 -25.94
CA THR D 151 -13.81 45.80 -27.21
C THR D 151 -14.65 45.36 -28.40
N GLY D 152 -15.73 44.62 -28.18
CA GLY D 152 -16.50 44.08 -29.30
C GLY D 152 -15.88 42.84 -29.95
N GLN D 153 -14.73 42.36 -29.44
CA GLN D 153 -14.10 41.17 -29.96
C GLN D 153 -14.98 39.94 -29.66
N GLU D 154 -15.16 39.09 -30.66
CA GLU D 154 -15.92 37.85 -30.54
C GLU D 154 -15.05 36.74 -29.96
N GLU D 155 -15.61 36.02 -28.99
CA GLU D 155 -15.09 34.75 -28.51
C GLU D 155 -15.93 33.61 -29.08
N PHE D 156 -15.26 32.50 -29.44
CA PHE D 156 -15.87 31.38 -30.12
C PHE D 156 -15.81 30.11 -29.26
N PRO D 157 -16.76 29.17 -29.42
CA PRO D 157 -16.74 27.92 -28.65
C PRO D 157 -15.44 27.15 -28.76
N ARG D 158 -14.97 26.61 -27.64
CA ARG D 158 -13.73 25.87 -27.58
C ARG D 158 -13.97 24.36 -27.56
N THR D 159 -13.27 23.64 -28.42
CA THR D 159 -13.27 22.20 -28.45
C THR D 159 -11.82 21.70 -28.44
N ASP D 160 -11.42 21.00 -27.38
CA ASP D 160 -10.05 20.53 -27.23
C ASP D 160 -9.92 19.16 -27.91
N PRO D 161 -9.06 19.01 -28.93
CA PRO D 161 -8.88 17.71 -29.57
C PRO D 161 -8.08 16.78 -28.67
N ALA D 162 -8.56 15.55 -28.55
CA ALA D 162 -7.88 14.51 -27.80
C ALA D 162 -7.83 13.26 -28.67
N ILE D 163 -6.72 12.55 -28.58
CA ILE D 163 -6.55 11.32 -29.33
C ILE D 163 -6.84 10.17 -28.38
N ILE D 164 -7.30 9.05 -28.96
CA ILE D 164 -7.46 7.81 -28.25
C ILE D 164 -7.03 6.69 -29.18
N CYS D 165 -6.10 5.83 -28.69
CA CYS D 165 -5.36 4.96 -29.58
C CYS D 165 -5.43 3.49 -29.12
N LEU D 166 -5.73 2.63 -30.09
CA LEU D 166 -5.54 1.19 -29.96
C LEU D 166 -4.22 0.82 -30.64
N VAL D 167 -3.23 0.51 -29.80
CA VAL D 167 -1.97 -0.02 -30.25
C VAL D 167 -2.14 -1.53 -30.43
N HIS D 168 -1.78 -2.03 -31.61
CA HIS D 168 -1.83 -3.47 -31.88
C HIS D 168 -0.54 -3.92 -32.57
N ASP D 169 -0.38 -5.23 -32.75
CA ASP D 169 0.86 -5.82 -33.25
C ASP D 169 0.78 -6.09 -34.74
N GLY D 170 -0.33 -5.69 -35.38
CA GLY D 170 -0.54 -5.96 -36.80
C GLY D 170 -1.28 -7.28 -37.01
N GLY D 171 -1.47 -8.05 -35.92
CA GLY D 171 -2.14 -9.33 -35.97
C GLY D 171 -3.29 -9.42 -34.97
N ASP D 172 -3.08 -10.16 -33.87
CA ASP D 172 -4.19 -10.60 -33.06
C ASP D 172 -4.03 -10.13 -31.62
N ARG D 173 -3.12 -9.17 -31.37
CA ARG D 173 -2.91 -8.69 -30.02
C ARG D 173 -2.93 -7.16 -29.97
N ALA D 174 -3.47 -6.63 -28.88
CA ALA D 174 -3.68 -5.20 -28.72
C ALA D 174 -3.42 -4.81 -27.27
N VAL D 175 -2.88 -3.61 -27.10
CA VAL D 175 -2.59 -3.06 -25.78
C VAL D 175 -3.85 -2.45 -25.19
N LEU D 176 -4.14 -2.82 -23.94
CA LEU D 176 -5.10 -2.10 -23.12
C LEU D 176 -4.42 -1.73 -21.82
N GLY D 177 -4.86 -0.63 -21.22
CA GLY D 177 -4.18 -0.06 -20.07
C GLY D 177 -5.18 0.33 -19.00
N ARG D 178 -4.73 0.29 -17.75
CA ARG D 178 -5.56 0.56 -16.59
C ARG D 178 -4.91 1.72 -15.85
N GLN D 179 -5.67 2.79 -15.64
CA GLN D 179 -5.14 3.95 -14.93
C GLN D 179 -5.02 3.61 -13.46
N LYS D 180 -4.10 4.33 -12.81
CA LYS D 180 -3.91 4.23 -11.38
C LYS D 180 -5.25 4.56 -10.72
N PHE D 181 -5.67 3.66 -9.83
CA PHE D 181 -6.84 3.89 -8.99
C PHE D 181 -8.14 3.67 -9.76
N TRP D 182 -8.05 3.15 -10.99
CA TRP D 182 -9.19 2.46 -11.59
C TRP D 182 -9.42 1.11 -10.91
N PRO D 183 -10.69 0.64 -10.80
CA PRO D 183 -10.99 -0.71 -10.37
C PRO D 183 -10.17 -1.76 -11.10
N GLU D 184 -9.72 -2.80 -10.37
CA GLU D 184 -9.01 -3.90 -11.01
C GLU D 184 -9.89 -4.41 -12.14
N ARG D 185 -9.23 -4.78 -13.24
CA ARG D 185 -9.86 -5.41 -14.39
C ARG D 185 -10.54 -4.38 -15.30
N MET D 186 -10.59 -3.10 -14.91
CA MET D 186 -11.07 -2.05 -15.82
C MET D 186 -9.90 -1.56 -16.69
N PHE D 187 -9.86 -2.00 -17.96
CA PHE D 187 -8.86 -1.57 -18.93
C PHE D 187 -9.52 -0.79 -20.07
N SER D 188 -8.72 0.04 -20.76
CA SER D 188 -9.18 0.77 -21.93
C SER D 188 -8.02 1.16 -22.85
N LEU D 189 -8.31 2.03 -23.85
CA LEU D 189 -7.32 2.50 -24.80
C LEU D 189 -6.47 3.58 -24.15
N LEU D 190 -5.44 4.05 -24.85
CA LEU D 190 -4.60 5.14 -24.38
C LEU D 190 -5.08 6.46 -25.00
N ALA D 191 -5.18 7.50 -24.16
CA ALA D 191 -5.76 8.77 -24.56
C ALA D 191 -4.88 9.94 -24.12
N GLY D 192 -4.94 11.04 -24.86
CA GLY D 192 -4.33 12.28 -24.41
C GLY D 192 -4.73 13.48 -25.26
N PHE D 193 -4.54 14.68 -24.70
CA PHE D 193 -4.86 15.93 -25.35
C PHE D 193 -3.76 16.29 -26.36
N VAL D 194 -4.17 16.80 -27.51
CA VAL D 194 -3.24 17.34 -28.49
C VAL D 194 -2.64 18.62 -27.93
N GLU D 195 -1.32 18.74 -27.99
CA GLU D 195 -0.63 19.95 -27.57
C GLU D 195 -0.40 20.89 -28.76
N ALA D 196 -0.18 22.16 -28.45
CA ALA D 196 0.21 23.15 -29.43
C ALA D 196 1.48 22.73 -30.16
N GLY D 197 1.49 22.89 -31.48
CA GLY D 197 2.72 22.66 -32.24
C GLY D 197 2.93 21.22 -32.69
N GLU D 198 1.98 20.32 -32.45
CA GLU D 198 2.16 18.94 -32.89
C GLU D 198 0.99 18.48 -33.76
N SER D 199 1.30 17.55 -34.67
CA SER D 199 0.29 16.87 -35.47
C SER D 199 -0.45 15.85 -34.62
N LEU D 200 -1.57 15.34 -35.12
CA LEU D 200 -2.28 14.27 -34.44
C LEU D 200 -1.38 13.03 -34.36
N GLU D 201 -0.67 12.73 -35.44
CA GLU D 201 0.16 11.54 -35.51
C GLU D 201 1.29 11.64 -34.48
N ALA D 202 1.90 12.83 -34.35
CA ALA D 202 2.93 13.04 -33.35
C ALA D 202 2.36 12.94 -31.95
N CYS D 203 1.15 13.46 -31.78
CA CYS D 203 0.49 13.42 -30.48
C CYS D 203 0.24 11.95 -30.08
N VAL D 204 -0.22 11.13 -31.01
CA VAL D 204 -0.48 9.72 -30.72
C VAL D 204 0.81 9.04 -30.26
N ALA D 205 1.88 9.19 -31.04
CA ALA D 205 3.16 8.57 -30.72
C ALA D 205 3.64 9.04 -29.35
N ARG D 206 3.56 10.36 -29.12
CA ARG D 206 4.05 10.93 -27.88
C ARG D 206 3.27 10.34 -26.70
N GLU D 207 1.95 10.32 -26.79
CA GLU D 207 1.09 9.92 -25.67
C GLU D 207 1.26 8.43 -25.38
N VAL D 208 1.35 7.60 -26.41
CA VAL D 208 1.58 6.17 -26.19
C VAL D 208 2.92 5.96 -25.46
N ALA D 209 3.97 6.67 -25.91
CA ALA D 209 5.28 6.57 -25.27
C ALA D 209 5.20 7.01 -23.81
N GLU D 210 4.54 8.15 -23.54
CA GLU D 210 4.40 8.68 -22.18
C GLU D 210 3.68 7.68 -21.28
N GLU D 211 2.65 6.99 -21.79
CA GLU D 211 1.78 6.22 -20.93
C GLU D 211 2.33 4.80 -20.71
N VAL D 212 2.79 4.15 -21.78
CA VAL D 212 3.16 2.76 -21.67
C VAL D 212 4.54 2.50 -22.29
N GLY D 213 5.26 3.55 -22.70
CA GLY D 213 6.67 3.42 -23.07
C GLY D 213 6.89 2.75 -24.43
N LEU D 214 5.83 2.48 -25.21
CA LEU D 214 6.00 1.90 -26.53
C LEU D 214 6.24 2.98 -27.58
N THR D 215 7.10 2.64 -28.54
CA THR D 215 7.28 3.36 -29.80
C THR D 215 6.34 2.73 -30.83
N VAL D 216 5.49 3.56 -31.44
CA VAL D 216 4.51 3.05 -32.36
C VAL D 216 4.69 3.72 -33.71
N THR D 217 4.25 3.02 -34.75
CA THR D 217 4.33 3.49 -36.12
C THR D 217 2.97 3.28 -36.77
N ASP D 218 2.83 3.75 -38.02
CA ASP D 218 1.62 3.54 -38.82
C ASP D 218 0.38 4.01 -38.05
N VAL D 219 0.46 5.22 -37.49
CA VAL D 219 -0.67 5.85 -36.81
C VAL D 219 -1.75 6.13 -37.85
N GLN D 220 -2.94 5.54 -37.65
CA GLN D 220 -4.01 5.60 -38.63
C GLN D 220 -5.31 6.02 -37.97
N TYR D 221 -5.99 6.98 -38.59
CA TYR D 221 -7.23 7.55 -38.09
C TYR D 221 -8.40 6.61 -38.34
N LEU D 222 -9.30 6.50 -37.35
CA LEU D 222 -10.47 5.65 -37.44
C LEU D 222 -11.76 6.46 -37.48
N GLY D 223 -11.83 7.55 -36.72
CA GLY D 223 -13.08 8.26 -36.55
C GLY D 223 -13.01 9.26 -35.40
N SER D 224 -14.16 9.87 -35.12
CA SER D 224 -14.21 10.97 -34.18
C SER D 224 -15.58 10.99 -33.52
N GLN D 225 -15.56 11.56 -32.32
CA GLN D 225 -16.79 11.69 -31.56
C GLN D 225 -16.71 12.94 -30.69
N PRO D 226 -17.71 13.83 -30.75
CA PRO D 226 -17.84 14.89 -29.76
C PRO D 226 -17.90 14.29 -28.37
N TRP D 227 -17.26 14.96 -27.42
CA TRP D 227 -17.13 14.43 -26.08
C TRP D 227 -17.22 15.59 -25.10
N PRO D 228 -18.43 16.18 -24.96
CA PRO D 228 -18.61 17.41 -24.21
C PRO D 228 -18.59 17.23 -22.71
N PHE D 229 -17.46 16.73 -22.20
CA PHE D 229 -17.36 16.44 -20.79
C PHE D 229 -16.08 17.04 -20.22
N PRO D 230 -15.89 18.38 -20.24
CA PRO D 230 -16.87 19.31 -20.79
C PRO D 230 -16.68 19.79 -22.24
N ARG D 231 -15.50 19.55 -22.87
CA ARG D 231 -15.26 20.22 -24.12
C ARG D 231 -14.26 19.53 -25.03
N SER D 232 -14.28 18.20 -25.11
CA SER D 232 -13.36 17.50 -25.99
C SER D 232 -14.02 17.10 -27.31
N ILE D 233 -13.17 16.81 -28.30
CA ILE D 233 -13.55 15.93 -29.39
C ILE D 233 -12.53 14.81 -29.39
N MET D 234 -13.01 13.57 -29.35
CA MET D 234 -12.14 12.41 -29.28
C MET D 234 -11.87 11.96 -30.72
N LEU D 235 -10.59 11.80 -31.03
CA LEU D 235 -10.11 11.40 -32.34
C LEU D 235 -9.47 10.03 -32.21
N GLY D 236 -10.10 9.04 -32.83
CA GLY D 236 -9.73 7.65 -32.65
C GLY D 236 -8.68 7.22 -33.66
N PHE D 237 -7.68 6.49 -33.16
CA PHE D 237 -6.58 6.01 -33.97
C PHE D 237 -6.24 4.58 -33.61
N HIS D 238 -5.54 3.91 -34.54
CA HIS D 238 -4.80 2.71 -34.20
C HIS D 238 -3.36 2.88 -34.66
N ALA D 239 -2.46 2.12 -34.02
CA ALA D 239 -1.03 2.23 -34.31
C ALA D 239 -0.39 0.86 -34.10
N ILE D 240 0.78 0.66 -34.74
CA ILE D 240 1.49 -0.61 -34.65
C ILE D 240 2.56 -0.46 -33.56
N GLY D 241 2.48 -1.32 -32.55
CA GLY D 241 3.53 -1.44 -31.56
C GLY D 241 4.23 -2.79 -31.66
N ASP D 242 5.33 -2.92 -30.92
CA ASP D 242 6.16 -4.12 -30.93
C ASP D 242 6.06 -4.80 -29.57
N PRO D 243 5.42 -5.98 -29.45
CA PRO D 243 5.27 -6.63 -28.14
C PRO D 243 6.58 -7.09 -27.51
N SER D 244 7.67 -7.15 -28.29
CA SER D 244 8.96 -7.52 -27.74
C SER D 244 9.59 -6.35 -26.99
N GLN D 245 9.12 -5.14 -27.24
CA GLN D 245 9.53 -3.97 -26.47
C GLN D 245 8.76 -3.99 -25.15
N PRO D 246 9.43 -3.77 -23.99
CA PRO D 246 8.76 -3.84 -22.70
C PRO D 246 8.01 -2.54 -22.38
N PHE D 247 6.94 -2.67 -21.59
CA PHE D 247 6.20 -1.51 -21.13
C PHE D 247 7.10 -0.71 -20.20
N ALA D 248 6.70 0.55 -19.97
CA ALA D 248 7.33 1.42 -18.99
C ALA D 248 6.33 2.52 -18.64
N PHE D 249 5.96 2.60 -17.37
CA PHE D 249 4.81 3.36 -16.94
C PHE D 249 5.19 4.69 -16.32
N ASN D 250 6.49 4.99 -16.22
CA ASN D 250 6.92 6.34 -15.85
C ASN D 250 6.43 7.31 -16.91
N ASP D 251 6.27 8.55 -16.48
CA ASP D 251 5.76 9.64 -17.30
C ASP D 251 4.26 9.54 -17.52
N GLY D 252 3.61 8.41 -17.19
CA GLY D 252 2.21 8.18 -17.50
C GLY D 252 1.33 8.08 -16.25
N GLU D 253 0.02 7.88 -16.46
CA GLU D 253 -0.91 7.64 -15.36
C GLU D 253 -1.42 6.20 -15.42
N ILE D 254 -0.65 5.29 -16.03
CA ILE D 254 -1.03 3.90 -16.18
C ILE D 254 -0.37 3.08 -15.08
N ALA D 255 -1.18 2.25 -14.39
CA ALA D 255 -0.73 1.36 -13.33
C ALA D 255 -0.28 0.03 -13.94
N GLU D 256 -1.05 -0.49 -14.91
CA GLU D 256 -0.65 -1.69 -15.60
C GLU D 256 -1.26 -1.71 -17.00
N ALA D 257 -0.65 -2.51 -17.87
CA ALA D 257 -1.09 -2.68 -19.24
C ALA D 257 -0.59 -4.03 -19.71
N ASP D 258 -1.23 -4.58 -20.75
CA ASP D 258 -0.81 -5.86 -21.25
C ASP D 258 -1.28 -5.96 -22.70
N TRP D 259 -0.74 -6.94 -23.41
CA TRP D 259 -1.24 -7.35 -24.71
C TRP D 259 -2.35 -8.37 -24.51
N PHE D 260 -3.48 -8.17 -25.20
CA PHE D 260 -4.62 -9.07 -25.13
C PHE D 260 -4.91 -9.56 -26.54
N THR D 261 -5.36 -10.82 -26.65
CA THR D 261 -5.72 -11.40 -27.94
C THR D 261 -7.13 -10.95 -28.33
N ARG D 262 -7.48 -11.13 -29.62
CA ARG D 262 -8.83 -10.84 -30.07
C ARG D 262 -9.85 -11.66 -29.28
N ALA D 263 -9.48 -12.91 -28.95
CA ALA D 263 -10.37 -13.83 -28.26
C ALA D 263 -10.70 -13.30 -26.87
N GLU D 264 -9.67 -12.94 -26.10
CA GLU D 264 -9.86 -12.35 -24.79
C GLU D 264 -10.77 -11.13 -24.88
N VAL D 265 -10.52 -10.25 -25.86
CA VAL D 265 -11.23 -9.00 -25.96
C VAL D 265 -12.70 -9.29 -26.30
N ARG D 266 -12.94 -10.14 -27.31
CA ARG D 266 -14.31 -10.49 -27.65
C ARG D 266 -15.04 -11.02 -26.42
N SER D 267 -14.37 -11.91 -25.69
CA SER D 267 -14.92 -12.50 -24.50
C SER D 267 -15.30 -11.41 -23.49
N ALA D 268 -14.37 -10.48 -23.21
CA ALA D 268 -14.62 -9.42 -22.26
C ALA D 268 -15.77 -8.51 -22.73
N LEU D 269 -15.89 -8.33 -24.06
CA LEU D 269 -16.94 -7.50 -24.63
C LEU D 269 -18.31 -8.13 -24.39
N GLU D 270 -18.41 -9.45 -24.62
CA GLU D 270 -19.66 -10.18 -24.48
C GLU D 270 -20.14 -10.16 -23.03
N ALA D 271 -19.23 -10.08 -22.05
CA ALA D 271 -19.62 -9.66 -20.70
C ALA D 271 -19.87 -8.14 -20.71
N LEU D 282 -11.99 -9.19 -17.63
CA LEU D 282 -11.55 -7.92 -18.27
C LEU D 282 -12.78 -7.05 -18.57
N MET D 283 -12.82 -5.84 -18.02
CA MET D 283 -13.94 -4.93 -18.16
C MET D 283 -13.58 -3.75 -19.07
N LEU D 284 -14.44 -3.53 -20.09
CA LEU D 284 -14.22 -2.54 -21.13
C LEU D 284 -15.29 -1.45 -21.05
N PRO D 285 -15.01 -0.19 -21.50
CA PRO D 285 -15.91 0.94 -21.27
C PRO D 285 -17.22 0.82 -22.07
N GLY D 286 -18.22 1.61 -21.68
CA GLY D 286 -19.56 1.50 -22.24
C GLY D 286 -19.60 1.98 -23.67
N SER D 287 -20.53 1.42 -24.45
CA SER D 287 -20.65 1.65 -25.89
C SER D 287 -20.68 3.13 -26.29
N ILE D 288 -21.18 3.96 -25.38
CA ILE D 288 -21.07 5.42 -25.52
C ILE D 288 -19.69 5.92 -25.96
N SER D 289 -18.61 5.43 -25.36
CA SER D 289 -17.27 5.92 -25.68
C SER D 289 -16.83 5.43 -27.05
N ILE D 290 -16.11 6.26 -27.80
CA ILE D 290 -15.56 5.79 -29.07
C ILE D 290 -14.56 4.66 -28.78
N ALA D 291 -13.95 4.67 -27.59
CA ALA D 291 -13.03 3.62 -27.18
C ALA D 291 -13.64 2.24 -27.33
N ARG D 292 -14.91 2.07 -26.93
CA ARG D 292 -15.57 0.78 -27.04
C ARG D 292 -15.77 0.42 -28.50
N GLU D 293 -16.17 1.41 -29.31
CA GLU D 293 -16.37 1.19 -30.73
C GLU D 293 -15.05 0.79 -31.43
N ILE D 294 -13.94 1.39 -31.02
CA ILE D 294 -12.65 1.05 -31.62
C ILE D 294 -12.28 -0.40 -31.25
N VAL D 295 -12.40 -0.75 -29.97
CA VAL D 295 -12.03 -2.08 -29.48
C VAL D 295 -12.91 -3.13 -30.16
N GLU D 296 -14.23 -2.90 -30.15
CA GLU D 296 -15.18 -3.78 -30.81
C GLU D 296 -14.79 -3.96 -32.27
N SER D 297 -14.53 -2.86 -32.99
CA SER D 297 -14.26 -2.93 -34.41
C SER D 297 -12.98 -3.73 -34.66
N TRP D 298 -12.00 -3.58 -33.77
CA TRP D 298 -10.76 -4.32 -33.91
C TRP D 298 -11.01 -5.81 -33.64
N ALA D 299 -11.67 -6.10 -32.53
CA ALA D 299 -11.85 -7.46 -32.03
C ALA D 299 -12.58 -8.34 -33.05
N TYR D 300 -13.52 -7.77 -33.81
CA TYR D 300 -14.34 -8.53 -34.75
C TYR D 300 -13.95 -8.21 -36.19
N ALA D 301 -12.81 -7.56 -36.45
CA ALA D 301 -12.60 -6.90 -37.75
C ALA D 301 -12.92 -7.77 -38.98
N PHE E 3 -6.58 8.05 -52.42
CA PHE E 3 -5.15 8.44 -52.40
C PHE E 3 -4.73 8.73 -50.96
N ARG E 4 -3.42 8.68 -50.72
CA ARG E 4 -2.81 9.04 -49.46
C ARG E 4 -1.94 10.26 -49.72
N LEU E 5 -1.55 10.98 -48.67
CA LEU E 5 -0.58 12.04 -48.83
C LEU E 5 0.76 11.43 -49.21
N ARG E 6 1.46 12.09 -50.13
CA ARG E 6 2.74 11.61 -50.58
C ARG E 6 3.81 11.94 -49.54
N ASN E 7 3.73 13.15 -48.98
CA ASN E 7 4.69 13.62 -47.99
C ASN E 7 3.98 13.91 -46.68
N ILE E 8 4.72 13.76 -45.59
CA ILE E 8 4.27 14.27 -44.31
C ILE E 8 4.23 15.79 -44.42
N PRO E 9 3.15 16.47 -43.99
CA PRO E 9 3.10 17.93 -44.06
C PRO E 9 4.28 18.58 -43.33
N LEU E 10 4.70 19.74 -43.82
CA LEU E 10 5.65 20.54 -43.10
C LEU E 10 5.05 20.92 -41.75
N LEU E 11 5.90 20.93 -40.74
CA LEU E 11 5.56 21.20 -39.34
C LEU E 11 5.02 19.95 -38.65
N SER E 12 4.81 18.85 -39.38
CA SER E 12 4.37 17.60 -38.81
C SER E 12 5.53 16.59 -38.79
N ARG E 13 6.70 16.97 -39.35
CA ARG E 13 7.67 15.99 -39.81
C ARG E 13 8.39 15.38 -38.62
N VAL E 14 8.88 16.21 -37.70
CA VAL E 14 9.56 15.76 -36.49
C VAL E 14 8.59 15.97 -35.32
N GLY E 15 8.65 15.05 -34.34
CA GLY E 15 8.12 15.28 -33.01
C GLY E 15 9.29 15.51 -32.03
N LEU E 16 9.58 16.77 -31.70
CA LEU E 16 10.71 17.08 -30.86
C LEU E 16 10.49 16.46 -29.48
N ASP E 17 11.59 16.31 -28.74
CA ASP E 17 11.54 15.84 -27.37
C ASP E 17 11.10 16.98 -26.44
N ARG E 18 9.81 16.98 -26.07
CA ARG E 18 9.23 18.09 -25.34
C ARG E 18 9.59 18.01 -23.86
N ALA E 19 10.07 16.84 -23.41
CA ALA E 19 10.51 16.65 -22.04
C ALA E 19 9.42 17.12 -21.08
N ASP E 20 8.23 16.53 -21.24
CA ASP E 20 7.04 16.89 -20.48
C ASP E 20 7.36 16.81 -18.98
N GLU E 21 8.10 15.77 -18.59
CA GLU E 21 8.38 15.48 -17.19
C GLU E 21 9.11 16.65 -16.53
N LEU E 22 9.84 17.47 -17.29
CA LEU E 22 10.61 18.55 -16.70
C LEU E 22 9.72 19.76 -16.41
N ARG E 23 8.53 19.83 -17.03
CA ARG E 23 7.72 21.04 -16.95
C ARG E 23 7.27 21.31 -15.50
N SER E 24 6.98 20.24 -14.77
CA SER E 24 6.54 20.31 -13.38
C SER E 24 7.71 20.14 -12.41
N ASN E 25 8.95 20.26 -12.90
CA ASN E 25 10.13 20.06 -12.07
C ASN E 25 10.94 21.34 -12.08
N PRO E 26 10.56 22.36 -11.27
CA PRO E 26 11.19 23.67 -11.34
C PRO E 26 12.70 23.64 -11.11
N GLU E 27 13.15 22.63 -10.34
CA GLU E 27 14.56 22.48 -10.00
C GLU E 27 15.35 22.13 -11.26
N GLU E 28 14.92 21.11 -12.01
CA GLU E 28 15.60 20.69 -13.23
C GLU E 28 15.57 21.80 -14.28
N LEU E 29 14.47 22.56 -14.35
CA LEU E 29 14.38 23.66 -15.30
C LEU E 29 15.41 24.73 -14.93
N ALA E 30 15.52 25.03 -13.63
CA ALA E 30 16.43 26.07 -13.16
C ALA E 30 17.88 25.64 -13.34
N LYS E 31 18.15 24.33 -13.17
CA LYS E 31 19.50 23.80 -13.34
C LYS E 31 19.93 23.88 -14.80
N GLY E 32 19.03 23.54 -15.73
CA GLY E 32 19.36 23.47 -17.14
C GLY E 32 19.53 24.85 -17.77
N TRP E 33 19.12 25.91 -17.05
CA TRP E 33 19.00 27.24 -17.61
C TRP E 33 20.36 27.81 -18.01
N ALA E 34 21.38 27.57 -17.18
CA ALA E 34 22.70 28.14 -17.37
C ALA E 34 23.27 27.73 -18.73
N GLU E 35 23.06 26.49 -19.14
CA GLU E 35 23.55 25.98 -20.42
C GLU E 35 22.44 25.94 -21.49
N ALA E 36 21.29 26.58 -21.22
CA ALA E 36 20.11 26.40 -22.07
C ALA E 36 20.18 27.31 -23.30
N GLY E 37 19.51 26.87 -24.37
CA GLY E 37 19.29 27.71 -25.54
C GLY E 37 18.00 28.53 -25.46
N LEU E 38 17.96 29.66 -26.19
CA LEU E 38 16.85 30.58 -26.17
C LEU E 38 16.53 31.04 -27.60
N ILE E 39 15.26 30.88 -28.00
CA ILE E 39 14.73 31.32 -29.28
C ILE E 39 13.86 32.56 -29.03
N THR E 40 13.93 33.55 -29.92
CA THR E 40 13.23 34.80 -29.75
C THR E 40 12.30 35.07 -30.94
N LEU E 41 11.01 35.33 -30.65
CA LEU E 41 9.98 35.63 -31.64
C LEU E 41 9.53 37.08 -31.43
N ASP E 42 9.19 37.78 -32.52
CA ASP E 42 8.55 39.08 -32.42
C ASP E 42 7.05 38.90 -32.25
N VAL E 43 6.31 40.02 -32.17
CA VAL E 43 4.90 40.03 -31.80
C VAL E 43 4.06 39.29 -32.84
N ARG E 44 4.54 39.24 -34.08
CA ARG E 44 3.82 38.55 -35.15
C ARG E 44 4.28 37.11 -35.28
N GLY E 45 5.17 36.65 -34.38
CA GLY E 45 5.65 35.28 -34.40
C GLY E 45 6.72 35.02 -35.46
N ARG E 46 7.43 36.06 -35.88
CA ARG E 46 8.53 35.93 -36.84
C ARG E 46 9.84 35.72 -36.10
N VAL E 47 10.83 35.10 -36.77
CA VAL E 47 12.09 34.68 -36.14
C VAL E 47 13.31 34.97 -37.01
N ASN E 48 14.49 34.86 -36.41
CA ASN E 48 15.77 34.92 -37.09
C ASN E 48 16.21 33.47 -37.39
N ILE E 49 16.95 33.31 -38.50
CA ILE E 49 17.59 32.05 -38.86
C ILE E 49 19.11 32.24 -38.97
N VAL E 50 19.86 31.18 -38.69
CA VAL E 50 21.27 31.05 -39.04
C VAL E 50 21.45 29.61 -39.51
N ASP E 51 22.19 29.40 -40.61
CA ASP E 51 22.71 28.09 -40.96
C ASP E 51 21.57 27.07 -41.08
N GLY E 52 20.43 27.44 -41.70
CA GLY E 52 19.33 26.50 -41.94
C GLY E 52 18.49 26.16 -40.69
N GLN E 53 18.74 26.89 -39.60
CA GLN E 53 18.23 26.57 -38.29
C GLN E 53 17.80 27.85 -37.58
N VAL E 54 16.85 27.69 -36.67
CA VAL E 54 16.37 28.80 -35.87
C VAL E 54 17.54 29.27 -35.00
N VAL E 55 17.67 30.58 -34.80
CA VAL E 55 18.75 31.09 -33.96
C VAL E 55 18.48 30.70 -32.50
N ILE E 56 19.45 29.98 -31.93
CA ILE E 56 19.41 29.60 -30.53
C ILE E 56 20.54 30.38 -29.84
N GLU E 57 20.16 31.35 -29.00
CA GLU E 57 21.11 32.10 -28.21
C GLU E 57 21.28 31.44 -26.85
N ASP E 58 22.26 31.93 -26.08
CA ASP E 58 22.50 31.45 -24.73
C ASP E 58 21.46 32.07 -23.80
N ALA E 59 20.64 31.21 -23.18
CA ALA E 59 19.58 31.67 -22.30
C ALA E 59 20.17 32.54 -21.20
N ALA E 60 21.35 32.16 -20.68
CA ALA E 60 21.95 32.82 -19.52
C ALA E 60 22.18 34.31 -19.78
N ARG E 61 22.31 34.71 -21.05
CA ARG E 61 22.54 36.11 -21.39
C ARG E 61 21.40 37.02 -20.97
N ILE E 62 20.15 36.53 -20.86
CA ILE E 62 19.05 37.43 -20.54
C ILE E 62 18.74 37.43 -19.04
N GLY E 63 19.42 36.59 -18.26
CA GLY E 63 19.14 36.45 -16.84
C GLY E 63 19.63 35.12 -16.28
N ASP E 64 19.59 35.00 -14.95
CA ASP E 64 20.15 33.85 -14.25
C ASP E 64 19.08 32.78 -14.03
N GLN E 65 17.79 33.12 -14.24
CA GLN E 65 16.69 32.18 -14.11
C GLN E 65 15.76 32.33 -15.31
N PRO E 66 14.96 31.27 -15.64
CA PRO E 66 13.94 31.37 -16.69
C PRO E 66 12.96 32.50 -16.35
N PRO E 67 12.80 33.52 -17.21
CA PRO E 67 11.79 34.55 -16.95
C PRO E 67 10.37 33.98 -17.04
N GLU E 68 9.42 34.66 -16.41
CA GLU E 68 8.06 34.17 -16.20
C GLU E 68 7.37 33.87 -17.54
N HIS E 69 7.70 34.68 -18.53
CA HIS E 69 7.03 34.72 -19.82
C HIS E 69 7.73 33.79 -20.82
N ALA E 70 8.72 33.03 -20.36
CA ALA E 70 9.40 32.08 -21.24
C ALA E 70 8.64 30.77 -21.30
N VAL E 71 8.77 30.06 -22.43
CA VAL E 71 8.15 28.77 -22.60
C VAL E 71 9.24 27.73 -22.86
N PHE E 72 9.20 26.66 -22.06
CA PHE E 72 10.15 25.57 -22.17
C PHE E 72 9.73 24.63 -23.30
N LEU E 73 10.52 24.55 -24.38
CA LEU E 73 10.12 23.81 -25.56
C LEU E 73 10.56 22.37 -25.49
N GLY E 74 11.56 22.06 -24.66
CA GLY E 74 12.07 20.70 -24.54
C GLY E 74 13.58 20.65 -24.70
N ARG E 75 14.05 19.53 -25.25
CA ARG E 75 15.47 19.25 -25.42
C ARG E 75 15.73 19.01 -26.90
N ILE E 76 16.85 19.54 -27.39
CA ILE E 76 17.28 19.25 -28.74
C ILE E 76 18.28 18.10 -28.69
N PRO E 77 18.53 17.40 -29.82
CA PRO E 77 19.48 16.27 -29.82
C PRO E 77 20.78 16.62 -29.12
N GLY E 78 21.16 15.81 -28.12
CA GLY E 78 22.32 16.12 -27.28
C GLY E 78 21.92 16.62 -25.90
N GLY E 79 20.62 16.87 -25.68
CA GLY E 79 20.08 17.04 -24.34
C GLY E 79 20.06 18.49 -23.86
N ARG E 80 20.39 19.45 -24.71
CA ARG E 80 20.31 20.86 -24.33
C ARG E 80 18.85 21.32 -24.23
N HIS E 81 18.53 22.03 -23.14
CA HIS E 81 17.21 22.60 -22.95
C HIS E 81 17.04 23.82 -23.86
N VAL E 82 15.83 24.01 -24.40
CA VAL E 82 15.57 25.19 -25.23
C VAL E 82 14.28 25.85 -24.77
N TRP E 83 14.32 27.18 -24.67
CA TRP E 83 13.18 27.99 -24.30
C TRP E 83 12.87 28.99 -25.40
N ALA E 84 11.62 29.52 -25.39
CA ALA E 84 11.25 30.61 -26.28
C ALA E 84 10.70 31.81 -25.51
N VAL E 85 10.98 33.02 -26.01
CA VAL E 85 10.42 34.25 -25.48
C VAL E 85 10.00 35.14 -26.65
N ARG E 86 9.08 36.05 -26.34
CA ARG E 86 8.76 37.21 -27.16
C ARG E 86 9.80 38.31 -26.95
N ALA E 87 10.19 39.00 -28.01
CA ALA E 87 10.77 40.33 -27.87
C ALA E 87 10.48 41.17 -29.10
N ASP E 88 10.63 42.49 -28.97
CA ASP E 88 10.78 43.36 -30.13
C ASP E 88 12.14 43.09 -30.76
N LEU E 89 12.20 42.72 -32.04
CA LEU E 89 13.47 42.39 -32.68
C LEU E 89 13.97 43.49 -33.61
N ASP E 90 13.08 44.13 -34.38
CA ASP E 90 13.33 45.44 -34.96
C ASP E 90 14.34 45.43 -36.13
N GLU E 91 14.81 44.25 -36.56
CA GLU E 91 15.97 44.13 -37.44
C GLU E 91 17.16 44.92 -36.87
N ALA E 94 18.57 42.10 -38.05
CA ALA E 94 18.54 40.84 -38.85
C ALA E 94 17.15 40.66 -39.46
N PRO E 95 17.05 39.98 -40.62
CA PRO E 95 15.76 39.81 -41.28
C PRO E 95 14.88 38.90 -40.42
N LEU E 96 13.60 39.26 -40.31
CA LEU E 96 12.63 38.44 -39.58
C LEU E 96 11.76 37.69 -40.58
N LEU E 97 11.72 36.37 -40.45
CA LEU E 97 11.08 35.48 -41.42
C LEU E 97 9.74 35.01 -40.85
N ASP E 98 8.73 34.92 -41.74
CA ASP E 98 7.43 34.36 -41.43
C ASP E 98 7.39 32.92 -41.94
N LEU E 99 6.93 32.01 -41.08
CA LEU E 99 6.99 30.58 -41.33
C LEU E 99 6.25 30.22 -42.63
N ARG E 100 5.14 30.88 -42.95
CA ARG E 100 4.34 30.53 -44.11
C ARG E 100 5.08 30.75 -45.43
N ARG E 101 5.90 31.80 -45.51
CA ARG E 101 6.60 32.19 -46.72
C ARG E 101 8.02 31.62 -46.76
N SER E 102 8.69 31.43 -45.60
CA SER E 102 10.07 30.99 -45.59
C SER E 102 10.29 29.69 -44.81
N GLY E 103 9.20 29.07 -44.36
CA GLY E 103 9.32 27.92 -43.48
C GLY E 103 10.10 26.75 -44.08
N GLN E 104 10.08 26.64 -45.43
CA GLN E 104 10.78 25.56 -46.11
C GLN E 104 12.28 25.62 -45.88
N LEU E 105 12.85 26.80 -45.57
CA LEU E 105 14.30 26.89 -45.45
C LEU E 105 14.78 26.45 -44.06
N PHE E 106 13.87 26.12 -43.12
CA PHE E 106 14.30 25.63 -41.82
C PHE E 106 14.42 24.13 -41.87
N ASP E 107 15.33 23.55 -41.08
CA ASP E 107 15.28 22.10 -40.85
C ASP E 107 14.03 21.74 -40.04
N ASP E 108 13.65 20.47 -40.11
CA ASP E 108 12.41 19.94 -39.54
C ASP E 108 12.30 20.26 -38.06
N THR E 109 13.39 20.04 -37.32
CA THR E 109 13.40 20.27 -35.88
C THR E 109 13.17 21.75 -35.57
N SER E 110 13.84 22.64 -36.32
CA SER E 110 13.64 24.07 -36.16
C SER E 110 12.19 24.44 -36.45
N ALA E 111 11.60 23.86 -37.49
CA ALA E 111 10.24 24.18 -37.90
C ALA E 111 9.27 23.82 -36.78
N ALA E 112 9.49 22.67 -36.13
CA ALA E 112 8.65 22.21 -35.04
C ALA E 112 8.85 23.07 -33.80
N LEU E 113 10.10 23.43 -33.48
CA LEU E 113 10.38 24.33 -32.37
C LEU E 113 9.64 25.64 -32.60
N LEU E 114 9.68 26.16 -33.81
CA LEU E 114 9.05 27.45 -34.13
C LEU E 114 7.53 27.34 -34.07
N ALA E 115 6.95 26.29 -34.64
CA ALA E 115 5.50 26.10 -34.61
C ALA E 115 5.02 26.09 -33.16
N THR E 116 5.74 25.34 -32.30
CA THR E 116 5.41 25.25 -30.88
C THR E 116 5.55 26.61 -30.22
N ALA E 117 6.67 27.28 -30.42
CA ALA E 117 6.94 28.56 -29.77
C ALA E 117 5.89 29.59 -30.19
N MET E 118 5.59 29.62 -31.48
CA MET E 118 4.62 30.56 -32.04
C MET E 118 3.26 30.37 -31.37
N ALA E 119 2.78 29.12 -31.35
CA ALA E 119 1.49 28.78 -30.79
C ALA E 119 1.44 29.12 -29.31
N MET E 120 2.51 28.77 -28.58
CA MET E 120 2.51 28.89 -27.14
C MET E 120 2.62 30.36 -26.71
N LEU E 121 3.47 31.14 -27.37
CA LEU E 121 3.59 32.54 -27.00
C LEU E 121 2.34 33.32 -27.41
N ALA E 122 1.73 32.98 -28.54
CA ALA E 122 0.46 33.59 -28.92
C ALA E 122 -0.62 33.25 -27.90
N TRP E 123 -0.64 32.00 -27.43
CA TRP E 123 -1.58 31.64 -26.39
C TRP E 123 -1.42 32.51 -25.16
N HIS E 124 -0.19 32.63 -24.66
CA HIS E 124 0.07 33.44 -23.46
C HIS E 124 -0.45 34.86 -23.65
N ASP E 125 -0.18 35.46 -24.82
CA ASP E 125 -0.65 36.80 -25.13
C ASP E 125 -2.18 36.90 -25.02
N ASN E 126 -2.90 35.80 -25.26
CA ASN E 126 -4.35 35.80 -25.32
C ASN E 126 -5.00 35.05 -24.16
N ALA E 127 -4.23 34.76 -23.10
CA ALA E 127 -4.74 33.92 -22.02
C ALA E 127 -4.40 34.54 -20.66
N GLY E 128 -4.20 35.86 -20.64
CA GLY E 128 -3.83 36.56 -19.41
C GLY E 128 -4.92 36.52 -18.36
N TYR E 129 -6.18 36.19 -18.73
CA TYR E 129 -7.28 36.17 -17.77
C TYR E 129 -8.09 34.89 -17.90
N SER E 130 -8.73 34.47 -16.81
CA SER E 130 -9.62 33.33 -16.81
C SER E 130 -10.86 33.66 -17.63
N PRO E 131 -11.25 32.81 -18.59
CA PRO E 131 -12.55 32.93 -19.26
C PRO E 131 -13.70 32.61 -18.31
N VAL E 132 -13.41 31.92 -17.21
CA VAL E 132 -14.43 31.45 -16.28
C VAL E 132 -14.91 32.61 -15.41
N ASP E 133 -13.98 33.36 -14.83
CA ASP E 133 -14.35 34.37 -13.84
C ASP E 133 -13.63 35.69 -14.04
N GLY E 134 -12.75 35.81 -15.05
CA GLY E 134 -12.12 37.08 -15.36
C GLY E 134 -10.88 37.39 -14.53
N SER E 135 -10.48 36.52 -13.59
CA SER E 135 -9.29 36.76 -12.80
C SER E 135 -8.03 36.73 -13.67
N PRO E 136 -7.00 37.54 -13.36
CA PRO E 136 -5.70 37.37 -14.02
C PRO E 136 -5.16 35.96 -13.81
N THR E 137 -4.40 35.48 -14.79
CA THR E 137 -3.73 34.19 -14.68
C THR E 137 -2.24 34.41 -14.69
N ILE E 138 -1.47 33.50 -14.08
CA ILE E 138 -0.03 33.62 -13.98
C ILE E 138 0.56 32.36 -14.62
N PRO E 139 1.60 32.46 -15.47
CA PRO E 139 2.17 31.27 -16.09
C PRO E 139 2.81 30.38 -15.02
N ALA E 140 2.83 29.07 -15.28
CA ALA E 140 3.54 28.11 -14.46
C ALA E 140 3.93 26.90 -15.31
N LYS E 141 4.64 25.96 -14.69
CA LYS E 141 5.08 24.71 -15.31
C LYS E 141 5.75 24.97 -16.64
N GLY E 142 6.78 25.82 -16.61
CA GLY E 142 7.61 26.07 -17.78
C GLY E 142 6.83 26.78 -18.90
N GLY E 143 5.73 27.44 -18.53
CA GLY E 143 4.87 28.12 -19.48
C GLY E 143 3.79 27.23 -20.12
N TRP E 144 3.52 26.04 -19.56
CA TRP E 144 2.58 25.11 -20.15
C TRP E 144 1.21 25.17 -19.50
N VAL E 145 1.06 25.96 -18.43
CA VAL E 145 -0.24 26.28 -17.89
C VAL E 145 -0.19 27.75 -17.48
N ARG E 146 -1.38 28.29 -17.23
CA ARG E 146 -1.54 29.55 -16.51
C ARG E 146 -2.52 29.29 -15.38
N VAL E 147 -2.24 29.88 -14.21
CA VAL E 147 -2.98 29.58 -12.98
C VAL E 147 -3.85 30.77 -12.65
N ASN E 148 -5.13 30.49 -12.41
CA ASN E 148 -6.07 31.50 -11.94
C ASN E 148 -5.58 32.04 -10.59
N SER E 149 -5.27 33.34 -10.53
CA SER E 149 -4.68 33.93 -9.34
C SER E 149 -5.65 33.85 -8.15
N ALA E 150 -6.97 33.88 -8.42
CA ALA E 150 -7.97 33.83 -7.37
C ALA E 150 -8.27 32.40 -6.94
N THR E 151 -8.41 31.45 -7.89
CA THR E 151 -8.93 30.13 -7.55
C THR E 151 -7.88 29.04 -7.61
N GLY E 152 -6.73 29.30 -8.23
CA GLY E 152 -5.75 28.24 -8.46
C GLY E 152 -6.07 27.30 -9.63
N GLN E 153 -7.20 27.51 -10.32
CA GLN E 153 -7.58 26.68 -11.46
C GLN E 153 -6.59 26.89 -12.62
N GLU E 154 -6.16 25.78 -13.22
CA GLU E 154 -5.24 25.77 -14.35
C GLU E 154 -5.99 25.99 -15.66
N GLU E 155 -5.44 26.88 -16.50
CA GLU E 155 -5.83 27.06 -17.89
C GLU E 155 -4.74 26.48 -18.80
N PHE E 156 -5.15 25.85 -19.91
CA PHE E 156 -4.27 25.07 -20.79
C PHE E 156 -4.26 25.67 -22.20
N PRO E 157 -3.15 25.52 -22.96
CA PRO E 157 -3.06 26.07 -24.31
C PRO E 157 -4.20 25.64 -25.22
N ARG E 158 -4.68 26.58 -26.04
CA ARG E 158 -5.81 26.32 -26.91
C ARG E 158 -5.34 26.10 -28.34
N THR E 159 -5.84 25.00 -28.92
CA THR E 159 -5.65 24.68 -30.32
C THR E 159 -7.02 24.35 -30.91
N ASP E 160 -7.47 25.19 -31.85
CA ASP E 160 -8.77 25.04 -32.48
C ASP E 160 -8.65 24.11 -33.69
N PRO E 161 -9.35 22.96 -33.71
CA PRO E 161 -9.32 22.08 -34.86
C PRO E 161 -10.08 22.70 -36.03
N ALA E 162 -9.48 22.60 -37.21
CA ALA E 162 -10.10 23.05 -38.44
C ALA E 162 -9.92 21.95 -39.47
N ILE E 163 -10.94 21.78 -40.31
CA ILE E 163 -10.86 20.80 -41.38
C ILE E 163 -10.52 21.54 -42.67
N ILE E 164 -9.86 20.83 -43.57
CA ILE E 164 -9.59 21.33 -44.91
C ILE E 164 -9.80 20.17 -45.88
N CYS E 165 -10.66 20.38 -46.89
CA CYS E 165 -11.21 19.27 -47.65
C CYS E 165 -11.02 19.47 -49.16
N LEU E 166 -10.54 18.40 -49.80
CA LEU E 166 -10.58 18.28 -51.25
C LEU E 166 -11.78 17.39 -51.61
N VAL E 167 -12.80 18.04 -52.15
CA VAL E 167 -13.93 17.34 -52.74
C VAL E 167 -13.55 16.95 -54.17
N HIS E 168 -13.71 15.66 -54.49
CA HIS E 168 -13.46 15.18 -55.84
C HIS E 168 -14.60 14.27 -56.28
N ASP E 169 -14.56 13.86 -57.56
CA ASP E 169 -15.67 13.12 -58.16
C ASP E 169 -15.39 11.62 -58.17
N GLY E 170 -14.27 11.21 -57.56
CA GLY E 170 -13.86 9.81 -57.56
C GLY E 170 -12.96 9.49 -58.75
N GLY E 171 -12.81 10.46 -59.67
CA GLY E 171 -12.01 10.29 -60.85
C GLY E 171 -10.99 11.41 -61.01
N ASP E 172 -11.23 12.33 -61.93
CA ASP E 172 -10.17 13.21 -62.41
C ASP E 172 -10.54 14.67 -62.20
N ARG E 173 -11.58 14.94 -61.41
CA ARG E 173 -11.99 16.32 -61.17
C ARG E 173 -12.16 16.61 -59.68
N ALA E 174 -11.80 17.84 -59.29
CA ALA E 174 -11.79 18.24 -57.90
C ALA E 174 -12.26 19.69 -57.79
N VAL E 175 -12.98 19.97 -56.69
CA VAL E 175 -13.48 21.31 -56.43
C VAL E 175 -12.38 22.15 -55.81
N LEU E 176 -12.17 23.36 -56.35
CA LEU E 176 -11.42 24.39 -55.68
C LEU E 176 -12.28 25.64 -55.63
N GLY E 177 -12.06 26.46 -54.61
CA GLY E 177 -12.90 27.61 -54.31
C GLY E 177 -12.03 28.84 -54.03
N ARG E 178 -12.61 30.02 -54.30
CA ARG E 178 -11.92 31.28 -54.17
C ARG E 178 -12.74 32.16 -53.23
N GLN E 179 -12.09 32.67 -52.17
CA GLN E 179 -12.72 33.76 -51.42
C GLN E 179 -12.49 35.04 -52.21
N LYS E 180 -13.38 36.03 -52.02
CA LYS E 180 -13.42 37.20 -52.88
C LYS E 180 -12.11 37.97 -52.80
N PHE E 181 -11.53 38.13 -51.60
CA PHE E 181 -10.39 39.02 -51.40
C PHE E 181 -9.12 38.21 -51.72
N ARG E 185 -7.20 34.85 -59.41
CA ARG E 185 -7.49 33.41 -59.69
C ARG E 185 -6.73 32.52 -58.68
N MET E 186 -6.76 32.98 -57.43
CA MET E 186 -6.27 32.20 -56.30
C MET E 186 -7.40 31.29 -55.82
N PHE E 187 -7.29 29.99 -56.12
CA PHE E 187 -8.24 28.99 -55.64
C PHE E 187 -7.56 28.01 -54.69
N SER E 188 -8.34 27.41 -53.78
CA SER E 188 -7.82 26.45 -52.83
C SER E 188 -8.91 25.49 -52.34
N LEU E 189 -8.58 24.71 -51.32
CA LEU E 189 -9.49 23.74 -50.73
C LEU E 189 -10.52 24.48 -49.88
N LEU E 190 -11.54 23.75 -49.43
CA LEU E 190 -12.54 24.30 -48.53
C LEU E 190 -12.14 23.98 -47.08
N ALA E 191 -12.25 24.99 -46.22
CA ALA E 191 -11.71 24.91 -44.87
C ALA E 191 -12.73 25.50 -43.92
N GLY E 192 -12.82 24.94 -42.71
CA GLY E 192 -13.67 25.51 -41.68
C GLY E 192 -13.28 25.02 -40.29
N PHE E 193 -13.69 25.77 -39.25
CA PHE E 193 -13.48 25.37 -37.88
C PHE E 193 -14.49 24.28 -37.51
N VAL E 194 -14.02 23.28 -36.76
CA VAL E 194 -14.89 22.30 -36.14
C VAL E 194 -15.68 23.01 -35.04
N GLU E 195 -16.99 22.80 -35.04
CA GLU E 195 -17.84 23.41 -34.03
C GLU E 195 -18.04 22.43 -32.89
N ALA E 196 -18.48 22.99 -31.75
CA ALA E 196 -18.83 22.21 -30.59
C ALA E 196 -19.93 21.23 -30.93
N GLY E 197 -19.81 20.00 -30.47
CA GLY E 197 -20.87 19.03 -30.58
C GLY E 197 -20.93 18.27 -31.89
N GLU E 198 -19.91 18.42 -32.76
CA GLU E 198 -19.94 17.67 -34.02
C GLU E 198 -18.66 16.86 -34.21
N SER E 199 -18.80 15.77 -35.00
CA SER E 199 -17.66 14.96 -35.41
C SER E 199 -16.90 15.67 -36.50
N LEU E 200 -15.68 15.21 -36.79
CA LEU E 200 -14.94 15.75 -37.93
C LEU E 200 -15.69 15.47 -39.23
N GLU E 201 -16.26 14.27 -39.35
CA GLU E 201 -16.95 13.86 -40.57
C GLU E 201 -18.17 14.75 -40.79
N ALA E 202 -18.93 15.03 -39.71
CA ALA E 202 -20.07 15.91 -39.80
C ALA E 202 -19.63 17.32 -40.14
N CYS E 203 -18.50 17.74 -39.56
CA CYS E 203 -17.99 19.08 -39.80
C CYS E 203 -17.61 19.24 -41.27
N VAL E 204 -16.96 18.24 -41.86
CA VAL E 204 -16.56 18.33 -43.26
C VAL E 204 -17.79 18.47 -44.14
N ALA E 205 -18.78 17.57 -43.96
CA ALA E 205 -19.99 17.62 -44.77
C ALA E 205 -20.69 18.96 -44.60
N ARG E 206 -20.82 19.43 -43.36
CA ARG E 206 -21.53 20.67 -43.09
C ARG E 206 -20.82 21.81 -43.78
N GLU E 207 -19.49 21.91 -43.61
CA GLU E 207 -18.73 23.04 -44.16
C GLU E 207 -18.78 23.05 -45.68
N VAL E 208 -18.64 21.89 -46.33
CA VAL E 208 -18.71 21.85 -47.77
C VAL E 208 -20.08 22.34 -48.24
N ALA E 209 -21.16 21.87 -47.60
CA ALA E 209 -22.51 22.29 -47.93
C ALA E 209 -22.68 23.81 -47.76
N GLU E 210 -22.20 24.35 -46.62
CA GLU E 210 -22.30 25.77 -46.33
C GLU E 210 -21.55 26.60 -47.38
N GLU E 211 -20.40 26.13 -47.84
CA GLU E 211 -19.51 26.97 -48.64
C GLU E 211 -19.87 26.90 -50.12
N VAL E 212 -20.12 25.69 -50.63
CA VAL E 212 -20.32 25.53 -52.05
C VAL E 212 -21.56 24.68 -52.35
N GLY E 213 -22.36 24.35 -51.33
CA GLY E 213 -23.69 23.78 -51.55
C GLY E 213 -23.69 22.32 -52.00
N LEU E 214 -22.52 21.66 -52.01
CA LEU E 214 -22.47 20.26 -52.39
C LEU E 214 -22.72 19.35 -51.18
N THR E 215 -23.39 18.23 -51.47
CA THR E 215 -23.54 17.10 -50.56
C THR E 215 -22.42 16.12 -50.85
N VAL E 216 -21.62 15.78 -49.82
CA VAL E 216 -20.48 14.91 -50.04
C VAL E 216 -20.61 13.67 -49.18
N THR E 217 -19.96 12.60 -49.64
CA THR E 217 -19.93 11.33 -48.92
C THR E 217 -18.49 10.85 -48.85
N ASP E 218 -18.28 9.72 -48.17
CA ASP E 218 -16.97 9.07 -48.09
C ASP E 218 -15.91 10.06 -47.60
N VAL E 219 -16.22 10.81 -46.53
CA VAL E 219 -15.26 11.74 -45.93
C VAL E 219 -14.11 10.92 -45.35
N GLN E 220 -12.89 11.15 -45.83
CA GLN E 220 -11.74 10.35 -45.47
C GLN E 220 -10.58 11.25 -45.06
N TYR E 221 -9.96 10.89 -43.93
CA TYR E 221 -8.87 11.65 -43.35
C TYR E 221 -7.57 11.38 -44.09
N LEU E 222 -6.77 12.45 -44.30
CA LEU E 222 -5.51 12.34 -45.01
C LEU E 222 -4.33 12.63 -44.07
N GLY E 223 -4.47 13.59 -43.15
CA GLY E 223 -3.33 14.03 -42.36
C GLY E 223 -3.63 15.29 -41.56
N SER E 224 -2.60 15.78 -40.84
CA SER E 224 -2.80 16.93 -39.97
C SER E 224 -1.54 17.77 -39.90
N GLN E 225 -1.69 19.02 -39.53
CA GLN E 225 -0.59 19.95 -39.48
C GLN E 225 -0.90 21.04 -38.44
N PRO E 226 0.03 21.30 -37.49
CA PRO E 226 -0.10 22.45 -36.62
C PRO E 226 -0.11 23.72 -37.47
N TRP E 227 -0.90 24.71 -37.07
CA TRP E 227 -1.11 25.88 -37.91
C TRP E 227 -1.30 27.09 -37.00
N PRO E 228 -0.20 27.54 -36.37
CA PRO E 228 -0.27 28.57 -35.34
C PRO E 228 -0.48 29.97 -35.87
N PHE E 229 -1.57 30.16 -36.60
CA PHE E 229 -1.84 31.43 -37.24
C PHE E 229 -3.28 31.84 -36.93
N PRO E 230 -3.63 32.13 -35.66
CA PRO E 230 -2.73 31.99 -34.51
C PRO E 230 -2.77 30.69 -33.71
N ARG E 231 -3.79 29.84 -33.89
CA ARG E 231 -3.97 28.74 -32.96
C ARG E 231 -4.76 27.57 -33.53
N SER E 232 -4.52 27.19 -34.77
CA SER E 232 -5.25 26.08 -35.36
C SER E 232 -4.40 24.81 -35.40
N ILE E 233 -5.10 23.68 -35.56
CA ILE E 233 -4.54 22.48 -36.14
C ILE E 233 -5.40 22.11 -37.33
N MET E 234 -4.77 21.94 -38.49
CA MET E 234 -5.48 21.71 -39.72
C MET E 234 -5.57 20.21 -39.95
N LEU E 235 -6.79 19.73 -40.19
CA LEU E 235 -7.06 18.30 -40.34
C LEU E 235 -7.56 18.08 -41.77
N GLY E 236 -6.74 17.38 -42.56
CA GLY E 236 -6.94 17.26 -43.99
C GLY E 236 -7.85 16.09 -44.34
N PHE E 237 -8.79 16.32 -45.25
CA PHE E 237 -9.73 15.30 -45.68
C PHE E 237 -9.94 15.37 -47.19
N HIS E 238 -10.45 14.26 -47.74
CA HIS E 238 -11.06 14.29 -49.06
C HIS E 238 -12.46 13.71 -48.94
N ALA E 239 -13.32 14.08 -49.90
CA ALA E 239 -14.69 13.61 -49.91
C ALA E 239 -15.18 13.51 -51.36
N ILE E 240 -16.22 12.71 -51.56
CA ILE E 240 -16.78 12.49 -52.90
C ILE E 240 -17.98 13.42 -53.06
N GLY E 241 -17.92 14.26 -54.08
CA GLY E 241 -19.05 15.09 -54.49
C GLY E 241 -19.55 14.68 -55.88
N ASP E 242 -20.71 15.25 -56.27
CA ASP E 242 -21.37 14.95 -57.53
C ASP E 242 -21.34 16.21 -58.41
N PRO E 243 -20.57 16.22 -59.52
CA PRO E 243 -20.46 17.41 -60.36
C PRO E 243 -21.76 17.81 -61.06
N SER E 244 -22.75 16.91 -61.12
CA SER E 244 -24.03 17.25 -61.72
C SER E 244 -24.87 18.10 -60.77
N GLN E 245 -24.53 18.09 -59.47
CA GLN E 245 -25.16 18.98 -58.51
C GLN E 245 -24.51 20.35 -58.66
N PRO E 246 -25.32 21.45 -58.70
CA PRO E 246 -24.77 22.78 -58.92
C PRO E 246 -24.21 23.39 -57.64
N PHE E 247 -23.25 24.30 -57.79
CA PHE E 247 -22.75 25.06 -56.65
C PHE E 247 -23.85 25.95 -56.11
N ALA E 248 -23.67 26.41 -54.88
CA ALA E 248 -24.52 27.40 -54.24
C ALA E 248 -23.72 28.03 -53.11
N PHE E 249 -23.51 29.35 -53.18
CA PHE E 249 -22.55 30.02 -52.32
C PHE E 249 -23.27 30.60 -51.10
N ASN E 250 -23.73 29.66 -50.26
CA ASN E 250 -24.75 29.90 -49.24
C ASN E 250 -24.27 30.88 -48.18
N ASP E 251 -23.25 30.47 -47.41
CA ASP E 251 -22.77 31.24 -46.28
C ASP E 251 -22.05 32.52 -46.71
N GLY E 252 -21.84 32.74 -48.01
CA GLY E 252 -21.36 34.01 -48.55
C GLY E 252 -19.82 34.14 -48.62
N GLU E 253 -19.09 33.09 -48.28
CA GLU E 253 -17.67 33.18 -48.00
C GLU E 253 -16.87 32.85 -49.28
N ILE E 254 -17.46 32.02 -50.14
CA ILE E 254 -16.88 31.69 -51.44
C ILE E 254 -17.51 32.57 -52.50
N ALA E 255 -16.66 33.21 -53.32
CA ALA E 255 -17.11 34.05 -54.43
C ALA E 255 -17.32 33.20 -55.68
N GLU E 256 -16.42 32.25 -55.94
CA GLU E 256 -16.62 31.32 -57.04
C GLU E 256 -15.87 30.01 -56.75
N ALA E 257 -16.30 28.97 -57.44
CA ALA E 257 -15.71 27.65 -57.33
C ALA E 257 -15.95 26.92 -58.64
N ASP E 258 -15.14 25.90 -58.93
CA ASP E 258 -15.33 25.14 -60.14
C ASP E 258 -14.70 23.77 -59.93
N TRP E 259 -15.06 22.83 -60.83
CA TRP E 259 -14.37 21.56 -60.93
C TRP E 259 -13.16 21.72 -61.86
N PHE E 260 -12.00 21.22 -61.42
CA PHE E 260 -10.78 21.28 -62.20
C PHE E 260 -10.27 19.85 -62.41
N THR E 261 -9.65 19.61 -63.57
CA THR E 261 -9.09 18.29 -63.89
C THR E 261 -7.73 18.15 -63.22
N ARG E 262 -7.23 16.91 -63.15
CA ARG E 262 -5.88 16.67 -62.65
C ARG E 262 -4.86 17.44 -63.50
N ALA E 263 -5.10 17.53 -64.81
CA ALA E 263 -4.18 18.17 -65.73
C ALA E 263 -4.06 19.65 -65.40
N GLU E 264 -5.21 20.34 -65.28
CA GLU E 264 -5.23 21.74 -64.89
C GLU E 264 -4.47 21.94 -63.58
N VAL E 265 -4.73 21.08 -62.60
CA VAL E 265 -4.17 21.25 -61.26
C VAL E 265 -2.65 21.05 -61.35
N ARG E 266 -2.20 19.97 -62.00
CA ARG E 266 -0.76 19.74 -62.14
C ARG E 266 -0.10 20.97 -62.77
N SER E 267 -0.73 21.47 -63.84
CA SER E 267 -0.25 22.64 -64.55
C SER E 267 -0.13 23.83 -63.58
N ALA E 268 -1.19 24.11 -62.82
CA ALA E 268 -1.20 25.24 -61.92
C ALA E 268 -0.16 25.06 -60.81
N LEU E 269 0.09 23.81 -60.41
CA LEU E 269 1.07 23.51 -59.37
C LEU E 269 2.47 23.83 -59.87
N GLU E 270 2.79 23.43 -61.11
CA GLU E 270 3.99 23.97 -61.76
C GLU E 270 3.71 25.44 -62.07
N LEU E 284 -2.31 28.26 -58.14
CA LEU E 284 -1.92 27.59 -56.87
C LEU E 284 -0.54 28.06 -56.45
N PRO E 285 -0.43 29.03 -55.50
CA PRO E 285 0.86 29.56 -55.08
C PRO E 285 1.68 28.52 -54.31
N GLY E 286 2.98 28.78 -54.14
CA GLY E 286 3.83 28.02 -53.22
C GLY E 286 3.37 28.21 -51.78
N SER E 287 3.55 27.19 -50.93
CA SER E 287 2.86 27.16 -49.66
C SER E 287 3.37 26.01 -48.80
N ILE E 288 3.53 26.24 -47.49
CA ILE E 288 3.84 25.16 -46.57
C ILE E 288 2.57 24.48 -46.06
N SER E 289 1.40 24.90 -46.54
CA SER E 289 0.13 24.39 -46.06
C SER E 289 -0.09 22.95 -46.47
N ILE E 290 -0.76 22.20 -45.60
CA ILE E 290 -1.22 20.86 -45.92
C ILE E 290 -2.15 20.90 -47.14
N ALA E 291 -2.85 22.03 -47.36
CA ALA E 291 -3.68 22.21 -48.55
C ALA E 291 -2.93 21.86 -49.84
N ARG E 292 -1.71 22.37 -49.96
CA ARG E 292 -0.93 22.16 -51.16
C ARG E 292 -0.52 20.69 -51.26
N GLU E 293 -0.16 20.09 -50.12
CA GLU E 293 0.21 18.69 -50.09
C GLU E 293 -0.98 17.80 -50.48
N ILE E 294 -2.20 18.17 -50.06
CA ILE E 294 -3.38 17.39 -50.41
C ILE E 294 -3.59 17.46 -51.93
N VAL E 295 -3.57 18.68 -52.48
CA VAL E 295 -3.83 18.90 -53.90
C VAL E 295 -2.76 18.17 -54.72
N GLU E 296 -1.49 18.36 -54.38
CA GLU E 296 -0.38 17.69 -55.03
C GLU E 296 -0.59 16.18 -55.00
N SER E 297 -0.90 15.63 -53.82
CA SER E 297 -1.02 14.19 -53.68
C SER E 297 -2.16 13.68 -54.54
N TRP E 298 -3.23 14.45 -54.64
CA TRP E 298 -4.36 14.06 -55.47
C TRP E 298 -3.98 14.12 -56.95
N ALA E 299 -3.40 15.25 -57.36
CA ALA E 299 -3.12 15.54 -58.75
C ALA E 299 -2.19 14.50 -59.38
N TYR E 300 -1.26 13.92 -58.60
CA TYR E 300 -0.27 12.99 -59.11
C TYR E 300 -0.56 11.57 -58.62
N ALA E 301 -1.75 11.30 -58.07
CA ALA E 301 -2.09 9.94 -57.67
C ALA E 301 -2.24 9.05 -58.91
N PHE F 3 -14.34 -28.59 36.83
CA PHE F 3 -13.76 -29.75 37.55
C PHE F 3 -12.42 -30.12 36.94
N ARG F 4 -11.59 -30.82 37.73
CA ARG F 4 -10.36 -31.39 37.23
C ARG F 4 -10.49 -32.90 37.34
N LEU F 5 -9.58 -33.65 36.69
CA LEU F 5 -9.55 -35.09 36.87
C LEU F 5 -9.13 -35.40 38.30
N ARG F 6 -9.75 -36.41 38.89
CA ARG F 6 -9.41 -36.85 40.23
C ARG F 6 -8.10 -37.64 40.19
N ASN F 7 -7.97 -38.51 39.18
CA ASN F 7 -6.80 -39.36 39.04
C ASN F 7 -6.04 -39.05 37.77
N ILE F 8 -4.75 -39.28 37.83
CA ILE F 8 -3.92 -39.36 36.64
C ILE F 8 -4.41 -40.58 35.84
N PRO F 9 -4.71 -40.44 34.53
CA PRO F 9 -5.19 -41.59 33.76
C PRO F 9 -4.20 -42.75 33.78
N LEU F 10 -4.73 -43.96 33.66
CA LEU F 10 -3.91 -45.12 33.44
C LEU F 10 -3.11 -44.92 32.15
N LEU F 11 -1.86 -45.35 32.21
CA LEU F 11 -0.88 -45.24 31.13
C LEU F 11 -0.19 -43.88 31.17
N SER F 12 -0.65 -42.95 32.01
CA SER F 12 -0.06 -41.63 32.09
C SER F 12 0.75 -41.47 33.38
N ARG F 13 0.77 -42.51 34.24
CA ARG F 13 1.13 -42.31 35.64
C ARG F 13 2.61 -41.98 35.85
N VAL F 14 3.55 -42.70 35.21
CA VAL F 14 4.95 -42.36 35.33
C VAL F 14 5.45 -41.79 34.02
N GLY F 15 6.58 -41.09 34.08
CA GLY F 15 7.48 -40.93 32.93
C GLY F 15 8.73 -41.78 33.12
N LEU F 16 8.81 -42.91 32.39
CA LEU F 16 10.01 -43.73 32.29
C LEU F 16 11.26 -42.90 32.01
N ASP F 17 12.43 -43.41 32.43
CA ASP F 17 13.68 -42.82 32.00
C ASP F 17 14.05 -43.37 30.61
N ARG F 18 13.73 -42.60 29.57
CA ARG F 18 13.87 -43.08 28.21
C ARG F 18 15.31 -43.02 27.73
N ALA F 19 16.17 -42.27 28.45
CA ALA F 19 17.59 -42.17 28.12
C ALA F 19 17.77 -41.81 26.65
N ASP F 20 17.15 -40.70 26.25
CA ASP F 20 17.15 -40.27 24.87
C ASP F 20 18.57 -40.13 24.36
N GLU F 21 19.47 -39.63 25.19
CA GLU F 21 20.86 -39.38 24.80
C GLU F 21 21.55 -40.66 24.34
N LEU F 22 21.11 -41.83 24.80
CA LEU F 22 21.74 -43.08 24.38
C LEU F 22 21.30 -43.54 22.99
N ARG F 23 20.18 -42.98 22.49
CA ARG F 23 19.59 -43.48 21.25
C ARG F 23 20.55 -43.29 20.08
N SER F 24 21.26 -42.15 20.07
CA SER F 24 22.20 -41.81 19.02
C SER F 24 23.63 -42.20 19.41
N ASN F 25 23.79 -43.09 20.39
CA ASN F 25 25.11 -43.52 20.84
C ASN F 25 25.24 -45.03 20.66
N PRO F 26 25.49 -45.52 19.42
CA PRO F 26 25.44 -46.95 19.13
C PRO F 26 26.45 -47.75 19.97
N GLU F 27 27.54 -47.10 20.38
CA GLU F 27 28.58 -47.72 21.18
C GLU F 27 28.02 -48.08 22.56
N GLU F 28 27.40 -47.11 23.25
CA GLU F 28 26.84 -47.34 24.56
C GLU F 28 25.71 -48.36 24.51
N LEU F 29 24.90 -48.33 23.43
CA LEU F 29 23.81 -49.29 23.31
C LEU F 29 24.40 -50.70 23.18
N ALA F 30 25.47 -50.85 22.39
CA ALA F 30 26.08 -52.16 22.17
C ALA F 30 26.77 -52.66 23.44
N LYS F 31 27.36 -51.74 24.20
CA LYS F 31 28.02 -52.09 25.46
C LYS F 31 27.00 -52.57 26.50
N GLY F 32 25.86 -51.88 26.61
CA GLY F 32 24.87 -52.14 27.64
C GLY F 32 24.10 -53.42 27.40
N TRP F 33 24.24 -53.98 26.19
CA TRP F 33 23.41 -55.09 25.74
C TRP F 33 23.63 -56.35 26.58
N ALA F 34 24.88 -56.63 26.93
CA ALA F 34 25.24 -57.86 27.61
C ALA F 34 24.50 -57.96 28.95
N GLU F 35 24.33 -56.85 29.67
CA GLU F 35 23.59 -56.86 30.93
C GLU F 35 22.16 -56.33 30.78
N ALA F 36 21.66 -56.20 29.54
CA ALA F 36 20.40 -55.49 29.29
C ALA F 36 19.20 -56.40 29.53
N GLY F 37 18.07 -55.79 29.88
CA GLY F 37 16.78 -56.48 29.93
C GLY F 37 16.04 -56.44 28.59
N LEU F 38 15.14 -57.41 28.39
CA LEU F 38 14.41 -57.57 27.15
C LEU F 38 12.96 -57.92 27.47
N ILE F 39 12.04 -57.13 26.91
CA ILE F 39 10.61 -57.39 26.97
C ILE F 39 10.19 -57.91 25.61
N THR F 40 9.30 -58.90 25.61
CA THR F 40 8.83 -59.51 24.38
C THR F 40 7.31 -59.35 24.25
N LEU F 41 6.88 -58.81 23.11
CA LEU F 41 5.48 -58.63 22.78
C LEU F 41 5.14 -59.54 21.61
N ASP F 42 3.94 -60.13 21.59
CA ASP F 42 3.42 -60.78 20.40
C ASP F 42 2.75 -59.73 19.52
N VAL F 43 2.17 -60.19 18.40
CA VAL F 43 1.67 -59.31 17.35
C VAL F 43 0.49 -58.50 17.86
N ARG F 44 -0.21 -59.00 18.87
CA ARG F 44 -1.37 -58.29 19.40
C ARG F 44 -0.95 -57.39 20.56
N GLY F 45 0.36 -57.32 20.85
CA GLY F 45 0.86 -56.47 21.93
C GLY F 45 0.65 -57.06 23.32
N ARG F 46 0.53 -58.38 23.40
CA ARG F 46 0.42 -59.06 24.67
C ARG F 46 1.80 -59.45 25.17
N VAL F 47 1.90 -59.61 26.50
CA VAL F 47 3.14 -59.89 27.21
C VAL F 47 2.86 -60.89 28.34
N ASN F 48 3.96 -61.41 28.92
CA ASN F 48 3.88 -62.15 30.17
C ASN F 48 4.14 -61.19 31.33
N ILE F 49 3.34 -61.31 32.39
CA ILE F 49 3.56 -60.53 33.59
C ILE F 49 3.65 -61.45 34.80
N VAL F 50 4.40 -61.03 35.82
CA VAL F 50 4.42 -61.70 37.11
C VAL F 50 4.32 -60.64 38.19
N ASP F 51 3.35 -60.82 39.10
CA ASP F 51 3.11 -59.89 40.19
C ASP F 51 2.91 -58.48 39.69
N GLY F 52 2.16 -58.31 38.60
CA GLY F 52 1.83 -56.99 38.08
C GLY F 52 2.94 -56.35 37.26
N GLN F 53 4.04 -57.08 37.03
CA GLN F 53 5.24 -56.51 36.46
C GLN F 53 5.65 -57.30 35.22
N VAL F 54 5.96 -56.56 34.15
CA VAL F 54 6.28 -57.17 32.88
C VAL F 54 7.55 -58.00 33.05
N VAL F 55 7.59 -59.17 32.43
CA VAL F 55 8.76 -60.04 32.51
C VAL F 55 9.88 -59.41 31.72
N ILE F 56 11.02 -59.21 32.39
CA ILE F 56 12.23 -58.73 31.77
C ILE F 56 13.23 -59.88 31.70
N GLU F 57 13.52 -60.35 30.48
CA GLU F 57 14.46 -61.44 30.26
C GLU F 57 15.83 -60.83 29.96
N ASP F 58 16.85 -61.69 29.94
CA ASP F 58 18.22 -61.24 29.69
C ASP F 58 18.39 -61.08 28.17
N ALA F 59 18.66 -59.85 27.74
CA ALA F 59 18.78 -59.53 26.32
C ALA F 59 19.81 -60.44 25.64
N ALA F 60 20.91 -60.73 26.35
CA ALA F 60 22.04 -61.45 25.78
C ALA F 60 21.64 -62.83 25.28
N ARG F 61 20.54 -63.40 25.83
CA ARG F 61 20.08 -64.71 25.41
C ARG F 61 19.69 -64.76 23.94
N ILE F 62 19.28 -63.65 23.30
CA ILE F 62 18.79 -63.73 21.93
C ILE F 62 19.91 -63.40 20.93
N GLY F 63 21.10 -62.98 21.42
CA GLY F 63 22.17 -62.52 20.56
C GLY F 63 23.17 -61.67 21.31
N ASP F 64 24.32 -61.39 20.68
CA ASP F 64 25.40 -60.65 21.33
C ASP F 64 25.29 -59.15 21.04
N GLN F 65 24.42 -58.76 20.10
CA GLN F 65 24.19 -57.35 19.80
C GLN F 65 22.68 -57.05 19.72
N PRO F 66 22.25 -55.79 19.95
CA PRO F 66 20.85 -55.42 19.74
C PRO F 66 20.41 -55.72 18.33
N PRO F 67 19.38 -56.56 18.10
CA PRO F 67 18.90 -56.78 16.74
C PRO F 67 18.28 -55.51 16.17
N GLU F 68 18.22 -55.44 14.83
CA GLU F 68 17.77 -54.28 14.09
C GLU F 68 16.35 -53.89 14.49
N HIS F 69 15.53 -54.91 14.77
CA HIS F 69 14.10 -54.75 14.97
C HIS F 69 13.77 -54.48 16.44
N ALA F 70 14.80 -54.34 17.29
CA ALA F 70 14.58 -54.08 18.70
C ALA F 70 14.42 -52.58 18.92
N VAL F 71 13.66 -52.23 19.97
CA VAL F 71 13.47 -50.83 20.32
C VAL F 71 13.99 -50.62 21.74
N PHE F 72 14.86 -49.63 21.88
CA PHE F 72 15.44 -49.28 23.15
C PHE F 72 14.48 -48.42 23.96
N LEU F 73 13.98 -48.95 25.08
CA LEU F 73 12.93 -48.29 25.85
C LEU F 73 13.52 -47.33 26.88
N GLY F 74 14.78 -47.53 27.26
CA GLY F 74 15.42 -46.69 28.25
C GLY F 74 16.07 -47.50 29.36
N ARG F 75 16.12 -46.88 30.55
CA ARG F 75 16.82 -47.44 31.70
C ARG F 75 15.82 -47.63 32.83
N ILE F 76 15.93 -48.74 33.55
CA ILE F 76 15.15 -48.94 34.77
C ILE F 76 16.00 -48.50 35.95
N PRO F 77 15.40 -48.24 37.14
CA PRO F 77 16.16 -47.76 38.30
C PRO F 77 17.41 -48.60 38.53
N GLY F 78 18.57 -47.92 38.60
CA GLY F 78 19.85 -48.61 38.70
C GLY F 78 20.63 -48.61 37.38
N GLY F 79 20.00 -48.15 36.30
CA GLY F 79 20.71 -47.85 35.07
C GLY F 79 20.81 -49.00 34.09
N ARG F 80 20.09 -50.11 34.33
CA ARG F 80 20.05 -51.21 33.38
C ARG F 80 19.21 -50.84 32.15
N HIS F 81 19.75 -51.14 30.96
CA HIS F 81 19.07 -50.86 29.70
C HIS F 81 17.96 -51.87 29.50
N VAL F 82 16.83 -51.43 28.91
CA VAL F 82 15.75 -52.34 28.60
C VAL F 82 15.29 -52.11 27.15
N TRP F 83 15.10 -53.20 26.42
CA TRP F 83 14.68 -53.17 25.03
C TRP F 83 13.39 -53.95 24.87
N ALA F 84 12.69 -53.72 23.75
CA ALA F 84 11.55 -54.54 23.40
C ALA F 84 11.71 -55.12 21.98
N VAL F 85 11.20 -56.34 21.81
CA VAL F 85 11.12 -56.98 20.51
C VAL F 85 9.75 -57.61 20.38
N ARG F 86 9.35 -57.81 19.13
CA ARG F 86 8.24 -58.64 18.72
C ARG F 86 8.71 -60.09 18.65
N ALA F 87 7.90 -61.02 19.15
CA ALA F 87 8.23 -62.43 19.03
C ALA F 87 6.97 -63.24 19.23
N ASP F 88 6.99 -64.47 18.70
CA ASP F 88 5.89 -65.40 18.91
C ASP F 88 5.99 -65.92 20.34
N LEU F 89 4.92 -65.79 21.12
CA LEU F 89 4.92 -66.28 22.49
C LEU F 89 3.99 -67.50 22.53
N ASP F 90 4.30 -68.47 23.40
CA ASP F 90 3.46 -69.64 23.60
C ASP F 90 2.25 -69.25 24.46
N GLU F 91 1.10 -69.03 23.81
CA GLU F 91 -0.17 -68.74 24.46
C GLU F 91 -0.56 -69.79 25.50
N ASP F 92 -0.03 -71.00 25.37
CA ASP F 92 -0.45 -72.09 26.23
C ASP F 92 0.39 -72.15 27.50
N SER F 93 1.58 -71.54 27.53
CA SER F 93 2.47 -71.83 28.65
C SER F 93 2.49 -70.72 29.69
N ALA F 94 1.83 -69.58 29.43
CA ALA F 94 1.61 -68.55 30.44
C ALA F 94 0.45 -67.65 30.00
N PRO F 95 -0.23 -66.95 30.91
CA PRO F 95 -1.27 -65.99 30.51
C PRO F 95 -0.60 -64.85 29.74
N LEU F 96 -1.17 -64.48 28.59
CA LEU F 96 -0.69 -63.35 27.84
C LEU F 96 -1.66 -62.21 28.04
N LEU F 97 -1.19 -61.11 28.67
CA LEU F 97 -2.05 -60.02 29.06
C LEU F 97 -1.83 -58.87 28.10
N ASP F 98 -2.92 -58.20 27.74
CA ASP F 98 -2.87 -57.04 26.88
C ASP F 98 -3.32 -55.86 27.74
N LEU F 99 -2.78 -54.71 27.39
CA LEU F 99 -3.01 -53.47 28.09
C LEU F 99 -4.50 -53.10 28.10
N ARG F 100 -5.18 -53.36 26.97
CA ARG F 100 -6.56 -52.91 26.81
C ARG F 100 -7.51 -53.63 27.76
N ARG F 101 -7.28 -54.93 28.02
CA ARG F 101 -8.16 -55.71 28.88
C ARG F 101 -7.66 -55.76 30.33
N SER F 102 -6.34 -55.73 30.54
CA SER F 102 -5.77 -56.03 31.84
C SER F 102 -4.86 -54.91 32.29
N GLY F 103 -4.90 -53.72 31.66
CA GLY F 103 -3.99 -52.65 31.99
C GLY F 103 -3.98 -52.27 33.48
N GLN F 104 -5.12 -52.43 34.15
CA GLN F 104 -5.26 -52.08 35.56
C GLN F 104 -4.38 -52.98 36.45
N LEU F 105 -4.07 -54.19 35.99
CA LEU F 105 -3.29 -55.15 36.75
C LEU F 105 -1.79 -54.82 36.69
N PHE F 106 -1.36 -53.94 35.80
CA PHE F 106 0.07 -53.67 35.64
C PHE F 106 0.46 -52.57 36.62
N ASP F 107 1.68 -52.66 37.19
CA ASP F 107 2.28 -51.52 37.85
C ASP F 107 2.60 -50.44 36.81
N ASP F 108 2.72 -49.21 37.32
CA ASP F 108 2.76 -47.99 36.52
C ASP F 108 3.88 -48.09 35.46
N THR F 109 5.08 -48.48 35.91
CA THR F 109 6.24 -48.52 35.04
C THR F 109 6.07 -49.57 33.95
N SER F 110 5.52 -50.73 34.31
CA SER F 110 5.26 -51.78 33.34
C SER F 110 4.25 -51.31 32.31
N ALA F 111 3.21 -50.60 32.76
CA ALA F 111 2.16 -50.13 31.86
C ALA F 111 2.75 -49.17 30.83
N ALA F 112 3.64 -48.29 31.26
CA ALA F 112 4.28 -47.32 30.39
C ALA F 112 5.26 -48.01 29.44
N LEU F 113 6.04 -48.97 29.94
CA LEU F 113 6.95 -49.74 29.11
C LEU F 113 6.17 -50.42 27.99
N LEU F 114 5.03 -51.01 28.35
CA LEU F 114 4.24 -51.74 27.38
C LEU F 114 3.58 -50.79 26.38
N ALA F 115 3.03 -49.67 26.87
CA ALA F 115 2.40 -48.70 25.98
C ALA F 115 3.42 -48.22 24.94
N THR F 116 4.63 -47.88 25.40
CA THR F 116 5.69 -47.42 24.52
C THR F 116 6.08 -48.54 23.53
N ALA F 117 6.34 -49.74 24.04
CA ALA F 117 6.81 -50.83 23.20
C ALA F 117 5.76 -51.17 22.15
N MET F 118 4.50 -51.20 22.57
CA MET F 118 3.39 -51.56 21.69
C MET F 118 3.31 -50.56 20.54
N ALA F 119 3.28 -49.26 20.89
CA ALA F 119 3.19 -48.20 19.90
C ALA F 119 4.38 -48.23 18.95
N MET F 120 5.58 -48.40 19.50
CA MET F 120 6.81 -48.29 18.72
C MET F 120 6.98 -49.49 17.79
N LEU F 121 6.71 -50.70 18.26
CA LEU F 121 6.82 -51.87 17.38
C LEU F 121 5.71 -51.86 16.32
N ALA F 122 4.51 -51.40 16.66
CA ALA F 122 3.44 -51.27 15.66
C ALA F 122 3.84 -50.22 14.63
N TRP F 123 4.46 -49.12 15.06
CA TRP F 123 4.94 -48.13 14.11
C TRP F 123 5.91 -48.76 13.13
N HIS F 124 6.91 -49.49 13.62
CA HIS F 124 7.89 -50.14 12.77
C HIS F 124 7.20 -51.04 11.73
N ASP F 125 6.22 -51.83 12.17
CA ASP F 125 5.44 -52.68 11.28
C ASP F 125 4.79 -51.89 10.15
N ASN F 126 4.45 -50.62 10.40
CA ASN F 126 3.69 -49.80 9.46
C ASN F 126 4.52 -48.67 8.86
N ALA F 127 5.84 -48.73 9.00
CA ALA F 127 6.71 -47.64 8.55
C ALA F 127 7.89 -48.20 7.79
N GLY F 128 7.74 -49.39 7.20
CA GLY F 128 8.82 -50.03 6.46
C GLY F 128 9.20 -49.28 5.21
N TYR F 129 8.34 -48.36 4.74
CA TYR F 129 8.62 -47.61 3.52
C TYR F 129 8.38 -46.11 3.75
N SER F 130 9.11 -45.28 3.01
CA SER F 130 8.90 -43.85 3.02
C SER F 130 7.54 -43.52 2.40
N PRO F 131 6.69 -42.73 3.08
CA PRO F 131 5.48 -42.20 2.46
C PRO F 131 5.80 -41.16 1.39
N VAL F 132 7.03 -40.61 1.44
CA VAL F 132 7.42 -39.54 0.53
C VAL F 132 7.73 -40.13 -0.86
N ASP F 133 8.53 -41.18 -0.94
CA ASP F 133 9.03 -41.66 -2.21
C ASP F 133 8.96 -43.17 -2.35
N GLY F 134 8.47 -43.88 -1.33
CA GLY F 134 8.25 -45.32 -1.43
C GLY F 134 9.47 -46.16 -1.13
N SER F 135 10.64 -45.56 -0.87
CA SER F 135 11.85 -46.33 -0.60
C SER F 135 11.71 -47.12 0.70
N PRO F 136 12.28 -48.34 0.79
CA PRO F 136 12.40 -49.02 2.08
C PRO F 136 13.13 -48.14 3.09
N THR F 137 12.74 -48.30 4.37
CA THR F 137 13.40 -47.58 5.45
C THR F 137 14.06 -48.61 6.35
N ILE F 138 15.12 -48.21 7.05
CA ILE F 138 15.92 -49.08 7.89
C ILE F 138 15.90 -48.48 9.28
N PRO F 139 15.61 -49.26 10.35
CA PRO F 139 15.59 -48.70 11.69
C PRO F 139 16.99 -48.21 12.07
N ALA F 140 17.04 -47.18 12.91
CA ALA F 140 18.28 -46.66 13.45
C ALA F 140 17.98 -46.00 14.79
N LYS F 141 19.05 -45.54 15.46
CA LYS F 141 18.96 -44.82 16.71
C LYS F 141 18.10 -45.59 17.71
N GLY F 142 18.46 -46.85 17.94
CA GLY F 142 17.83 -47.68 18.94
C GLY F 142 16.37 -47.97 18.62
N GLY F 143 16.01 -47.85 17.34
CA GLY F 143 14.63 -48.05 16.90
C GLY F 143 13.75 -46.80 16.99
N TRP F 144 14.34 -45.60 17.15
CA TRP F 144 13.55 -44.38 17.31
C TRP F 144 13.39 -43.61 16.02
N VAL F 145 14.10 -44.03 14.96
CA VAL F 145 13.87 -43.49 13.64
C VAL F 145 13.97 -44.66 12.68
N ARG F 146 13.50 -44.42 11.45
CA ARG F 146 13.79 -45.26 10.32
C ARG F 146 14.35 -44.35 9.23
N VAL F 147 15.40 -44.83 8.55
CA VAL F 147 16.14 -44.03 7.59
C VAL F 147 15.79 -44.49 6.20
N ASN F 148 15.43 -43.51 5.34
CA ASN F 148 15.19 -43.75 3.93
C ASN F 148 16.48 -44.31 3.32
N SER F 149 16.41 -45.54 2.80
CA SER F 149 17.58 -46.22 2.25
C SER F 149 18.13 -45.47 1.03
N ALA F 150 17.27 -44.77 0.27
CA ALA F 150 17.69 -44.04 -0.90
C ALA F 150 18.24 -42.66 -0.53
N THR F 151 17.55 -41.91 0.35
CA THR F 151 17.87 -40.51 0.52
C THR F 151 18.54 -40.20 1.86
N GLY F 152 18.51 -41.12 2.82
CA GLY F 152 19.00 -40.82 4.15
C GLY F 152 18.02 -40.01 5.02
N GLN F 153 16.84 -39.65 4.49
CA GLN F 153 15.85 -38.90 5.25
C GLN F 153 15.29 -39.77 6.39
N GLU F 154 15.18 -39.16 7.58
CA GLU F 154 14.62 -39.82 8.74
C GLU F 154 13.10 -39.74 8.74
N GLU F 155 12.46 -40.88 9.07
CA GLU F 155 11.06 -40.96 9.45
C GLU F 155 10.95 -41.18 10.95
N PHE F 156 9.95 -40.55 11.57
CA PHE F 156 9.76 -40.51 13.01
C PHE F 156 8.45 -41.20 13.41
N PRO F 157 8.37 -41.79 14.62
CA PRO F 157 7.16 -42.46 15.08
C PRO F 157 5.94 -41.56 15.04
N ARG F 158 4.81 -42.13 14.65
CA ARG F 158 3.60 -41.35 14.51
C ARG F 158 2.66 -41.57 15.69
N THR F 159 2.18 -40.46 16.26
CA THR F 159 1.14 -40.47 17.26
C THR F 159 0.03 -39.51 16.81
N ASP F 160 -1.17 -40.04 16.54
CA ASP F 160 -2.29 -39.24 16.10
C ASP F 160 -3.04 -38.68 17.30
N PRO F 161 -3.16 -37.36 17.45
CA PRO F 161 -3.94 -36.79 18.54
C PRO F 161 -5.43 -36.96 18.29
N ALA F 162 -6.15 -37.39 19.33
CA ALA F 162 -7.59 -37.50 19.30
C ALA F 162 -8.16 -36.82 20.54
N ILE F 163 -9.31 -36.17 20.39
CA ILE F 163 -9.97 -35.53 21.50
C ILE F 163 -11.09 -36.45 21.96
N ILE F 164 -11.44 -36.33 23.25
CA ILE F 164 -12.58 -36.98 23.81
C ILE F 164 -13.22 -35.97 24.78
N CYS F 165 -14.53 -35.72 24.61
CA CYS F 165 -15.16 -34.58 25.25
C CYS F 165 -16.42 -34.97 26.04
N LEU F 166 -16.51 -34.44 27.26
CA LEU F 166 -17.74 -34.43 28.03
C LEU F 166 -18.38 -33.05 27.90
N VAL F 167 -19.47 -33.00 27.13
CA VAL F 167 -20.31 -31.82 27.04
C VAL F 167 -21.27 -31.82 28.23
N HIS F 168 -21.30 -30.71 28.97
CA HIS F 168 -22.23 -30.55 30.07
C HIS F 168 -22.90 -29.18 30.01
N ASP F 169 -23.89 -28.96 30.89
CA ASP F 169 -24.72 -27.76 30.84
C ASP F 169 -24.23 -26.71 31.83
N GLY F 170 -23.10 -26.97 32.49
CA GLY F 170 -22.56 -26.08 33.51
C GLY F 170 -23.09 -26.42 34.89
N GLY F 171 -24.06 -27.35 34.95
CA GLY F 171 -24.66 -27.79 36.20
C GLY F 171 -24.57 -29.30 36.38
N ASP F 172 -25.70 -30.01 36.21
CA ASP F 172 -25.82 -31.36 36.70
C ASP F 172 -26.19 -32.32 35.56
N ARG F 173 -26.05 -31.87 34.31
CA ARG F 173 -26.38 -32.73 33.19
C ARG F 173 -25.26 -32.75 32.16
N ALA F 174 -25.07 -33.93 31.56
CA ALA F 174 -23.98 -34.16 30.63
C ALA F 174 -24.47 -35.05 29.49
N VAL F 175 -23.92 -34.80 28.31
CA VAL F 175 -24.24 -35.56 27.11
C VAL F 175 -23.41 -36.83 27.09
N LEU F 176 -24.07 -37.96 26.86
CA LEU F 176 -23.39 -39.19 26.48
C LEU F 176 -24.06 -39.72 25.22
N GLY F 177 -23.29 -40.46 24.43
CA GLY F 177 -23.71 -40.86 23.11
C GLY F 177 -23.37 -42.33 22.86
N ARG F 178 -24.18 -42.96 22.01
CA ARG F 178 -24.07 -44.38 21.72
C ARG F 178 -23.89 -44.52 20.22
N GLN F 179 -22.82 -45.19 19.81
CA GLN F 179 -22.57 -45.40 18.40
C GLN F 179 -23.55 -46.43 17.86
N LYS F 180 -23.79 -46.34 16.55
CA LYS F 180 -24.68 -47.25 15.85
C LYS F 180 -24.30 -48.72 16.10
N PHE F 181 -23.00 -49.06 16.11
CA PHE F 181 -22.58 -50.45 16.20
C PHE F 181 -22.77 -51.05 17.60
N TRP F 182 -23.10 -50.20 18.59
CA TRP F 182 -22.86 -50.52 19.98
C TRP F 182 -24.09 -51.20 20.60
N PRO F 183 -23.86 -52.13 21.57
CA PRO F 183 -24.93 -52.65 22.40
C PRO F 183 -25.78 -51.56 23.04
N GLU F 184 -27.09 -51.81 23.11
CA GLU F 184 -27.99 -50.92 23.83
C GLU F 184 -27.41 -50.69 25.23
N ARG F 185 -27.56 -49.45 25.68
CA ARG F 185 -27.18 -49.02 27.02
C ARG F 185 -25.68 -48.72 27.12
N MET F 186 -24.88 -49.01 26.09
CA MET F 186 -23.47 -48.63 26.11
C MET F 186 -23.34 -47.20 25.58
N PHE F 187 -23.16 -46.23 26.50
CA PHE F 187 -22.95 -44.84 26.13
C PHE F 187 -21.56 -44.38 26.57
N SER F 188 -21.03 -43.35 25.89
CA SER F 188 -19.75 -42.79 26.26
C SER F 188 -19.64 -41.32 25.84
N LEU F 189 -18.44 -40.78 25.98
CA LEU F 189 -18.11 -39.42 25.59
C LEU F 189 -17.99 -39.36 24.06
N LEU F 190 -17.88 -38.15 23.53
CA LEU F 190 -17.74 -37.94 22.09
C LEU F 190 -16.24 -37.77 21.78
N ALA F 191 -15.80 -38.45 20.72
CA ALA F 191 -14.38 -38.58 20.41
C ALA F 191 -14.12 -38.32 18.93
N GLY F 192 -12.93 -37.83 18.59
CA GLY F 192 -12.55 -37.73 17.19
C GLY F 192 -11.08 -37.34 17.01
N PHE F 193 -10.55 -37.62 15.82
CA PHE F 193 -9.18 -37.29 15.49
C PHE F 193 -9.06 -35.80 15.18
N VAL F 194 -7.95 -35.21 15.63
CA VAL F 194 -7.62 -33.84 15.28
C VAL F 194 -7.23 -33.82 13.80
N GLU F 195 -7.80 -32.88 13.05
CA GLU F 195 -7.47 -32.74 11.64
C GLU F 195 -6.40 -31.68 11.47
N ALA F 196 -5.77 -31.70 10.30
CA ALA F 196 -4.81 -30.70 9.89
C ALA F 196 -5.47 -29.33 9.90
N GLY F 197 -4.75 -28.34 10.43
CA GLY F 197 -5.17 -26.96 10.30
C GLY F 197 -6.10 -26.48 11.41
N GLU F 198 -6.38 -27.31 12.41
CA GLU F 198 -7.27 -26.88 13.48
C GLU F 198 -6.61 -27.02 14.85
N SER F 199 -7.04 -26.15 15.77
CA SER F 199 -6.66 -26.23 17.17
C SER F 199 -7.42 -27.38 17.83
N LEU F 200 -7.01 -27.77 19.03
CA LEU F 200 -7.72 -28.78 19.78
C LEU F 200 -9.13 -28.27 20.10
N GLU F 201 -9.24 -26.99 20.47
CA GLU F 201 -10.53 -26.42 20.85
C GLU F 201 -11.46 -26.44 19.64
N ALA F 202 -10.95 -26.08 18.46
CA ALA F 202 -11.77 -26.12 17.25
C ALA F 202 -12.15 -27.55 16.91
N CYS F 203 -11.22 -28.49 17.13
CA CYS F 203 -11.50 -29.89 16.87
C CYS F 203 -12.63 -30.38 17.76
N VAL F 204 -12.60 -30.02 19.05
CA VAL F 204 -13.64 -30.45 19.97
C VAL F 204 -15.00 -29.93 19.49
N ALA F 205 -15.10 -28.64 19.21
CA ALA F 205 -16.35 -28.03 18.80
C ALA F 205 -16.84 -28.68 17.51
N ARG F 206 -15.93 -28.89 16.56
CA ARG F 206 -16.31 -29.47 15.28
C ARG F 206 -16.87 -30.87 15.51
N GLU F 207 -16.16 -31.70 16.29
CA GLU F 207 -16.55 -33.09 16.45
C GLU F 207 -17.86 -33.22 17.20
N VAL F 208 -18.08 -32.40 18.23
CA VAL F 208 -19.34 -32.44 18.94
C VAL F 208 -20.48 -32.06 17.99
N ALA F 209 -20.29 -31.01 17.18
CA ALA F 209 -21.30 -30.60 16.20
C ALA F 209 -21.59 -31.72 15.20
N GLU F 210 -20.54 -32.35 14.67
CA GLU F 210 -20.70 -33.44 13.70
C GLU F 210 -21.47 -34.61 14.29
N GLU F 211 -21.24 -34.92 15.58
CA GLU F 211 -21.76 -36.17 16.12
C GLU F 211 -23.17 -35.98 16.69
N VAL F 212 -23.41 -34.90 17.40
CA VAL F 212 -24.69 -34.73 18.09
C VAL F 212 -25.29 -33.35 17.83
N GLY F 213 -24.68 -32.55 16.93
CA GLY F 213 -25.30 -31.34 16.44
C GLY F 213 -25.30 -30.17 17.42
N LEU F 214 -24.63 -30.31 18.58
CA LEU F 214 -24.58 -29.21 19.53
C LEU F 214 -23.42 -28.26 19.24
N THR F 215 -23.68 -26.97 19.52
CA THR F 215 -22.69 -25.92 19.54
C THR F 215 -22.18 -25.78 20.97
N VAL F 216 -20.86 -25.90 21.17
CA VAL F 216 -20.35 -25.88 22.53
C VAL F 216 -19.34 -24.75 22.67
N THR F 217 -19.18 -24.27 23.90
CA THR F 217 -18.25 -23.20 24.22
C THR F 217 -17.42 -23.64 25.42
N ASP F 218 -16.45 -22.80 25.81
CA ASP F 218 -15.63 -23.01 26.99
C ASP F 218 -15.01 -24.42 26.96
N VAL F 219 -14.42 -24.77 25.81
CA VAL F 219 -13.69 -26.03 25.69
C VAL F 219 -12.48 -25.98 26.60
N GLN F 220 -12.41 -26.92 27.56
CA GLN F 220 -11.39 -26.90 28.60
C GLN F 220 -10.74 -28.28 28.68
N TYR F 221 -9.41 -28.25 28.74
CA TYR F 221 -8.59 -29.44 28.77
C TYR F 221 -8.59 -30.05 30.16
N LEU F 222 -8.65 -31.39 30.21
CA LEU F 222 -8.66 -32.11 31.48
C LEU F 222 -7.38 -32.93 31.66
N GLY F 223 -6.87 -33.53 30.59
CA GLY F 223 -5.78 -34.47 30.72
C GLY F 223 -5.55 -35.26 29.44
N SER F 224 -4.62 -36.22 29.49
CA SER F 224 -4.20 -36.94 28.32
C SER F 224 -3.78 -38.34 28.71
N GLN F 225 -3.77 -39.21 27.70
CA GLN F 225 -3.42 -40.60 27.90
C GLN F 225 -2.91 -41.17 26.59
N PRO F 226 -1.74 -41.84 26.59
CA PRO F 226 -1.31 -42.62 25.43
C PRO F 226 -2.36 -43.68 25.16
N TRP F 227 -2.60 -43.95 23.87
CA TRP F 227 -3.66 -44.86 23.49
C TRP F 227 -3.20 -45.64 22.28
N PRO F 228 -2.24 -46.57 22.49
CA PRO F 228 -1.56 -47.25 21.38
C PRO F 228 -2.41 -48.34 20.75
N PHE F 229 -3.58 -47.95 20.24
CA PHE F 229 -4.50 -48.94 19.69
C PHE F 229 -4.96 -48.51 18.31
N PRO F 230 -4.08 -48.39 17.31
CA PRO F 230 -2.64 -48.62 17.47
C PRO F 230 -1.73 -47.41 17.73
N ARG F 231 -2.20 -46.17 17.55
CA ARG F 231 -1.24 -45.07 17.54
C ARG F 231 -1.80 -43.70 17.95
N SER F 232 -2.68 -43.66 18.94
CA SER F 232 -3.30 -42.40 19.33
C SER F 232 -2.68 -41.87 20.61
N ILE F 233 -2.94 -40.58 20.85
CA ILE F 233 -2.92 -40.02 22.19
C ILE F 233 -4.27 -39.37 22.41
N MET F 234 -4.93 -39.72 23.50
CA MET F 234 -6.28 -39.22 23.77
C MET F 234 -6.16 -37.98 24.65
N LEU F 235 -6.80 -36.90 24.21
CA LEU F 235 -6.77 -35.62 24.89
C LEU F 235 -8.17 -35.32 25.40
N GLY F 236 -8.31 -35.31 26.72
CA GLY F 236 -9.61 -35.20 27.35
C GLY F 236 -10.02 -33.74 27.57
N PHE F 237 -11.30 -33.46 27.28
CA PHE F 237 -11.84 -32.11 27.41
C PHE F 237 -13.25 -32.15 27.98
N HIS F 238 -13.71 -31.01 28.52
CA HIS F 238 -15.12 -30.79 28.75
C HIS F 238 -15.51 -29.47 28.07
N ALA F 239 -16.82 -29.35 27.77
CA ALA F 239 -17.32 -28.17 27.08
C ALA F 239 -18.75 -27.88 27.55
N ILE F 240 -19.19 -26.63 27.40
CA ILE F 240 -20.53 -26.24 27.80
C ILE F 240 -21.44 -26.29 26.57
N GLY F 241 -22.49 -27.10 26.66
CA GLY F 241 -23.53 -27.14 25.66
C GLY F 241 -24.86 -26.64 26.21
N ASP F 242 -25.84 -26.45 25.32
CA ASP F 242 -27.13 -25.88 25.67
C ASP F 242 -28.20 -26.95 25.47
N PRO F 243 -28.82 -27.50 26.56
CA PRO F 243 -29.82 -28.56 26.42
C PRO F 243 -31.10 -28.13 25.68
N SER F 244 -31.32 -26.82 25.52
CA SER F 244 -32.49 -26.34 24.78
C SER F 244 -32.26 -26.47 23.27
N GLN F 245 -30.99 -26.59 22.85
CA GLN F 245 -30.69 -26.90 21.47
C GLN F 245 -30.90 -28.39 21.23
N PRO F 246 -31.58 -28.80 20.14
CA PRO F 246 -31.88 -30.22 19.92
C PRO F 246 -30.70 -30.97 19.33
N PHE F 247 -30.62 -32.28 19.63
CA PHE F 247 -29.62 -33.13 19.02
C PHE F 247 -29.89 -33.22 17.52
N ALA F 248 -28.87 -33.66 16.78
CA ALA F 248 -28.97 -33.93 15.37
C ALA F 248 -27.79 -34.83 15.00
N PHE F 249 -28.10 -36.03 14.48
CA PHE F 249 -27.10 -37.08 14.34
C PHE F 249 -26.53 -37.02 12.90
N ASN F 250 -25.78 -35.92 12.67
CA ASN F 250 -25.45 -35.41 11.35
C ASN F 250 -24.60 -36.40 10.58
N ASP F 251 -23.37 -36.58 11.06
CA ASP F 251 -22.38 -37.47 10.46
C ASP F 251 -22.63 -38.79 11.18
N GLY F 252 -23.84 -39.34 10.93
CA GLY F 252 -24.20 -40.65 11.43
C GLY F 252 -23.40 -40.86 12.70
N GLU F 253 -22.55 -41.88 12.68
CA GLU F 253 -21.75 -42.32 13.83
C GLU F 253 -22.59 -42.57 15.08
N ILE F 254 -23.37 -41.58 15.53
CA ILE F 254 -24.15 -41.70 16.77
C ILE F 254 -25.58 -42.09 16.43
N ALA F 255 -26.08 -43.13 17.11
CA ALA F 255 -27.44 -43.61 16.96
C ALA F 255 -28.37 -42.85 17.90
N GLU F 256 -27.92 -42.63 19.14
CA GLU F 256 -28.70 -41.85 20.08
C GLU F 256 -27.76 -41.21 21.10
N ALA F 257 -28.28 -40.16 21.73
CA ALA F 257 -27.59 -39.45 22.78
C ALA F 257 -28.63 -38.79 23.64
N ASP F 258 -28.25 -38.45 24.87
CA ASP F 258 -29.20 -37.81 25.77
C ASP F 258 -28.39 -37.05 26.82
N TRP F 259 -29.07 -36.16 27.54
CA TRP F 259 -28.55 -35.54 28.74
C TRP F 259 -28.83 -36.47 29.93
N PHE F 260 -27.81 -36.70 30.75
CA PHE F 260 -27.90 -37.54 31.94
C PHE F 260 -27.50 -36.70 33.15
N THR F 261 -28.14 -36.97 34.29
CA THR F 261 -27.84 -36.26 35.53
C THR F 261 -26.60 -36.87 36.18
N ARG F 262 -26.00 -36.13 37.12
CA ARG F 262 -24.89 -36.65 37.90
C ARG F 262 -25.29 -37.94 38.63
N ALA F 263 -26.55 -37.98 39.10
CA ALA F 263 -27.05 -39.11 39.88
C ALA F 263 -27.08 -40.38 39.02
N GLU F 264 -27.65 -40.28 37.83
CA GLU F 264 -27.68 -41.39 36.88
C GLU F 264 -26.26 -41.88 36.62
N VAL F 265 -25.34 -40.94 36.38
CA VAL F 265 -23.99 -41.30 35.98
C VAL F 265 -23.29 -42.01 37.15
N ARG F 266 -23.38 -41.42 38.35
CA ARG F 266 -22.79 -42.05 39.52
C ARG F 266 -23.33 -43.47 39.67
N SER F 267 -24.65 -43.62 39.53
CA SER F 267 -25.31 -44.90 39.63
C SER F 267 -24.74 -45.88 38.62
N ALA F 268 -24.64 -45.48 37.36
CA ALA F 268 -24.13 -46.36 36.32
C ALA F 268 -22.66 -46.72 36.60
N LEU F 269 -21.90 -45.79 37.19
CA LEU F 269 -20.49 -46.04 37.49
C LEU F 269 -20.37 -47.10 38.59
N GLU F 270 -21.19 -46.99 39.64
CA GLU F 270 -21.17 -47.91 40.77
C GLU F 270 -21.51 -49.33 40.32
N ALA F 271 -22.31 -49.50 39.25
CA ALA F 271 -22.36 -50.78 38.54
C ALA F 271 -21.08 -50.91 37.69
N ARG F 281 -30.84 -46.33 32.16
CA ARG F 281 -30.75 -46.87 30.77
C ARG F 281 -29.29 -46.97 30.32
N LEU F 282 -28.35 -46.93 31.28
CA LEU F 282 -26.98 -46.52 31.02
C LEU F 282 -26.00 -47.51 31.67
N MET F 283 -25.14 -48.10 30.85
CA MET F 283 -24.10 -49.01 31.30
C MET F 283 -22.73 -48.34 31.09
N LEU F 284 -21.98 -48.17 32.18
CA LEU F 284 -20.59 -47.77 32.15
C LEU F 284 -19.75 -48.91 32.73
N PRO F 285 -19.10 -49.77 31.89
CA PRO F 285 -18.24 -50.83 32.41
C PRO F 285 -16.96 -50.27 33.03
N GLY F 286 -16.22 -51.09 33.77
CA GLY F 286 -14.88 -50.74 34.22
C GLY F 286 -13.91 -50.57 33.03
N SER F 287 -12.93 -49.68 33.15
CA SER F 287 -12.22 -49.22 31.96
C SER F 287 -10.96 -48.45 32.34
N ILE F 288 -9.89 -48.69 31.56
CA ILE F 288 -8.65 -47.94 31.67
C ILE F 288 -8.73 -46.64 30.89
N SER F 289 -9.84 -46.37 30.18
CA SER F 289 -9.91 -45.23 29.28
C SER F 289 -10.01 -43.94 30.09
N ILE F 290 -9.41 -42.87 29.55
CA ILE F 290 -9.55 -41.56 30.15
C ILE F 290 -11.03 -41.15 30.15
N ALA F 291 -11.82 -41.70 29.20
CA ALA F 291 -13.26 -41.45 29.16
C ALA F 291 -13.93 -41.69 30.52
N ARG F 292 -13.58 -42.82 31.14
CA ARG F 292 -14.21 -43.18 32.39
C ARG F 292 -13.75 -42.23 33.49
N GLU F 293 -12.47 -41.87 33.47
CA GLU F 293 -11.92 -40.94 34.43
C GLU F 293 -12.58 -39.56 34.32
N ILE F 294 -12.88 -39.12 33.09
CA ILE F 294 -13.53 -37.83 32.90
C ILE F 294 -14.93 -37.88 33.49
N VAL F 295 -15.69 -38.92 33.13
CA VAL F 295 -17.07 -39.06 33.57
C VAL F 295 -17.13 -39.15 35.09
N GLU F 296 -16.28 -40.02 35.67
CA GLU F 296 -16.19 -40.16 37.11
C GLU F 296 -15.89 -38.83 37.77
N SER F 297 -14.88 -38.12 37.25
CA SER F 297 -14.46 -36.88 37.88
C SER F 297 -15.60 -35.85 37.82
N TRP F 298 -16.36 -35.87 36.73
CA TRP F 298 -17.47 -34.95 36.58
C TRP F 298 -18.59 -35.33 37.56
N ALA F 299 -18.96 -36.61 37.57
CA ALA F 299 -20.08 -37.12 38.32
C ALA F 299 -19.94 -36.84 39.83
N TYR F 300 -18.72 -36.85 40.37
CA TYR F 300 -18.50 -36.67 41.78
C TYR F 300 -17.94 -35.28 42.12
N ALA F 301 -17.85 -34.37 41.14
CA ALA F 301 -17.34 -33.04 41.42
C ALA F 301 -18.35 -32.25 42.28
#